data_3B7C
# 
_entry.id   3B7C 
# 
_audit_conform.dict_name       mmcif_pdbx.dic 
_audit_conform.dict_version    5.399 
_audit_conform.dict_location   http://mmcif.pdb.org/dictionaries/ascii/mmcif_pdbx.dic 
# 
loop_
_database_2.database_id 
_database_2.database_code 
_database_2.pdbx_database_accession 
_database_2.pdbx_DOI 
PDB   3B7C         pdb_00003b7c 10.2210/pdb3b7c/pdb 
RCSB  RCSB045169   ?            ?                   
WWPDB D_1000045169 ?            ?                   
# 
loop_
_pdbx_audit_revision_history.ordinal 
_pdbx_audit_revision_history.data_content_type 
_pdbx_audit_revision_history.major_revision 
_pdbx_audit_revision_history.minor_revision 
_pdbx_audit_revision_history.revision_date 
1 'Structure model' 1 0 2007-11-13 
2 'Structure model' 1 1 2011-07-13 
3 'Structure model' 1 2 2017-10-25 
4 'Structure model' 1 3 2019-07-24 
5 'Structure model' 1 4 2023-01-25 
6 'Structure model' 1 5 2024-11-20 
# 
_pdbx_audit_revision_details.ordinal             1 
_pdbx_audit_revision_details.revision_ordinal    1 
_pdbx_audit_revision_details.data_content_type   'Structure model' 
_pdbx_audit_revision_details.provider            repository 
_pdbx_audit_revision_details.type                'Initial release' 
_pdbx_audit_revision_details.description         ? 
_pdbx_audit_revision_details.details             ? 
# 
loop_
_pdbx_audit_revision_group.ordinal 
_pdbx_audit_revision_group.revision_ordinal 
_pdbx_audit_revision_group.data_content_type 
_pdbx_audit_revision_group.group 
1  2 'Structure model' Advisory                    
2  2 'Structure model' 'Source and taxonomy'       
3  2 'Structure model' 'Version format compliance' 
4  3 'Structure model' 'Refinement description'    
5  4 'Structure model' 'Data collection'           
6  4 'Structure model' 'Derived calculations'      
7  4 'Structure model' 'Refinement description'    
8  5 'Structure model' 'Database references'       
9  5 'Structure model' 'Derived calculations'      
10 6 'Structure model' 'Data collection'           
11 6 'Structure model' 'Structure summary'         
# 
loop_
_pdbx_audit_revision_category.ordinal 
_pdbx_audit_revision_category.revision_ordinal 
_pdbx_audit_revision_category.data_content_type 
_pdbx_audit_revision_category.category 
1  3 'Structure model' software                  
2  4 'Structure model' software                  
3  4 'Structure model' struct_conn               
4  5 'Structure model' database_2                
5  5 'Structure model' struct_ref_seq_dif        
6  5 'Structure model' struct_site               
7  6 'Structure model' chem_comp_atom            
8  6 'Structure model' chem_comp_bond            
9  6 'Structure model' pdbx_entry_details        
10 6 'Structure model' pdbx_modification_feature 
# 
loop_
_pdbx_audit_revision_item.ordinal 
_pdbx_audit_revision_item.revision_ordinal 
_pdbx_audit_revision_item.data_content_type 
_pdbx_audit_revision_item.item 
1  3 'Structure model' '_software.classification'                     
2  3 'Structure model' '_software.name'                               
3  4 'Structure model' '_software.classification'                     
4  4 'Structure model' '_software.contact_author'                     
5  4 'Structure model' '_software.contact_author_email'               
6  4 'Structure model' '_software.language'                           
7  4 'Structure model' '_software.location'                           
8  4 'Structure model' '_software.name'                               
9  4 'Structure model' '_software.type'                               
10 4 'Structure model' '_software.version'                            
11 4 'Structure model' '_struct_conn.pdbx_leaving_atom_flag'          
12 5 'Structure model' '_database_2.pdbx_DOI'                         
13 5 'Structure model' '_database_2.pdbx_database_accession'          
14 5 'Structure model' '_struct_ref_seq_dif.details'                  
15 5 'Structure model' '_struct_site.pdbx_auth_asym_id'               
16 5 'Structure model' '_struct_site.pdbx_auth_comp_id'               
17 5 'Structure model' '_struct_site.pdbx_auth_seq_id'                
18 6 'Structure model' '_pdbx_entry_details.has_protein_modification' 
# 
_pdbx_database_status.SG_entry                        Y 
_pdbx_database_status.entry_id                        3B7C 
_pdbx_database_status.deposit_site                    RCSB 
_pdbx_database_status.process_site                    RCSB 
_pdbx_database_status.recvd_initial_deposition_date   2007-10-30 
_pdbx_database_status.status_code                     REL 
_pdbx_database_status.status_code_sf                  REL 
_pdbx_database_status.status_code_mr                  ? 
_pdbx_database_status.pdb_format_compatible           Y 
_pdbx_database_status.status_code_cs                  ? 
_pdbx_database_status.methods_development_category    ? 
_pdbx_database_status.status_code_nmr_data            ? 
# 
_pdbx_database_related.db_name        TargetDB 
_pdbx_database_related.db_id          378232 
_pdbx_database_related.details        . 
_pdbx_database_related.content_type   unspecified 
# 
_audit_author.name           'Joint Center for Structural Genomics (JCSG)' 
_audit_author.pdbx_ordinal   1 
# 
_citation.id                        primary 
_citation.title                     
'Crystal structure of NTF-2 like protein of unknown function (NP_715767.1) from Shewanella oneidensis at 1.70 A resolution' 
_citation.journal_abbrev            'To be published' 
_citation.journal_volume            ? 
_citation.page_first                ? 
_citation.page_last                 ? 
_citation.year                      ? 
_citation.journal_id_ASTM           ? 
_citation.country                   ? 
_citation.journal_id_ISSN           ? 
_citation.journal_id_CSD            0353 
_citation.book_publisher            ? 
_citation.pdbx_database_id_PubMed   ? 
_citation.pdbx_database_id_DOI      ? 
# 
_citation_author.citation_id        primary 
_citation_author.name               'Joint Center for Structural Genomics (JCSG)' 
_citation_author.ordinal            1 
_citation_author.identifier_ORCID   ? 
# 
loop_
_entity.id 
_entity.type 
_entity.src_method 
_entity.pdbx_description 
_entity.formula_weight 
_entity.pdbx_number_of_molecules 
_entity.pdbx_ec 
_entity.pdbx_mutation 
_entity.pdbx_fragment 
_entity.details 
1 polymer     man 'Uncharacterized protein' 14478.497 1   ? ? ? ? 
2 non-polymer syn 'CHLORIDE ION'            35.453    1   ? ? ? ? 
3 non-polymer syn 1,2-ETHANEDIOL            62.068    6   ? ? ? ? 
4 water       nat water                     18.015    162 ? ? ? ? 
# 
_entity_poly.entity_id                      1 
_entity_poly.type                           'polypeptide(L)' 
_entity_poly.nstd_linkage                   no 
_entity_poly.nstd_monomer                   yes 
_entity_poly.pdbx_seq_one_letter_code       
;G(MSE)PTDDIVQLLKGQEEAWNRGDLDAY(MSE)QGYWQNEQL(MSE)LISNGKFRNGWDETLAAYKKNYPDKESLGEL
KFTIKEIK(MSE)LSNYAA(MSE)VVGRWDLKRLKDTPTGVFTLLVEKIDDRWVIT(MSE)DHSSD
;
_entity_poly.pdbx_seq_one_letter_code_can   
;GMPTDDIVQLLKGQEEAWNRGDLDAYMQGYWQNEQLMLISNGKFRNGWDETLAAYKKNYPDKESLGELKFTIKEIKMLSN
YAAMVVGRWDLKRLKDTPTGVFTLLVEKIDDRWVITMDHSSD
;
_entity_poly.pdbx_strand_id                 A 
_entity_poly.pdbx_target_identifier         378232 
# 
loop_
_pdbx_entity_nonpoly.entity_id 
_pdbx_entity_nonpoly.name 
_pdbx_entity_nonpoly.comp_id 
2 'CHLORIDE ION' CL  
3 1,2-ETHANEDIOL EDO 
4 water          HOH 
# 
loop_
_entity_poly_seq.entity_id 
_entity_poly_seq.num 
_entity_poly_seq.mon_id 
_entity_poly_seq.hetero 
1 1   GLY n 
1 2   MSE n 
1 3   PRO n 
1 4   THR n 
1 5   ASP n 
1 6   ASP n 
1 7   ILE n 
1 8   VAL n 
1 9   GLN n 
1 10  LEU n 
1 11  LEU n 
1 12  LYS n 
1 13  GLY n 
1 14  GLN n 
1 15  GLU n 
1 16  GLU n 
1 17  ALA n 
1 18  TRP n 
1 19  ASN n 
1 20  ARG n 
1 21  GLY n 
1 22  ASP n 
1 23  LEU n 
1 24  ASP n 
1 25  ALA n 
1 26  TYR n 
1 27  MSE n 
1 28  GLN n 
1 29  GLY n 
1 30  TYR n 
1 31  TRP n 
1 32  GLN n 
1 33  ASN n 
1 34  GLU n 
1 35  GLN n 
1 36  LEU n 
1 37  MSE n 
1 38  LEU n 
1 39  ILE n 
1 40  SER n 
1 41  ASN n 
1 42  GLY n 
1 43  LYS n 
1 44  PHE n 
1 45  ARG n 
1 46  ASN n 
1 47  GLY n 
1 48  TRP n 
1 49  ASP n 
1 50  GLU n 
1 51  THR n 
1 52  LEU n 
1 53  ALA n 
1 54  ALA n 
1 55  TYR n 
1 56  LYS n 
1 57  LYS n 
1 58  ASN n 
1 59  TYR n 
1 60  PRO n 
1 61  ASP n 
1 62  LYS n 
1 63  GLU n 
1 64  SER n 
1 65  LEU n 
1 66  GLY n 
1 67  GLU n 
1 68  LEU n 
1 69  LYS n 
1 70  PHE n 
1 71  THR n 
1 72  ILE n 
1 73  LYS n 
1 74  GLU n 
1 75  ILE n 
1 76  LYS n 
1 77  MSE n 
1 78  LEU n 
1 79  SER n 
1 80  ASN n 
1 81  TYR n 
1 82  ALA n 
1 83  ALA n 
1 84  MSE n 
1 85  VAL n 
1 86  VAL n 
1 87  GLY n 
1 88  ARG n 
1 89  TRP n 
1 90  ASP n 
1 91  LEU n 
1 92  LYS n 
1 93  ARG n 
1 94  LEU n 
1 95  LYS n 
1 96  ASP n 
1 97  THR n 
1 98  PRO n 
1 99  THR n 
1 100 GLY n 
1 101 VAL n 
1 102 PHE n 
1 103 THR n 
1 104 LEU n 
1 105 LEU n 
1 106 VAL n 
1 107 GLU n 
1 108 LYS n 
1 109 ILE n 
1 110 ASP n 
1 111 ASP n 
1 112 ARG n 
1 113 TRP n 
1 114 VAL n 
1 115 ILE n 
1 116 THR n 
1 117 MSE n 
1 118 ASP n 
1 119 HIS n 
1 120 SER n 
1 121 SER n 
1 122 ASP n 
# 
_entity_src_gen.entity_id                          1 
_entity_src_gen.pdbx_src_id                        1 
_entity_src_gen.pdbx_alt_source_flag               sample 
_entity_src_gen.pdbx_seq_type                      ? 
_entity_src_gen.pdbx_beg_seq_num                   ? 
_entity_src_gen.pdbx_end_seq_num                   ? 
_entity_src_gen.gene_src_common_name               ? 
_entity_src_gen.gene_src_genus                     Shewanella 
_entity_src_gen.pdbx_gene_src_gene                 'NP_715767.1, SO_0125' 
_entity_src_gen.gene_src_species                   'Shewanella oneidensis' 
_entity_src_gen.gene_src_strain                    MR-1 
_entity_src_gen.gene_src_tissue                    ? 
_entity_src_gen.gene_src_tissue_fraction           ? 
_entity_src_gen.gene_src_details                   ? 
_entity_src_gen.pdbx_gene_src_fragment             ? 
_entity_src_gen.pdbx_gene_src_scientific_name      'Shewanella oneidensis' 
_entity_src_gen.pdbx_gene_src_ncbi_taxonomy_id     211586 
_entity_src_gen.pdbx_gene_src_variant              ? 
_entity_src_gen.pdbx_gene_src_cell_line            ? 
_entity_src_gen.pdbx_gene_src_atcc                 ? 
_entity_src_gen.pdbx_gene_src_organ                ? 
_entity_src_gen.pdbx_gene_src_organelle            ? 
_entity_src_gen.pdbx_gene_src_cell                 ? 
_entity_src_gen.pdbx_gene_src_cellular_location    ? 
_entity_src_gen.host_org_common_name               ? 
_entity_src_gen.pdbx_host_org_scientific_name      'Escherichia coli' 
_entity_src_gen.pdbx_host_org_ncbi_taxonomy_id     562 
_entity_src_gen.host_org_genus                     Escherichia 
_entity_src_gen.pdbx_host_org_gene                 ? 
_entity_src_gen.pdbx_host_org_organ                ? 
_entity_src_gen.host_org_species                   ? 
_entity_src_gen.pdbx_host_org_tissue               ? 
_entity_src_gen.pdbx_host_org_tissue_fraction      ? 
_entity_src_gen.pdbx_host_org_strain               HK100 
_entity_src_gen.pdbx_host_org_variant              ? 
_entity_src_gen.pdbx_host_org_cell_line            ? 
_entity_src_gen.pdbx_host_org_atcc                 ? 
_entity_src_gen.pdbx_host_org_culture_collection   ? 
_entity_src_gen.pdbx_host_org_cell                 ? 
_entity_src_gen.pdbx_host_org_organelle            ? 
_entity_src_gen.pdbx_host_org_cellular_location    ? 
_entity_src_gen.pdbx_host_org_vector_type          Plasmid 
_entity_src_gen.pdbx_host_org_vector               ? 
_entity_src_gen.host_org_details                   ? 
_entity_src_gen.expression_system_id               ? 
_entity_src_gen.plasmid_name                       speedET 
_entity_src_gen.plasmid_details                    ? 
_entity_src_gen.pdbx_description                   ? 
# 
loop_
_chem_comp.id 
_chem_comp.type 
_chem_comp.mon_nstd_flag 
_chem_comp.name 
_chem_comp.pdbx_synonyms 
_chem_comp.formula 
_chem_comp.formula_weight 
ALA 'L-peptide linking' y ALANINE          ?                 'C3 H7 N O2'     89.093  
ARG 'L-peptide linking' y ARGININE         ?                 'C6 H15 N4 O2 1' 175.209 
ASN 'L-peptide linking' y ASPARAGINE       ?                 'C4 H8 N2 O3'    132.118 
ASP 'L-peptide linking' y 'ASPARTIC ACID'  ?                 'C4 H7 N O4'     133.103 
CL  non-polymer         . 'CHLORIDE ION'   ?                 'Cl -1'          35.453  
EDO non-polymer         . 1,2-ETHANEDIOL   'ETHYLENE GLYCOL' 'C2 H6 O2'       62.068  
GLN 'L-peptide linking' y GLUTAMINE        ?                 'C5 H10 N2 O3'   146.144 
GLU 'L-peptide linking' y 'GLUTAMIC ACID'  ?                 'C5 H9 N O4'     147.129 
GLY 'peptide linking'   y GLYCINE          ?                 'C2 H5 N O2'     75.067  
HIS 'L-peptide linking' y HISTIDINE        ?                 'C6 H10 N3 O2 1' 156.162 
HOH non-polymer         . WATER            ?                 'H2 O'           18.015  
ILE 'L-peptide linking' y ISOLEUCINE       ?                 'C6 H13 N O2'    131.173 
LEU 'L-peptide linking' y LEUCINE          ?                 'C6 H13 N O2'    131.173 
LYS 'L-peptide linking' y LYSINE           ?                 'C6 H15 N2 O2 1' 147.195 
MSE 'L-peptide linking' n SELENOMETHIONINE ?                 'C5 H11 N O2 Se' 196.106 
PHE 'L-peptide linking' y PHENYLALANINE    ?                 'C9 H11 N O2'    165.189 
PRO 'L-peptide linking' y PROLINE          ?                 'C5 H9 N O2'     115.130 
SER 'L-peptide linking' y SERINE           ?                 'C3 H7 N O3'     105.093 
THR 'L-peptide linking' y THREONINE        ?                 'C4 H9 N O3'     119.119 
TRP 'L-peptide linking' y TRYPTOPHAN       ?                 'C11 H12 N2 O2'  204.225 
TYR 'L-peptide linking' y TYROSINE         ?                 'C9 H11 N O3'    181.189 
VAL 'L-peptide linking' y VALINE           ?                 'C5 H11 N O2'    117.146 
# 
loop_
_pdbx_poly_seq_scheme.asym_id 
_pdbx_poly_seq_scheme.entity_id 
_pdbx_poly_seq_scheme.seq_id 
_pdbx_poly_seq_scheme.mon_id 
_pdbx_poly_seq_scheme.ndb_seq_num 
_pdbx_poly_seq_scheme.pdb_seq_num 
_pdbx_poly_seq_scheme.auth_seq_num 
_pdbx_poly_seq_scheme.pdb_mon_id 
_pdbx_poly_seq_scheme.auth_mon_id 
_pdbx_poly_seq_scheme.pdb_strand_id 
_pdbx_poly_seq_scheme.pdb_ins_code 
_pdbx_poly_seq_scheme.hetero 
A 1 1   GLY 1   0   ?   ?   ?   A . n 
A 1 2   MSE 2   1   1   MSE MSE A . n 
A 1 3   PRO 3   2   2   PRO PRO A . n 
A 1 4   THR 4   3   3   THR THR A . n 
A 1 5   ASP 5   4   4   ASP ASP A . n 
A 1 6   ASP 6   5   5   ASP ASP A . n 
A 1 7   ILE 7   6   6   ILE ILE A . n 
A 1 8   VAL 8   7   7   VAL VAL A . n 
A 1 9   GLN 9   8   8   GLN GLN A . n 
A 1 10  LEU 10  9   9   LEU LEU A . n 
A 1 11  LEU 11  10  10  LEU LEU A . n 
A 1 12  LYS 12  11  11  LYS LYS A . n 
A 1 13  GLY 13  12  12  GLY GLY A . n 
A 1 14  GLN 14  13  13  GLN GLN A . n 
A 1 15  GLU 15  14  14  GLU GLU A . n 
A 1 16  GLU 16  15  15  GLU GLU A . n 
A 1 17  ALA 17  16  16  ALA ALA A . n 
A 1 18  TRP 18  17  17  TRP TRP A . n 
A 1 19  ASN 19  18  18  ASN ASN A . n 
A 1 20  ARG 20  19  19  ARG ARG A . n 
A 1 21  GLY 21  20  20  GLY GLY A . n 
A 1 22  ASP 22  21  21  ASP ASP A . n 
A 1 23  LEU 23  22  22  LEU LEU A . n 
A 1 24  ASP 24  23  23  ASP ASP A . n 
A 1 25  ALA 25  24  24  ALA ALA A . n 
A 1 26  TYR 26  25  25  TYR TYR A . n 
A 1 27  MSE 27  26  26  MSE MSE A . n 
A 1 28  GLN 28  27  27  GLN GLN A . n 
A 1 29  GLY 29  28  28  GLY GLY A . n 
A 1 30  TYR 30  29  29  TYR TYR A . n 
A 1 31  TRP 31  30  30  TRP TRP A . n 
A 1 32  GLN 32  31  31  GLN GLN A . n 
A 1 33  ASN 33  32  32  ASN ASN A . n 
A 1 34  GLU 34  33  33  GLU GLU A . n 
A 1 35  GLN 35  34  34  GLN GLN A . n 
A 1 36  LEU 36  35  35  LEU LEU A . n 
A 1 37  MSE 37  36  36  MSE MSE A . n 
A 1 38  LEU 38  37  37  LEU LEU A . n 
A 1 39  ILE 39  38  38  ILE ILE A . n 
A 1 40  SER 40  39  39  SER SER A . n 
A 1 41  ASN 41  40  40  ASN ASN A . n 
A 1 42  GLY 42  41  41  GLY GLY A . n 
A 1 43  LYS 43  42  42  LYS LYS A . n 
A 1 44  PHE 44  43  43  PHE PHE A . n 
A 1 45  ARG 45  44  44  ARG ARG A . n 
A 1 46  ASN 46  45  45  ASN ASN A . n 
A 1 47  GLY 47  46  46  GLY GLY A . n 
A 1 48  TRP 48  47  47  TRP TRP A . n 
A 1 49  ASP 49  48  48  ASP ASP A . n 
A 1 50  GLU 50  49  49  GLU GLU A . n 
A 1 51  THR 51  50  50  THR THR A . n 
A 1 52  LEU 52  51  51  LEU LEU A . n 
A 1 53  ALA 53  52  52  ALA ALA A . n 
A 1 54  ALA 54  53  53  ALA ALA A . n 
A 1 55  TYR 55  54  54  TYR TYR A . n 
A 1 56  LYS 56  55  55  LYS LYS A . n 
A 1 57  LYS 57  56  56  LYS LYS A . n 
A 1 58  ASN 58  57  57  ASN ASN A . n 
A 1 59  TYR 59  58  58  TYR TYR A . n 
A 1 60  PRO 60  59  59  PRO PRO A . n 
A 1 61  ASP 61  60  60  ASP ASP A . n 
A 1 62  LYS 62  61  61  LYS LYS A . n 
A 1 63  GLU 63  62  62  GLU GLU A . n 
A 1 64  SER 64  63  63  SER SER A . n 
A 1 65  LEU 65  64  64  LEU LEU A . n 
A 1 66  GLY 66  65  65  GLY GLY A . n 
A 1 67  GLU 67  66  66  GLU GLU A . n 
A 1 68  LEU 68  67  67  LEU LEU A . n 
A 1 69  LYS 69  68  68  LYS LYS A . n 
A 1 70  PHE 70  69  69  PHE PHE A . n 
A 1 71  THR 71  70  70  THR THR A . n 
A 1 72  ILE 72  71  71  ILE ILE A . n 
A 1 73  LYS 73  72  72  LYS LYS A . n 
A 1 74  GLU 74  73  73  GLU GLU A . n 
A 1 75  ILE 75  74  74  ILE ILE A . n 
A 1 76  LYS 76  75  75  LYS LYS A . n 
A 1 77  MSE 77  76  76  MSE MSE A . n 
A 1 78  LEU 78  77  77  LEU LEU A . n 
A 1 79  SER 79  78  78  SER SER A . n 
A 1 80  ASN 80  79  79  ASN ASN A . n 
A 1 81  TYR 81  80  80  TYR TYR A . n 
A 1 82  ALA 82  81  81  ALA ALA A . n 
A 1 83  ALA 83  82  82  ALA ALA A . n 
A 1 84  MSE 84  83  83  MSE MSE A . n 
A 1 85  VAL 85  84  84  VAL VAL A . n 
A 1 86  VAL 86  85  85  VAL VAL A . n 
A 1 87  GLY 87  86  86  GLY GLY A . n 
A 1 88  ARG 88  87  87  ARG ARG A . n 
A 1 89  TRP 89  88  88  TRP TRP A . n 
A 1 90  ASP 90  89  89  ASP ASP A . n 
A 1 91  LEU 91  90  90  LEU LEU A . n 
A 1 92  LYS 92  91  91  LYS LYS A . n 
A 1 93  ARG 93  92  92  ARG ARG A . n 
A 1 94  LEU 94  93  93  LEU LEU A . n 
A 1 95  LYS 95  94  94  LYS LYS A . n 
A 1 96  ASP 96  95  95  ASP ASP A . n 
A 1 97  THR 97  96  96  THR THR A . n 
A 1 98  PRO 98  97  97  PRO PRO A . n 
A 1 99  THR 99  98  98  THR THR A . n 
A 1 100 GLY 100 99  99  GLY GLY A . n 
A 1 101 VAL 101 100 100 VAL VAL A . n 
A 1 102 PHE 102 101 101 PHE PHE A . n 
A 1 103 THR 103 102 102 THR THR A . n 
A 1 104 LEU 104 103 103 LEU LEU A . n 
A 1 105 LEU 105 104 104 LEU LEU A . n 
A 1 106 VAL 106 105 105 VAL VAL A . n 
A 1 107 GLU 107 106 106 GLU GLU A . n 
A 1 108 LYS 108 107 107 LYS LYS A . n 
A 1 109 ILE 109 108 108 ILE ILE A . n 
A 1 110 ASP 110 109 109 ASP ASP A . n 
A 1 111 ASP 111 110 110 ASP ASP A . n 
A 1 112 ARG 112 111 111 ARG ARG A . n 
A 1 113 TRP 113 112 112 TRP TRP A . n 
A 1 114 VAL 114 113 113 VAL VAL A . n 
A 1 115 ILE 115 114 114 ILE ILE A . n 
A 1 116 THR 116 115 115 THR THR A . n 
A 1 117 MSE 117 116 116 MSE MSE A . n 
A 1 118 ASP 118 117 117 ASP ASP A . n 
A 1 119 HIS 119 118 118 HIS HIS A . n 
A 1 120 SER 120 119 119 SER SER A . n 
A 1 121 SER 121 120 120 SER SER A . n 
A 1 122 ASP 122 121 121 ASP ASP A . n 
# 
loop_
_pdbx_nonpoly_scheme.asym_id 
_pdbx_nonpoly_scheme.entity_id 
_pdbx_nonpoly_scheme.mon_id 
_pdbx_nonpoly_scheme.ndb_seq_num 
_pdbx_nonpoly_scheme.pdb_seq_num 
_pdbx_nonpoly_scheme.auth_seq_num 
_pdbx_nonpoly_scheme.pdb_mon_id 
_pdbx_nonpoly_scheme.auth_mon_id 
_pdbx_nonpoly_scheme.pdb_strand_id 
_pdbx_nonpoly_scheme.pdb_ins_code 
B 2 CL  1   122 1   CL  CL  A . 
C 3 EDO 1   123 2   EDO EDO A . 
D 3 EDO 1   124 3   EDO EDO A . 
E 3 EDO 1   125 4   EDO EDO A . 
F 3 EDO 1   126 5   EDO EDO A . 
G 3 EDO 1   127 6   EDO EDO A . 
H 3 EDO 1   128 7   EDO EDO A . 
I 4 HOH 1   129 8   HOH HOH A . 
I 4 HOH 2   130 9   HOH HOH A . 
I 4 HOH 3   131 10  HOH HOH A . 
I 4 HOH 4   132 11  HOH HOH A . 
I 4 HOH 5   133 12  HOH HOH A . 
I 4 HOH 6   134 13  HOH HOH A . 
I 4 HOH 7   135 14  HOH HOH A . 
I 4 HOH 8   136 15  HOH HOH A . 
I 4 HOH 9   137 16  HOH HOH A . 
I 4 HOH 10  138 17  HOH HOH A . 
I 4 HOH 11  139 18  HOH HOH A . 
I 4 HOH 12  140 19  HOH HOH A . 
I 4 HOH 13  141 20  HOH HOH A . 
I 4 HOH 14  142 21  HOH HOH A . 
I 4 HOH 15  143 22  HOH HOH A . 
I 4 HOH 16  144 23  HOH HOH A . 
I 4 HOH 17  145 24  HOH HOH A . 
I 4 HOH 18  146 25  HOH HOH A . 
I 4 HOH 19  147 26  HOH HOH A . 
I 4 HOH 20  148 27  HOH HOH A . 
I 4 HOH 21  149 28  HOH HOH A . 
I 4 HOH 22  150 29  HOH HOH A . 
I 4 HOH 23  151 30  HOH HOH A . 
I 4 HOH 24  152 31  HOH HOH A . 
I 4 HOH 25  153 32  HOH HOH A . 
I 4 HOH 26  154 33  HOH HOH A . 
I 4 HOH 27  155 34  HOH HOH A . 
I 4 HOH 28  156 35  HOH HOH A . 
I 4 HOH 29  157 36  HOH HOH A . 
I 4 HOH 30  158 37  HOH HOH A . 
I 4 HOH 31  159 38  HOH HOH A . 
I 4 HOH 32  160 39  HOH HOH A . 
I 4 HOH 33  161 40  HOH HOH A . 
I 4 HOH 34  162 41  HOH HOH A . 
I 4 HOH 35  163 42  HOH HOH A . 
I 4 HOH 36  164 43  HOH HOH A . 
I 4 HOH 37  165 44  HOH HOH A . 
I 4 HOH 38  166 45  HOH HOH A . 
I 4 HOH 39  167 46  HOH HOH A . 
I 4 HOH 40  168 47  HOH HOH A . 
I 4 HOH 41  169 48  HOH HOH A . 
I 4 HOH 42  170 49  HOH HOH A . 
I 4 HOH 43  171 50  HOH HOH A . 
I 4 HOH 44  172 51  HOH HOH A . 
I 4 HOH 45  173 52  HOH HOH A . 
I 4 HOH 46  174 53  HOH HOH A . 
I 4 HOH 47  175 54  HOH HOH A . 
I 4 HOH 48  176 55  HOH HOH A . 
I 4 HOH 49  177 56  HOH HOH A . 
I 4 HOH 50  178 57  HOH HOH A . 
I 4 HOH 51  179 58  HOH HOH A . 
I 4 HOH 52  180 59  HOH HOH A . 
I 4 HOH 53  181 60  HOH HOH A . 
I 4 HOH 54  182 61  HOH HOH A . 
I 4 HOH 55  183 62  HOH HOH A . 
I 4 HOH 56  184 63  HOH HOH A . 
I 4 HOH 57  185 64  HOH HOH A . 
I 4 HOH 58  186 65  HOH HOH A . 
I 4 HOH 59  187 66  HOH HOH A . 
I 4 HOH 60  188 67  HOH HOH A . 
I 4 HOH 61  189 68  HOH HOH A . 
I 4 HOH 62  190 69  HOH HOH A . 
I 4 HOH 63  191 70  HOH HOH A . 
I 4 HOH 64  192 71  HOH HOH A . 
I 4 HOH 65  193 72  HOH HOH A . 
I 4 HOH 66  194 73  HOH HOH A . 
I 4 HOH 67  195 74  HOH HOH A . 
I 4 HOH 68  196 75  HOH HOH A . 
I 4 HOH 69  197 76  HOH HOH A . 
I 4 HOH 70  198 77  HOH HOH A . 
I 4 HOH 71  199 78  HOH HOH A . 
I 4 HOH 72  200 79  HOH HOH A . 
I 4 HOH 73  201 80  HOH HOH A . 
I 4 HOH 74  202 81  HOH HOH A . 
I 4 HOH 75  203 82  HOH HOH A . 
I 4 HOH 76  204 83  HOH HOH A . 
I 4 HOH 77  205 84  HOH HOH A . 
I 4 HOH 78  206 85  HOH HOH A . 
I 4 HOH 79  207 86  HOH HOH A . 
I 4 HOH 80  208 87  HOH HOH A . 
I 4 HOH 81  209 88  HOH HOH A . 
I 4 HOH 82  210 89  HOH HOH A . 
I 4 HOH 83  211 90  HOH HOH A . 
I 4 HOH 84  212 91  HOH HOH A . 
I 4 HOH 85  213 92  HOH HOH A . 
I 4 HOH 86  214 93  HOH HOH A . 
I 4 HOH 87  215 94  HOH HOH A . 
I 4 HOH 88  216 95  HOH HOH A . 
I 4 HOH 89  217 96  HOH HOH A . 
I 4 HOH 90  218 97  HOH HOH A . 
I 4 HOH 91  219 98  HOH HOH A . 
I 4 HOH 92  220 99  HOH HOH A . 
I 4 HOH 93  221 100 HOH HOH A . 
I 4 HOH 94  222 101 HOH HOH A . 
I 4 HOH 95  223 102 HOH HOH A . 
I 4 HOH 96  224 103 HOH HOH A . 
I 4 HOH 97  225 104 HOH HOH A . 
I 4 HOH 98  226 105 HOH HOH A . 
I 4 HOH 99  227 106 HOH HOH A . 
I 4 HOH 100 228 107 HOH HOH A . 
I 4 HOH 101 229 108 HOH HOH A . 
I 4 HOH 102 230 109 HOH HOH A . 
I 4 HOH 103 231 110 HOH HOH A . 
I 4 HOH 104 232 111 HOH HOH A . 
I 4 HOH 105 233 112 HOH HOH A . 
I 4 HOH 106 234 113 HOH HOH A . 
I 4 HOH 107 235 114 HOH HOH A . 
I 4 HOH 108 236 115 HOH HOH A . 
I 4 HOH 109 237 116 HOH HOH A . 
I 4 HOH 110 238 117 HOH HOH A . 
I 4 HOH 111 239 118 HOH HOH A . 
I 4 HOH 112 240 119 HOH HOH A . 
I 4 HOH 113 241 120 HOH HOH A . 
I 4 HOH 114 242 121 HOH HOH A . 
I 4 HOH 115 243 122 HOH HOH A . 
I 4 HOH 116 244 123 HOH HOH A . 
I 4 HOH 117 245 124 HOH HOH A . 
I 4 HOH 118 246 125 HOH HOH A . 
I 4 HOH 119 247 126 HOH HOH A . 
I 4 HOH 120 248 127 HOH HOH A . 
I 4 HOH 121 249 128 HOH HOH A . 
I 4 HOH 122 250 129 HOH HOH A . 
I 4 HOH 123 251 130 HOH HOH A . 
I 4 HOH 124 252 131 HOH HOH A . 
I 4 HOH 125 253 132 HOH HOH A . 
I 4 HOH 126 254 133 HOH HOH A . 
I 4 HOH 127 255 134 HOH HOH A . 
I 4 HOH 128 256 135 HOH HOH A . 
I 4 HOH 129 257 136 HOH HOH A . 
I 4 HOH 130 258 137 HOH HOH A . 
I 4 HOH 131 259 138 HOH HOH A . 
I 4 HOH 132 260 139 HOH HOH A . 
I 4 HOH 133 261 140 HOH HOH A . 
I 4 HOH 134 262 141 HOH HOH A . 
I 4 HOH 135 263 142 HOH HOH A . 
I 4 HOH 136 264 143 HOH HOH A . 
I 4 HOH 137 265 144 HOH HOH A . 
I 4 HOH 138 266 145 HOH HOH A . 
I 4 HOH 139 267 146 HOH HOH A . 
I 4 HOH 140 268 147 HOH HOH A . 
I 4 HOH 141 269 148 HOH HOH A . 
I 4 HOH 142 270 149 HOH HOH A . 
I 4 HOH 143 271 150 HOH HOH A . 
I 4 HOH 144 272 151 HOH HOH A . 
I 4 HOH 145 273 152 HOH HOH A . 
I 4 HOH 146 274 153 HOH HOH A . 
I 4 HOH 147 275 154 HOH HOH A . 
I 4 HOH 148 276 155 HOH HOH A . 
I 4 HOH 149 277 156 HOH HOH A . 
I 4 HOH 150 278 157 HOH HOH A . 
I 4 HOH 151 279 158 HOH HOH A . 
I 4 HOH 152 280 159 HOH HOH A . 
I 4 HOH 153 281 160 HOH HOH A . 
I 4 HOH 154 282 161 HOH HOH A . 
I 4 HOH 155 283 162 HOH HOH A . 
I 4 HOH 156 284 163 HOH HOH A . 
I 4 HOH 157 285 164 HOH HOH A . 
I 4 HOH 158 286 165 HOH HOH A . 
I 4 HOH 159 287 166 HOH HOH A . 
I 4 HOH 160 288 167 HOH HOH A . 
I 4 HOH 161 289 168 HOH HOH A . 
I 4 HOH 162 290 169 HOH HOH A . 
# 
loop_
_pdbx_unobs_or_zero_occ_atoms.id 
_pdbx_unobs_or_zero_occ_atoms.PDB_model_num 
_pdbx_unobs_or_zero_occ_atoms.polymer_flag 
_pdbx_unobs_or_zero_occ_atoms.occupancy_flag 
_pdbx_unobs_or_zero_occ_atoms.auth_asym_id 
_pdbx_unobs_or_zero_occ_atoms.auth_comp_id 
_pdbx_unobs_or_zero_occ_atoms.auth_seq_id 
_pdbx_unobs_or_zero_occ_atoms.PDB_ins_code 
_pdbx_unobs_or_zero_occ_atoms.auth_atom_id 
_pdbx_unobs_or_zero_occ_atoms.label_alt_id 
_pdbx_unobs_or_zero_occ_atoms.label_asym_id 
_pdbx_unobs_or_zero_occ_atoms.label_comp_id 
_pdbx_unobs_or_zero_occ_atoms.label_seq_id 
_pdbx_unobs_or_zero_occ_atoms.label_atom_id 
1  1 Y 1 A LYS 11 ? CE  ? A LYS 12 CE  
2  1 Y 1 A LYS 11 ? NZ  ? A LYS 12 NZ  
3  1 Y 1 A LYS 42 ? CG  ? A LYS 43 CG  
4  1 Y 1 A LYS 42 ? CD  ? A LYS 43 CD  
5  1 Y 1 A LYS 42 ? CE  ? A LYS 43 CE  
6  1 Y 1 A LYS 42 ? NZ  ? A LYS 43 NZ  
7  1 Y 1 A ARG 44 ? CD  ? A ARG 45 CD  
8  1 Y 1 A ARG 44 ? NE  ? A ARG 45 NE  
9  1 Y 1 A ARG 44 ? CZ  ? A ARG 45 CZ  
10 1 Y 1 A ARG 44 ? NH1 ? A ARG 45 NH1 
11 1 Y 1 A ARG 44 ? NH2 ? A ARG 45 NH2 
12 1 Y 1 A LYS 61 ? CG  ? A LYS 62 CG  
13 1 Y 1 A LYS 61 ? CD  ? A LYS 62 CD  
14 1 Y 1 A LYS 61 ? CE  ? A LYS 62 CE  
15 1 Y 1 A LYS 61 ? NZ  ? A LYS 62 NZ  
16 1 Y 1 A LYS 91 ? CD  ? A LYS 92 CD  
17 1 Y 1 A LYS 91 ? CE  ? A LYS 92 CE  
18 1 Y 1 A LYS 91 ? NZ  ? A LYS 92 NZ  
# 
loop_
_software.name 
_software.version 
_software.date 
_software.type 
_software.contact_author 
_software.contact_author_email 
_software.classification 
_software.location 
_software.language 
_software.citation_id 
_software.pdbx_ordinal 
REFMAC      5.2.0019 ?              program 'Murshudov, G.N.'            ccp4@dl.ac.uk                        refinement        
http://www.ccp4.ac.uk/main.html                                    Fortran_77 ? 1  
PHENIX      .        ?              package 'P.D. Adams'                 PDAdams@lbl.gov                      refinement        
http://www.phenix-online.org/                                      C++        ? 2  
SHELX       .        ?              package 'George Sheldrick'           gsheldr@shelx.uni-ac.gwdg.de         phasing           
http://shelx.uni-ac.gwdg.de/SHELX/                                 Fortran_77 ? 3  
MolProbity  3beta29  ?              package 'D.C. & J.S. Richardson lab' molprobity@kinemage.biochem.duke.edu 'model building'  
http://kinemage.biochem.duke.edu/molprobity/                       ?          ? 4  
XSCALE      .        ?              package 'Wolfgang Kabsch'            ?                                    'data scaling'    
http://www.mpimf-heidelberg.mpg.de/~kabsch/xds/xscale_program.html ?          ? 5  
PDB_EXTRACT 3.000    'July 2, 2007' package PDB                          sw-help@rcsb.rutgers.edu             'data extraction' 
http://pdb.rutgers.edu/software/                                   C++        ? 6  
ADSC        Quantum  ?              ?       ?                            ?                                    'data collection' ? 
?          ? 7  
XDS         .        ?              ?       ?                            ?                                    'data reduction'  ? 
?          ? 8  
SHELXD      .        ?              ?       ?                            ?                                    phasing           ? 
?          ? 9  
SOLVE       .        ?              ?       ?                            ?                                    phasing           ? 
?          ? 10 
# 
_cell.entry_id           3B7C 
_cell.length_a           66.190 
_cell.length_b           66.190 
_cell.length_c           126.070 
_cell.angle_alpha        90.000 
_cell.angle_beta         90.000 
_cell.angle_gamma        120.000 
_cell.pdbx_unique_axis   ? 
_cell.Z_PDB              12 
_cell.length_a_esd       ? 
_cell.length_b_esd       ? 
_cell.length_c_esd       ? 
_cell.angle_alpha_esd    ? 
_cell.angle_beta_esd     ? 
_cell.angle_gamma_esd    ? 
# 
_symmetry.entry_id                         3B7C 
_symmetry.Int_Tables_number                179 
_symmetry.space_group_name_H-M             'P 65 2 2' 
_symmetry.pdbx_full_space_group_name_H-M   ? 
_symmetry.cell_setting                     ? 
_symmetry.space_group_name_Hall            ? 
# 
_exptl.crystals_number   1 
_exptl.method            'X-RAY DIFFRACTION' 
_exptl.entry_id          3B7C 
# 
_exptl_crystal.id                    1 
_exptl_crystal.density_Matthews      2.75 
_exptl_crystal.density_meas          ? 
_exptl_crystal.density_percent_sol   55.32 
_exptl_crystal.description           ? 
_exptl_crystal.F_000                 ? 
_exptl_crystal.preparation           ? 
# 
_exptl_crystal_grow.crystal_id      1 
_exptl_crystal_grow.method          'VAPOR DIFFUSION, SITTING DROP' 
_exptl_crystal_grow.pH              4.6 
_exptl_crystal_grow.temp            277 
_exptl_crystal_grow.pdbx_details    
'NANODROP, 0.2M CaCl2, 20.0% Isopropanol, 0.1M Acetate pH 4.6, VAPOR DIFFUSION, SITTING DROP, temperature 277K' 
_exptl_crystal_grow.temp_details    ? 
_exptl_crystal_grow.pdbx_pH_range   . 
# 
_diffrn.id                     1 
_diffrn.ambient_temp           100 
_diffrn.ambient_temp_details   ? 
_diffrn.crystal_id             1 
# 
_diffrn_detector.diffrn_id              1 
_diffrn_detector.detector               CCD 
_diffrn_detector.type                   'ADSC QUANTUM 315' 
_diffrn_detector.details                ? 
_diffrn_detector.pdbx_collection_date   2007-10-04 
# 
_diffrn_radiation.diffrn_id                        1 
_diffrn_radiation.pdbx_monochromatic_or_laue_m_l   M 
_diffrn_radiation.monochromator                    'Double crystal Si(111)' 
_diffrn_radiation.pdbx_diffrn_protocol             MAD 
_diffrn_radiation.wavelength_id                    1 
_diffrn_radiation.pdbx_scattering_type             x-ray 
# 
loop_
_diffrn_radiation_wavelength.id 
_diffrn_radiation_wavelength.wavelength 
_diffrn_radiation_wavelength.wt 
1 0.9537 1.0 
2 0.9797 1.0 
3 0.9795 1.0 
# 
_diffrn_source.diffrn_id                   1 
_diffrn_source.source                      SYNCHROTRON 
_diffrn_source.pdbx_synchrotron_beamline   8.2.2 
_diffrn_source.type                        'ALS BEAMLINE 8.2.2' 
_diffrn_source.pdbx_wavelength_list        '0.9537, 0.9797, 0.9795' 
_diffrn_source.pdbx_wavelength             ? 
_diffrn_source.pdbx_synchrotron_site       ALS 
# 
_reflns.entry_id                     3B7C 
_reflns.d_resolution_high            1.70 
_reflns.d_resolution_low             29.298 
_reflns.number_obs                   18701 
_reflns.pdbx_Rmerge_I_obs            0.060 
_reflns.pdbx_netI_over_sigmaI        19.590 
_reflns.percent_possible_obs         99.500 
_reflns.B_iso_Wilson_estimate        18.49 
_reflns.observed_criterion_sigma_I   -3.00 
_reflns.observed_criterion_sigma_F   ? 
_reflns.number_all                   ? 
_reflns.pdbx_Rsym_value              ? 
_reflns.pdbx_redundancy              ? 
_reflns.R_free_details               ? 
_reflns.limit_h_max                  ? 
_reflns.limit_h_min                  ? 
_reflns.limit_k_max                  ? 
_reflns.limit_k_min                  ? 
_reflns.limit_l_max                  ? 
_reflns.limit_l_min                  ? 
_reflns.observed_criterion_F_max     ? 
_reflns.observed_criterion_F_min     ? 
_reflns.pdbx_chi_squared             ? 
_reflns.pdbx_scaling_rejects         ? 
_reflns.pdbx_ordinal                 1 
_reflns.pdbx_diffrn_id               1 
# 
loop_
_reflns_shell.d_res_high 
_reflns_shell.d_res_low 
_reflns_shell.number_measured_obs 
_reflns_shell.number_measured_all 
_reflns_shell.number_unique_obs 
_reflns_shell.Rmerge_I_obs 
_reflns_shell.meanI_over_sigI_obs 
_reflns_shell.pdbx_Rsym_value 
_reflns_shell.pdbx_chi_squared 
_reflns_shell.pdbx_redundancy 
_reflns_shell.percent_possible_obs 
_reflns_shell.number_unique_all 
_reflns_shell.percent_possible_all 
_reflns_shell.pdbx_ordinal 
_reflns_shell.pdbx_diffrn_id 
1.70 1.76   16372 ? 3249 0.561 2.8  ? ? ? ? ? 97.10  1  1 
1.76 1.83   19135 ? 3397 0.436 3.9  ? ? ? ? ? 100.00 2  1 
1.83 1.91   18635 ? 3294 0.321 5.2  ? ? ? ? ? 100.00 3  1 
1.91 2.02   20988 ? 3702 0.203 8.1  ? ? ? ? ? 100.00 4  1 
2.02 2.14   18382 ? 3237 0.136 12.0 ? ? ? ? ? 100.00 5  1 
2.14 2.31   19785 ? 3481 0.100 15.9 ? ? ? ? ? 99.90  6  1 
2.31 2.54   19302 ? 3393 0.077 19.7 ? ? ? ? ? 100.00 7  1 
2.54 2.90   18821 ? 3332 0.050 28.9 ? ? ? ? ? 100.00 8  1 
2.90 3.66   19193 ? 3457 0.031 44.3 ? ? ? ? ? 99.80  9  1 
3.66 29.298 18413 ? 3369 0.024 54.7 ? ? ? ? ? 98.10  10 1 
# 
_refine.entry_id                                 3B7C 
_refine.ls_d_res_high                            1.700 
_refine.ls_d_res_low                             29.298 
_refine.pdbx_ls_sigma_F                          0.00 
_refine.ls_percent_reflns_obs                    99.920 
_refine.ls_number_reflns_obs                     18638 
_refine.pdbx_ls_cross_valid_method               THROUGHOUT 
_refine.pdbx_R_Free_selection_details            RANDOM 
_refine.details                                  
;1. HYDROGENS HAVE BEEN ADDED IN THE RIDING POSITIONS.
 2. ATOM RECORD CONTAINS RESIDUAL B FACTORS ONLY.
 3. A MET-INHIBITION PROTOCOL WAS USED FOR SELENOMETHIONINE
 INCORPORATION DURING PROTEIN EXPRESSION. THE OCCUPANCY
 OF THE SE ATOMS IN THE MSE RESIDUES WAS REDUCED TO 0.75
 TO ACCOUNT FOR THE REDUCED SCATTERING POWER DUE TO PARTIAL
 S-MET INCORPORATION.
 4. CHLORIDE ION FROM THE CRYSTALLIZATION CONDITIONS AND ETHYLENE
 GLYCOL FROM THE CRYO CONDITIONS ARE MODELED IN THE STRUCTURE.
 5. THE UNEXPLAINED ELECTRON DENSITY AROUND RESIDUE 44 WAS NOT
 MODELED.
;
_refine.ls_R_factor_obs                          0.186 
_refine.ls_R_factor_R_work                       0.184 
_refine.ls_R_factor_R_free                       0.214 
_refine.ls_percent_reflns_R_free                 5.100 
_refine.ls_number_reflns_R_free                  953 
_refine.B_iso_mean                               14.308 
_refine.aniso_B[1][1]                            0.360 
_refine.aniso_B[2][2]                            0.360 
_refine.aniso_B[3][3]                            -0.540 
_refine.aniso_B[1][2]                            0.180 
_refine.aniso_B[1][3]                            0.000 
_refine.aniso_B[2][3]                            0.000 
_refine.correlation_coeff_Fo_to_Fc               0.956 
_refine.correlation_coeff_Fo_to_Fc_free          0.943 
_refine.pdbx_overall_ESU_R                       0.102 
_refine.pdbx_overall_ESU_R_Free                  0.100 
_refine.overall_SU_ML                            0.066 
_refine.overall_SU_B                             3.906 
_refine.solvent_model_details                    MASK 
_refine.pdbx_solvent_vdw_probe_radii             1.200 
_refine.pdbx_solvent_ion_probe_radii             0.800 
_refine.pdbx_solvent_shrinkage_radii             0.800 
_refine.pdbx_method_to_determine_struct          MAD 
_refine.pdbx_stereochemistry_target_values       'MAXIMUM LIKELIHOOD WITH PHASES' 
_refine.pdbx_ls_sigma_I                          ? 
_refine.ls_number_reflns_all                     ? 
_refine.ls_R_factor_all                          ? 
_refine.ls_redundancy_reflns_obs                 ? 
_refine.pdbx_data_cutoff_high_absF               ? 
_refine.pdbx_data_cutoff_low_absF                ? 
_refine.ls_number_parameters                     ? 
_refine.ls_number_restraints                     ? 
_refine.ls_R_factor_R_free_error                 ? 
_refine.ls_R_factor_R_free_error_details         ? 
_refine.pdbx_starting_model                      ? 
_refine.pdbx_stereochem_target_val_spec_case     ? 
_refine.solvent_model_param_bsol                 ? 
_refine.solvent_model_param_ksol                 ? 
_refine.occupancy_max                            ? 
_refine.occupancy_min                            ? 
_refine.pdbx_isotropic_thermal_model             ? 
_refine.B_iso_min                                ? 
_refine.B_iso_max                                ? 
_refine.overall_SU_R_Cruickshank_DPI             ? 
_refine.overall_SU_R_free                        ? 
_refine.pdbx_data_cutoff_high_rms_absF           ? 
_refine.ls_wR_factor_R_free                      ? 
_refine.ls_wR_factor_R_work                      ? 
_refine.overall_FOM_free_R_set                   ? 
_refine.overall_FOM_work_R_set                   ? 
_refine.pdbx_refine_id                           'X-RAY DIFFRACTION' 
_refine.pdbx_TLS_residual_ADP_flag               'LIKELY RESIDUAL' 
_refine.pdbx_diffrn_id                           1 
_refine.pdbx_overall_phase_error                 ? 
_refine.pdbx_overall_SU_R_free_Cruickshank_DPI   ? 
_refine.pdbx_overall_SU_R_Blow_DPI               ? 
_refine.pdbx_overall_SU_R_free_Blow_DPI          ? 
# 
_refine_hist.pdbx_refine_id                   'X-RAY DIFFRACTION' 
_refine_hist.cycle_id                         LAST 
_refine_hist.pdbx_number_atoms_protein        975 
_refine_hist.pdbx_number_atoms_nucleic_acid   0 
_refine_hist.pdbx_number_atoms_ligand         25 
_refine_hist.number_atoms_solvent             162 
_refine_hist.number_atoms_total               1162 
_refine_hist.d_res_high                       1.700 
_refine_hist.d_res_low                        29.298 
# 
loop_
_refine_ls_restr.type 
_refine_ls_restr.number 
_refine_ls_restr.dev_ideal 
_refine_ls_restr.dev_ideal_target 
_refine_ls_restr.weight 
_refine_ls_restr.pdbx_refine_id 
_refine_ls_restr.pdbx_restraint_function 
r_bond_refined_d         1143 0.018  0.022  ? 'X-RAY DIFFRACTION' ? 
r_bond_other_d           785  0.001  0.020  ? 'X-RAY DIFFRACTION' ? 
r_angle_refined_deg      1550 1.635  1.960  ? 'X-RAY DIFFRACTION' ? 
r_angle_other_deg        1917 0.884  3.000  ? 'X-RAY DIFFRACTION' ? 
r_dihedral_angle_1_deg   145  6.298  5.000  ? 'X-RAY DIFFRACTION' ? 
r_dihedral_angle_2_deg   54   39.502 25.185 ? 'X-RAY DIFFRACTION' ? 
r_dihedral_angle_3_deg   208  14.140 15.000 ? 'X-RAY DIFFRACTION' ? 
r_dihedral_angle_4_deg   6    9.549  15.000 ? 'X-RAY DIFFRACTION' ? 
r_chiral_restr           163  0.096  0.200  ? 'X-RAY DIFFRACTION' ? 
r_gen_planes_refined     1305 0.008  0.020  ? 'X-RAY DIFFRACTION' ? 
r_gen_planes_other       228  0.003  0.020  ? 'X-RAY DIFFRACTION' ? 
r_nbd_refined            219  0.218  0.200  ? 'X-RAY DIFFRACTION' ? 
r_nbd_other              850  0.200  0.200  ? 'X-RAY DIFFRACTION' ? 
r_nbtor_refined          523  0.179  0.200  ? 'X-RAY DIFFRACTION' ? 
r_nbtor_other            638  0.088  0.200  ? 'X-RAY DIFFRACTION' ? 
r_xyhbond_nbd_refined    124  0.214  0.200  ? 'X-RAY DIFFRACTION' ? 
r_symmetry_vdw_refined   23   0.172  0.200  ? 'X-RAY DIFFRACTION' ? 
r_symmetry_vdw_other     42   0.295  0.200  ? 'X-RAY DIFFRACTION' ? 
r_symmetry_hbond_refined 20   0.189  0.200  ? 'X-RAY DIFFRACTION' ? 
r_mcbond_it              742  2.380  3.000  ? 'X-RAY DIFFRACTION' ? 
r_mcbond_other           274  0.615  3.000  ? 'X-RAY DIFFRACTION' ? 
r_mcangle_it             1110 2.790  5.000  ? 'X-RAY DIFFRACTION' ? 
r_scbond_it              528  5.785  8.000  ? 'X-RAY DIFFRACTION' ? 
r_scangle_it             440  7.620  11.000 ? 'X-RAY DIFFRACTION' ? 
# 
_refine_ls_shell.d_res_high                       1.70 
_refine_ls_shell.d_res_low                        1.75 
_refine_ls_shell.pdbx_total_number_of_bins_used   20 
_refine_ls_shell.percent_reflns_obs               99.780 
_refine_ls_shell.number_reflns_R_work             1265 
_refine_ls_shell.R_factor_all                     ? 
_refine_ls_shell.R_factor_R_work                  0.232 
_refine_ls_shell.R_factor_R_free                  0.245 
_refine_ls_shell.percent_reflns_R_free            ? 
_refine_ls_shell.number_reflns_R_free             73 
_refine_ls_shell.R_factor_R_free_error            ? 
_refine_ls_shell.number_reflns_all                1338 
_refine_ls_shell.number_reflns_obs                ? 
_refine_ls_shell.redundancy_reflns_obs            ? 
_refine_ls_shell.pdbx_refine_id                   'X-RAY DIFFRACTION' 
# 
_struct.entry_id                  3B7C 
_struct.title                     
'CRYSTAL STRUCTURE OF A NTF-2 LIKE PROTEIN OF UNKNOWN FUNCTION (SO_0125) FROM SHEWANELLA ONEIDENSIS MR-1 AT 1.70 A RESOLUTION' 
_struct.pdbx_model_details        ? 
_struct.pdbx_CASP_flag            ? 
_struct.pdbx_model_type_details   ? 
# 
_struct_keywords.text            
;NTF-2 LIKE PROTEIN, STRUCTURAL GENOMICS, JOINT CENTER FOR STRUCTURAL GENOMICS, JCSG, PROTEIN STRUCTURE INITIATIVE, PSI-2, UNKNOWN FUNCTION
;
_struct_keywords.pdbx_keywords   'UNKNOWN FUNCTION' 
_struct_keywords.entry_id        3B7C 
# 
loop_
_struct_asym.id 
_struct_asym.pdbx_blank_PDB_chainid_flag 
_struct_asym.pdbx_modified 
_struct_asym.entity_id 
_struct_asym.details 
A N N 1 ? 
B N N 2 ? 
C N N 3 ? 
D N N 3 ? 
E N N 3 ? 
F N N 3 ? 
G N N 3 ? 
H N N 3 ? 
I N N 4 ? 
# 
_struct_ref.id                         1 
_struct_ref.db_name                    UNP 
_struct_ref.db_code                    Q8EKG8_SHEON 
_struct_ref.pdbx_db_accession          Q8EKG8 
_struct_ref.entity_id                  1 
_struct_ref.pdbx_seq_one_letter_code   
;MPTDDIVQLLKGQEEAWNRGDLDAYMQGYWQNEQLMLISNGKFRNGWDETLAAYKKNYPDKESLGELKFTIKEIKMLSNY
AAMVVGRWDLKRLKDTPTGVFTLLVEKIDDRWVITMDHSSD
;
_struct_ref.pdbx_align_begin           1 
_struct_ref.pdbx_db_isoform            ? 
# 
_struct_ref_seq.align_id                      1 
_struct_ref_seq.ref_id                        1 
_struct_ref_seq.pdbx_PDB_id_code              3B7C 
_struct_ref_seq.pdbx_strand_id                A 
_struct_ref_seq.seq_align_beg                 2 
_struct_ref_seq.pdbx_seq_align_beg_ins_code   ? 
_struct_ref_seq.seq_align_end                 122 
_struct_ref_seq.pdbx_seq_align_end_ins_code   ? 
_struct_ref_seq.pdbx_db_accession             Q8EKG8 
_struct_ref_seq.db_align_beg                  1 
_struct_ref_seq.pdbx_db_align_beg_ins_code    ? 
_struct_ref_seq.db_align_end                  121 
_struct_ref_seq.pdbx_db_align_end_ins_code    ? 
_struct_ref_seq.pdbx_auth_seq_align_beg       1 
_struct_ref_seq.pdbx_auth_seq_align_end       121 
# 
_struct_ref_seq_dif.align_id                     1 
_struct_ref_seq_dif.pdbx_pdb_id_code             3B7C 
_struct_ref_seq_dif.mon_id                       GLY 
_struct_ref_seq_dif.pdbx_pdb_strand_id           A 
_struct_ref_seq_dif.seq_num                      1 
_struct_ref_seq_dif.pdbx_pdb_ins_code            ? 
_struct_ref_seq_dif.pdbx_seq_db_name             UNP 
_struct_ref_seq_dif.pdbx_seq_db_accession_code   Q8EKG8 
_struct_ref_seq_dif.db_mon_id                    ? 
_struct_ref_seq_dif.pdbx_seq_db_seq_num          ? 
_struct_ref_seq_dif.details                      'expression tag' 
_struct_ref_seq_dif.pdbx_auth_seq_num            0 
_struct_ref_seq_dif.pdbx_ordinal                 1 
# 
_pdbx_struct_assembly.id                   1 
_pdbx_struct_assembly.details              software_defined_assembly 
_pdbx_struct_assembly.method_details       PISA 
_pdbx_struct_assembly.oligomeric_details   dimeric 
_pdbx_struct_assembly.oligomeric_count     2 
# 
_pdbx_struct_assembly_prop.biol_id   1 
_pdbx_struct_assembly_prop.type      'ABSA (A^2)' 
_pdbx_struct_assembly_prop.value     2160 
_pdbx_struct_assembly_prop.details   ? 
# 
_pdbx_struct_assembly_gen.assembly_id       1 
_pdbx_struct_assembly_gen.oper_expression   1,2 
_pdbx_struct_assembly_gen.asym_id_list      A,B,C,D,E,F,G,H,I 
# 
loop_
_pdbx_struct_oper_list.id 
_pdbx_struct_oper_list.type 
_pdbx_struct_oper_list.name 
_pdbx_struct_oper_list.symmetry_operation 
_pdbx_struct_oper_list.matrix[1][1] 
_pdbx_struct_oper_list.matrix[1][2] 
_pdbx_struct_oper_list.matrix[1][3] 
_pdbx_struct_oper_list.vector[1] 
_pdbx_struct_oper_list.matrix[2][1] 
_pdbx_struct_oper_list.matrix[2][2] 
_pdbx_struct_oper_list.matrix[2][3] 
_pdbx_struct_oper_list.vector[2] 
_pdbx_struct_oper_list.matrix[3][1] 
_pdbx_struct_oper_list.matrix[3][2] 
_pdbx_struct_oper_list.matrix[3][3] 
_pdbx_struct_oper_list.vector[3] 
1 'identity operation'         1_555  x,y,z          1.0000000000  0.0000000000  0.0000000000 0.0000000000  0.0000000000  1.0000000000 0.0000000000  0.0000000000 0.0000000000 0.0000000000  1.0000000000  0.0000000000   
2 'crystal symmetry operation' 12_564 x,x-y+1,-z-1/6 -0.9224830944 -0.3858171130 0.0130420766 17.1007340358 -0.3858171130 0.9202887891 -0.0649130187 2.8676706903 0.0130420766 -0.0649130187 -0.9978056946 -16.8071056032 
# 
_struct_biol.id        1 
_struct_biol.details   ? 
# 
loop_
_struct_conf.conf_type_id 
_struct_conf.id 
_struct_conf.pdbx_PDB_helix_id 
_struct_conf.beg_label_comp_id 
_struct_conf.beg_label_asym_id 
_struct_conf.beg_label_seq_id 
_struct_conf.pdbx_beg_PDB_ins_code 
_struct_conf.end_label_comp_id 
_struct_conf.end_label_asym_id 
_struct_conf.end_label_seq_id 
_struct_conf.pdbx_end_PDB_ins_code 
_struct_conf.beg_auth_comp_id 
_struct_conf.beg_auth_asym_id 
_struct_conf.beg_auth_seq_id 
_struct_conf.end_auth_comp_id 
_struct_conf.end_auth_asym_id 
_struct_conf.end_auth_seq_id 
_struct_conf.pdbx_PDB_helix_class 
_struct_conf.details 
_struct_conf.pdbx_PDB_helix_length 
HELX_P HELX_P1 1 MSE A 2  ? ARG A 20 ? MSE A 1  ARG A 19 1 ? 19 
HELX_P HELX_P2 2 ASP A 22 ? GLN A 28 ? ASP A 21 GLN A 27 1 ? 7  
HELX_P HELX_P3 3 GLY A 47 ? TYR A 59 ? GLY A 46 TYR A 58 1 ? 13 
HELX_P HELX_P4 4 ASP A 61 ? LEU A 65 ? ASP A 60 LEU A 64 5 ? 5  
# 
_struct_conf_type.id          HELX_P 
_struct_conf_type.criteria    ? 
_struct_conf_type.reference   ? 
# 
loop_
_struct_conn.id 
_struct_conn.conn_type_id 
_struct_conn.pdbx_leaving_atom_flag 
_struct_conn.pdbx_PDB_id 
_struct_conn.ptnr1_label_asym_id 
_struct_conn.ptnr1_label_comp_id 
_struct_conn.ptnr1_label_seq_id 
_struct_conn.ptnr1_label_atom_id 
_struct_conn.pdbx_ptnr1_label_alt_id 
_struct_conn.pdbx_ptnr1_PDB_ins_code 
_struct_conn.pdbx_ptnr1_standard_comp_id 
_struct_conn.ptnr1_symmetry 
_struct_conn.ptnr2_label_asym_id 
_struct_conn.ptnr2_label_comp_id 
_struct_conn.ptnr2_label_seq_id 
_struct_conn.ptnr2_label_atom_id 
_struct_conn.pdbx_ptnr2_label_alt_id 
_struct_conn.pdbx_ptnr2_PDB_ins_code 
_struct_conn.ptnr1_auth_asym_id 
_struct_conn.ptnr1_auth_comp_id 
_struct_conn.ptnr1_auth_seq_id 
_struct_conn.ptnr2_auth_asym_id 
_struct_conn.ptnr2_auth_comp_id 
_struct_conn.ptnr2_auth_seq_id 
_struct_conn.ptnr2_symmetry 
_struct_conn.pdbx_ptnr3_label_atom_id 
_struct_conn.pdbx_ptnr3_label_seq_id 
_struct_conn.pdbx_ptnr3_label_comp_id 
_struct_conn.pdbx_ptnr3_label_asym_id 
_struct_conn.pdbx_ptnr3_label_alt_id 
_struct_conn.pdbx_ptnr3_PDB_ins_code 
_struct_conn.details 
_struct_conn.pdbx_dist_value 
_struct_conn.pdbx_value_order 
_struct_conn.pdbx_role 
covale1  covale both ? A MSE 2   C ? ? ? 1_555 A PRO 3   N ? ? A MSE 1   A PRO 2   1_555 ? ? ? ? ? ? ? 1.340 ? ? 
covale2  covale both ? A TYR 26  C ? ? ? 1_555 A MSE 27  N ? ? A TYR 25  A MSE 26  1_555 ? ? ? ? ? ? ? 1.337 ? ? 
covale3  covale both ? A MSE 27  C ? ? ? 1_555 A GLN 28  N ? ? A MSE 26  A GLN 27  1_555 ? ? ? ? ? ? ? 1.326 ? ? 
covale4  covale both ? A LEU 36  C ? ? ? 1_555 A MSE 37  N A ? A LEU 35  A MSE 36  1_555 ? ? ? ? ? ? ? 1.327 ? ? 
covale5  covale both ? A LEU 36  C ? ? ? 1_555 A MSE 37  N B ? A LEU 35  A MSE 36  1_555 ? ? ? ? ? ? ? 1.332 ? ? 
covale6  covale both ? A MSE 37  C A ? ? 1_555 A LEU 38  N A ? A MSE 36  A LEU 37  1_555 ? ? ? ? ? ? ? 1.330 ? ? 
covale7  covale both ? A MSE 37  C B ? ? 1_555 A LEU 38  N B ? A MSE 36  A LEU 37  1_555 ? ? ? ? ? ? ? 1.332 ? ? 
covale8  covale both ? A LYS 76  C ? ? ? 1_555 A MSE 77  N ? ? A LYS 75  A MSE 76  1_555 ? ? ? ? ? ? ? 1.322 ? ? 
covale9  covale both ? A MSE 77  C ? ? ? 1_555 A LEU 78  N ? ? A MSE 76  A LEU 77  1_555 ? ? ? ? ? ? ? 1.314 ? ? 
covale10 covale both ? A ALA 83  C ? ? ? 1_555 A MSE 84  N A ? A ALA 82  A MSE 83  1_555 ? ? ? ? ? ? ? 1.334 ? ? 
covale11 covale both ? A ALA 83  C ? ? ? 1_555 A MSE 84  N B ? A ALA 82  A MSE 83  1_555 ? ? ? ? ? ? ? 1.324 ? ? 
covale12 covale both ? A MSE 84  C A ? ? 1_555 A VAL 85  N ? ? A MSE 83  A VAL 84  1_555 ? ? ? ? ? ? ? 1.341 ? ? 
covale13 covale both ? A MSE 84  C B ? ? 1_555 A VAL 85  N ? ? A MSE 83  A VAL 84  1_555 ? ? ? ? ? ? ? 1.341 ? ? 
covale14 covale both ? A THR 116 C ? ? ? 1_555 A MSE 117 N ? ? A THR 115 A MSE 116 1_555 ? ? ? ? ? ? ? 1.325 ? ? 
covale15 covale both ? A MSE 117 C ? ? ? 1_555 A ASP 118 N ? ? A MSE 116 A ASP 117 1_555 ? ? ? ? ? ? ? 1.331 ? ? 
# 
_struct_conn_type.id          covale 
_struct_conn_type.criteria    ? 
_struct_conn_type.reference   ? 
# 
loop_
_pdbx_modification_feature.ordinal 
_pdbx_modification_feature.label_comp_id 
_pdbx_modification_feature.label_asym_id 
_pdbx_modification_feature.label_seq_id 
_pdbx_modification_feature.label_alt_id 
_pdbx_modification_feature.modified_residue_label_comp_id 
_pdbx_modification_feature.modified_residue_label_asym_id 
_pdbx_modification_feature.modified_residue_label_seq_id 
_pdbx_modification_feature.modified_residue_label_alt_id 
_pdbx_modification_feature.auth_comp_id 
_pdbx_modification_feature.auth_asym_id 
_pdbx_modification_feature.auth_seq_id 
_pdbx_modification_feature.PDB_ins_code 
_pdbx_modification_feature.symmetry 
_pdbx_modification_feature.modified_residue_auth_comp_id 
_pdbx_modification_feature.modified_residue_auth_asym_id 
_pdbx_modification_feature.modified_residue_auth_seq_id 
_pdbx_modification_feature.modified_residue_PDB_ins_code 
_pdbx_modification_feature.modified_residue_symmetry 
_pdbx_modification_feature.comp_id_linking_atom 
_pdbx_modification_feature.modified_residue_id_linking_atom 
_pdbx_modification_feature.modified_residue_id 
_pdbx_modification_feature.ref_pcm_id 
_pdbx_modification_feature.ref_comp_id 
_pdbx_modification_feature.type 
_pdbx_modification_feature.category 
1 MSE A 2   ? . . . . MSE A 1   ? 1_555 . . . . . . . MET 1 MSE Selenomethionine 'Named protein modification' 
2 MSE A 27  ? . . . . MSE A 26  ? 1_555 . . . . . . . MET 1 MSE Selenomethionine 'Named protein modification' 
3 MSE A 37  A . . . . MSE A 36  ? 1_555 . . . . . . . MET 1 MSE Selenomethionine 'Named protein modification' 
4 MSE A 37  B . . . . MSE A 36  ? 1_555 . . . . . . . MET 1 MSE Selenomethionine 'Named protein modification' 
5 MSE A 77  ? . . . . MSE A 76  ? 1_555 . . . . . . . MET 1 MSE Selenomethionine 'Named protein modification' 
6 MSE A 84  A . . . . MSE A 83  ? 1_555 . . . . . . . MET 1 MSE Selenomethionine 'Named protein modification' 
7 MSE A 84  B . . . . MSE A 83  ? 1_555 . . . . . . . MET 1 MSE Selenomethionine 'Named protein modification' 
8 MSE A 117 ? . . . . MSE A 116 ? 1_555 . . . . . . . MET 1 MSE Selenomethionine 'Named protein modification' 
# 
_struct_sheet.id               A 
_struct_sheet.type             ? 
_struct_sheet.number_strands   6 
_struct_sheet.details          ? 
# 
loop_
_struct_sheet_order.sheet_id 
_struct_sheet_order.range_id_1 
_struct_sheet_order.range_id_2 
_struct_sheet_order.offset 
_struct_sheet_order.sense 
A 1 2 ? anti-parallel 
A 2 3 ? parallel      
A 3 4 ? anti-parallel 
A 4 5 ? anti-parallel 
A 5 6 ? anti-parallel 
# 
loop_
_struct_sheet_range.sheet_id 
_struct_sheet_range.id 
_struct_sheet_range.beg_label_comp_id 
_struct_sheet_range.beg_label_asym_id 
_struct_sheet_range.beg_label_seq_id 
_struct_sheet_range.pdbx_beg_PDB_ins_code 
_struct_sheet_range.end_label_comp_id 
_struct_sheet_range.end_label_asym_id 
_struct_sheet_range.end_label_seq_id 
_struct_sheet_range.pdbx_end_PDB_ins_code 
_struct_sheet_range.beg_auth_comp_id 
_struct_sheet_range.beg_auth_asym_id 
_struct_sheet_range.beg_auth_seq_id 
_struct_sheet_range.end_auth_comp_id 
_struct_sheet_range.end_auth_asym_id 
_struct_sheet_range.end_auth_seq_id 
A 1 PHE A 44  ? ASN A 46  ? PHE A 43  ASN A 45  
A 2 MSE A 37  ? ILE A 39  ? MSE A 36  ILE A 38  
A 3 ARG A 112 ? SER A 121 ? ARG A 111 SER A 120 
A 4 THR A 99  ? ILE A 109 ? THR A 98  ILE A 108 
A 5 ALA A 82  ? LYS A 92  ? ALA A 81  LYS A 91  
A 6 GLU A 67  ? SER A 79  ? GLU A 66  SER A 78  
# 
loop_
_pdbx_struct_sheet_hbond.sheet_id 
_pdbx_struct_sheet_hbond.range_id_1 
_pdbx_struct_sheet_hbond.range_id_2 
_pdbx_struct_sheet_hbond.range_1_label_atom_id 
_pdbx_struct_sheet_hbond.range_1_label_comp_id 
_pdbx_struct_sheet_hbond.range_1_label_asym_id 
_pdbx_struct_sheet_hbond.range_1_label_seq_id 
_pdbx_struct_sheet_hbond.range_1_PDB_ins_code 
_pdbx_struct_sheet_hbond.range_1_auth_atom_id 
_pdbx_struct_sheet_hbond.range_1_auth_comp_id 
_pdbx_struct_sheet_hbond.range_1_auth_asym_id 
_pdbx_struct_sheet_hbond.range_1_auth_seq_id 
_pdbx_struct_sheet_hbond.range_2_label_atom_id 
_pdbx_struct_sheet_hbond.range_2_label_comp_id 
_pdbx_struct_sheet_hbond.range_2_label_asym_id 
_pdbx_struct_sheet_hbond.range_2_label_seq_id 
_pdbx_struct_sheet_hbond.range_2_PDB_ins_code 
_pdbx_struct_sheet_hbond.range_2_auth_atom_id 
_pdbx_struct_sheet_hbond.range_2_auth_comp_id 
_pdbx_struct_sheet_hbond.range_2_auth_asym_id 
_pdbx_struct_sheet_hbond.range_2_auth_seq_id 
A 1 2 O ARG A 45  ? O ARG A 44  N LEU A 38  ? N LEU A 37  
A 2 3 N ILE A 39  ? N ILE A 38  O ASP A 118 ? O ASP A 117 
A 3 4 O HIS A 119 ? O HIS A 118 N THR A 103 ? N THR A 102 
A 4 5 O LEU A 104 ? O LEU A 103 N VAL A 85  ? N VAL A 84  
A 5 6 O VAL A 86  ? O VAL A 85  N LYS A 73  ? N LYS A 72  
# 
loop_
_struct_site.id 
_struct_site.pdbx_evidence_code 
_struct_site.pdbx_auth_asym_id 
_struct_site.pdbx_auth_comp_id 
_struct_site.pdbx_auth_seq_id 
_struct_site.pdbx_auth_ins_code 
_struct_site.pdbx_num_residues 
_struct_site.details 
AC1 Software A CL  122 ? 3 'BINDING SITE FOR RESIDUE CL A 122'  
AC2 Software A EDO 123 ? 8 'BINDING SITE FOR RESIDUE EDO A 123' 
AC3 Software A EDO 124 ? 3 'BINDING SITE FOR RESIDUE EDO A 124' 
AC4 Software A EDO 125 ? 8 'BINDING SITE FOR RESIDUE EDO A 125' 
AC5 Software A EDO 126 ? 4 'BINDING SITE FOR RESIDUE EDO A 126' 
AC6 Software A EDO 127 ? 7 'BINDING SITE FOR RESIDUE EDO A 127' 
AC7 Software A EDO 128 ? 7 'BINDING SITE FOR RESIDUE EDO A 128' 
# 
loop_
_struct_site_gen.id 
_struct_site_gen.site_id 
_struct_site_gen.pdbx_num_res 
_struct_site_gen.label_comp_id 
_struct_site_gen.label_asym_id 
_struct_site_gen.label_seq_id 
_struct_site_gen.pdbx_auth_ins_code 
_struct_site_gen.auth_comp_id 
_struct_site_gen.auth_asym_id 
_struct_site_gen.auth_seq_id 
_struct_site_gen.label_atom_id 
_struct_site_gen.label_alt_id 
_struct_site_gen.symmetry 
_struct_site_gen.details 
1  AC1 3 SER A 79  ? SER A 78  . ? 1_555 ? 
2  AC1 3 ASN A 80  ? ASN A 79  . ? 1_555 ? 
3  AC1 3 HOH I .   ? HOH A 212 . ? 1_555 ? 
4  AC2 8 VAL A 8   ? VAL A 7   . ? 1_555 ? 
5  AC2 8 LYS A 12  ? LYS A 11  . ? 1_555 ? 
6  AC2 8 GLU A 15  ? GLU A 14  . ? 1_555 ? 
7  AC2 8 LYS A 69  ? LYS A 68  . ? 1_555 ? 
8  AC2 8 PHE A 70  ? PHE A 69  . ? 1_555 ? 
9  AC2 8 HOH I .   ? HOH A 165 . ? 1_555 ? 
10 AC2 8 HOH I .   ? HOH A 239 . ? 1_555 ? 
11 AC2 8 HOH I .   ? HOH A 255 . ? 1_555 ? 
12 AC3 3 GLY A 21  ? GLY A 20  . ? 1_555 ? 
13 AC3 3 TYR A 59  ? TYR A 58  . ? 1_555 ? 
14 AC3 3 HOH I .   ? HOH A 234 . ? 1_555 ? 
15 AC4 8 PRO A 60  ? PRO A 59  . ? 8_665 ? 
16 AC4 8 ASP A 61  ? ASP A 60  . ? 8_665 ? 
17 AC4 8 SER A 64  ? SER A 63  . ? 8_665 ? 
18 AC4 8 MSE A 77  ? MSE A 76  . ? 1_555 ? 
19 AC4 8 SER A 79  ? SER A 78  . ? 1_555 ? 
20 AC4 8 ASN A 80  ? ASN A 79  . ? 1_555 ? 
21 AC4 8 HOH I .   ? HOH A 157 . ? 1_555 ? 
22 AC4 8 HOH I .   ? HOH A 212 . ? 1_555 ? 
23 AC5 4 GLU A 67  ? GLU A 66  . ? 1_555 ? 
24 AC5 4 ASP A 90  ? ASP A 89  . ? 1_555 ? 
25 AC5 4 LYS A 92  ? LYS A 91  . ? 1_555 ? 
26 AC5 4 HOH I .   ? HOH A 219 . ? 1_555 ? 
27 AC6 7 TRP A 89  ? TRP A 88  . ? 1_555 ? 
28 AC6 7 PRO A 98  ? PRO A 97  . ? 1_555 ? 
29 AC6 7 THR A 99  ? THR A 98  . ? 1_555 ? 
30 AC6 7 ASP A 111 ? ASP A 110 . ? 8_565 ? 
31 AC6 7 ASP A 122 ? ASP A 121 . ? 1_555 ? 
32 AC6 7 HOH I .   ? HOH A 194 . ? 1_555 ? 
33 AC6 7 HOH I .   ? HOH A 223 . ? 1_555 ? 
34 AC7 7 GLN A 14  ? GLN A 13  . ? 1_555 ? 
35 AC7 7 TYR A 26  ? TYR A 25  . ? 1_555 ? 
36 AC7 7 TYR A 30  ? TYR A 29  . ? 1_555 ? 
37 AC7 7 PHE A 70  ? PHE A 69  . ? 1_555 ? 
38 AC7 7 ILE A 115 ? ILE A 114 . ? 1_555 ? 
39 AC7 7 ASP A 118 ? ASP A 117 . ? 1_555 ? 
40 AC7 7 HOH I .   ? HOH A 175 . ? 1_555 ? 
# 
_pdbx_entry_details.entry_id                   3B7C 
_pdbx_entry_details.compound_details           ? 
_pdbx_entry_details.source_details             ? 
_pdbx_entry_details.nonpolymer_details         ? 
_pdbx_entry_details.sequence_details           
;REMARK 999 SEQUENCE:  THE CONSTRUCT WAS EXPRESSED WITH A PURIFICATION           
REMARK 999 TAG MGSDKIHHHHHHENLYFQG.  THE TAG WAS REMOVED WITH TEV PROTEASE       
REMARK 999 LEAVING ONLY A GLYCINE (0) FOLLOWED BY THE TARGET SEQUENCE.             
REMARK 999
;
_pdbx_entry_details.has_ligand_of_interest     ? 
_pdbx_entry_details.has_protein_modification   Y 
# 
loop_
_pdbx_validate_torsion.id 
_pdbx_validate_torsion.PDB_model_num 
_pdbx_validate_torsion.auth_comp_id 
_pdbx_validate_torsion.auth_asym_id 
_pdbx_validate_torsion.auth_seq_id 
_pdbx_validate_torsion.PDB_ins_code 
_pdbx_validate_torsion.label_alt_id 
_pdbx_validate_torsion.phi 
_pdbx_validate_torsion.psi 
1 1 SER A 39 ? ? -103.14 -161.26 
2 1 SER A 39 ? ? -103.14 -162.73 
# 
_pdbx_SG_project.project_name          'PSI, Protein Structure Initiative' 
_pdbx_SG_project.full_name_of_center   'Joint Center for Structural Genomics' 
_pdbx_SG_project.id                    1 
_pdbx_SG_project.initial_of_center     JCSG 
# 
loop_
_pdbx_struct_mod_residue.id 
_pdbx_struct_mod_residue.label_asym_id 
_pdbx_struct_mod_residue.label_comp_id 
_pdbx_struct_mod_residue.label_seq_id 
_pdbx_struct_mod_residue.auth_asym_id 
_pdbx_struct_mod_residue.auth_comp_id 
_pdbx_struct_mod_residue.auth_seq_id 
_pdbx_struct_mod_residue.PDB_ins_code 
_pdbx_struct_mod_residue.parent_comp_id 
_pdbx_struct_mod_residue.details 
1 A MSE 2   A MSE 1   ? MET SELENOMETHIONINE 
2 A MSE 27  A MSE 26  ? MET SELENOMETHIONINE 
3 A MSE 37  A MSE 36  ? MET SELENOMETHIONINE 
4 A MSE 77  A MSE 76  ? MET SELENOMETHIONINE 
5 A MSE 84  A MSE 83  ? MET SELENOMETHIONINE 
6 A MSE 117 A MSE 116 ? MET SELENOMETHIONINE 
# 
_pdbx_refine_tls.id               1 
_pdbx_refine_tls.details          ? 
_pdbx_refine_tls.method           refined 
_pdbx_refine_tls.origin_x         -0.2071 
_pdbx_refine_tls.origin_y         0.1534 
_pdbx_refine_tls.origin_z         0.3302 
_pdbx_refine_tls.T[1][1]          0.0074 
_pdbx_refine_tls.T[2][2]          -0.0340 
_pdbx_refine_tls.T[3][3]          -0.0172 
_pdbx_refine_tls.T[1][2]          -0.0129 
_pdbx_refine_tls.T[1][3]          0.0334 
_pdbx_refine_tls.T[2][3]          -0.0192 
_pdbx_refine_tls.L[1][1]          0.7316 
_pdbx_refine_tls.L[2][2]          2.1342 
_pdbx_refine_tls.L[3][3]          0.8812 
_pdbx_refine_tls.L[1][2]          0.0618 
_pdbx_refine_tls.L[1][3]          -0.0401 
_pdbx_refine_tls.L[2][3]          -0.9507 
_pdbx_refine_tls.S[1][1]          0.0959 
_pdbx_refine_tls.S[2][2]          -0.1326 
_pdbx_refine_tls.S[3][3]          0.0366 
_pdbx_refine_tls.S[1][2]          -0.0066 
_pdbx_refine_tls.S[1][3]          -0.0082 
_pdbx_refine_tls.S[2][3]          0.0775 
_pdbx_refine_tls.S[2][1]          0.2334 
_pdbx_refine_tls.S[3][1]          -0.0635 
_pdbx_refine_tls.S[3][2]          -0.0173 
_pdbx_refine_tls.pdbx_refine_id   'X-RAY DIFFRACTION' 
# 
_pdbx_refine_tls_group.id                  1 
_pdbx_refine_tls_group.refine_tls_id       1 
_pdbx_refine_tls_group.beg_label_asym_id   A 
_pdbx_refine_tls_group.beg_label_seq_id    2 
_pdbx_refine_tls_group.end_label_asym_id   A 
_pdbx_refine_tls_group.end_label_seq_id    122 
_pdbx_refine_tls_group.selection           ? 
_pdbx_refine_tls_group.beg_auth_asym_id    A 
_pdbx_refine_tls_group.beg_auth_seq_id     1 
_pdbx_refine_tls_group.end_auth_asym_id    A 
_pdbx_refine_tls_group.end_auth_seq_id     121 
_pdbx_refine_tls_group.pdbx_refine_id      'X-RAY DIFFRACTION' 
_pdbx_refine_tls_group.selection_details   ? 
# 
_phasing.method   MAD 
# 
_pdbx_database_remark.id     999 
_pdbx_database_remark.text   
;
SEQUENCE
THE CONSTRUCT WAS EXPRESSED WITH A PURIFICATION TAG
MGSDKIHHHHHHENLYFQG. THE TAG WAS REMOVED WITH TEV PROTEASE
LEAVING ONLY A GLYCINE (0) FOLLOWED BY THE TARGET SEQUENCE.
;
# 
_pdbx_unobs_or_zero_occ_residues.id               1 
_pdbx_unobs_or_zero_occ_residues.PDB_model_num    1 
_pdbx_unobs_or_zero_occ_residues.polymer_flag     Y 
_pdbx_unobs_or_zero_occ_residues.occupancy_flag   1 
_pdbx_unobs_or_zero_occ_residues.auth_asym_id     A 
_pdbx_unobs_or_zero_occ_residues.auth_comp_id     GLY 
_pdbx_unobs_or_zero_occ_residues.auth_seq_id      0 
_pdbx_unobs_or_zero_occ_residues.PDB_ins_code     ? 
_pdbx_unobs_or_zero_occ_residues.label_asym_id    A 
_pdbx_unobs_or_zero_occ_residues.label_comp_id    GLY 
_pdbx_unobs_or_zero_occ_residues.label_seq_id     1 
# 
loop_
_chem_comp_atom.comp_id 
_chem_comp_atom.atom_id 
_chem_comp_atom.type_symbol 
_chem_comp_atom.pdbx_aromatic_flag 
_chem_comp_atom.pdbx_stereo_config 
_chem_comp_atom.pdbx_ordinal 
ALA N    N  N N 1   
ALA CA   C  N S 2   
ALA C    C  N N 3   
ALA O    O  N N 4   
ALA CB   C  N N 5   
ALA OXT  O  N N 6   
ALA H    H  N N 7   
ALA H2   H  N N 8   
ALA HA   H  N N 9   
ALA HB1  H  N N 10  
ALA HB2  H  N N 11  
ALA HB3  H  N N 12  
ALA HXT  H  N N 13  
ARG N    N  N N 14  
ARG CA   C  N S 15  
ARG C    C  N N 16  
ARG O    O  N N 17  
ARG CB   C  N N 18  
ARG CG   C  N N 19  
ARG CD   C  N N 20  
ARG NE   N  N N 21  
ARG CZ   C  N N 22  
ARG NH1  N  N N 23  
ARG NH2  N  N N 24  
ARG OXT  O  N N 25  
ARG H    H  N N 26  
ARG H2   H  N N 27  
ARG HA   H  N N 28  
ARG HB2  H  N N 29  
ARG HB3  H  N N 30  
ARG HG2  H  N N 31  
ARG HG3  H  N N 32  
ARG HD2  H  N N 33  
ARG HD3  H  N N 34  
ARG HE   H  N N 35  
ARG HH11 H  N N 36  
ARG HH12 H  N N 37  
ARG HH21 H  N N 38  
ARG HH22 H  N N 39  
ARG HXT  H  N N 40  
ASN N    N  N N 41  
ASN CA   C  N S 42  
ASN C    C  N N 43  
ASN O    O  N N 44  
ASN CB   C  N N 45  
ASN CG   C  N N 46  
ASN OD1  O  N N 47  
ASN ND2  N  N N 48  
ASN OXT  O  N N 49  
ASN H    H  N N 50  
ASN H2   H  N N 51  
ASN HA   H  N N 52  
ASN HB2  H  N N 53  
ASN HB3  H  N N 54  
ASN HD21 H  N N 55  
ASN HD22 H  N N 56  
ASN HXT  H  N N 57  
ASP N    N  N N 58  
ASP CA   C  N S 59  
ASP C    C  N N 60  
ASP O    O  N N 61  
ASP CB   C  N N 62  
ASP CG   C  N N 63  
ASP OD1  O  N N 64  
ASP OD2  O  N N 65  
ASP OXT  O  N N 66  
ASP H    H  N N 67  
ASP H2   H  N N 68  
ASP HA   H  N N 69  
ASP HB2  H  N N 70  
ASP HB3  H  N N 71  
ASP HD2  H  N N 72  
ASP HXT  H  N N 73  
CL  CL   CL N N 74  
EDO C1   C  N N 75  
EDO O1   O  N N 76  
EDO C2   C  N N 77  
EDO O2   O  N N 78  
EDO H11  H  N N 79  
EDO H12  H  N N 80  
EDO HO1  H  N N 81  
EDO H21  H  N N 82  
EDO H22  H  N N 83  
EDO HO2  H  N N 84  
GLN N    N  N N 85  
GLN CA   C  N S 86  
GLN C    C  N N 87  
GLN O    O  N N 88  
GLN CB   C  N N 89  
GLN CG   C  N N 90  
GLN CD   C  N N 91  
GLN OE1  O  N N 92  
GLN NE2  N  N N 93  
GLN OXT  O  N N 94  
GLN H    H  N N 95  
GLN H2   H  N N 96  
GLN HA   H  N N 97  
GLN HB2  H  N N 98  
GLN HB3  H  N N 99  
GLN HG2  H  N N 100 
GLN HG3  H  N N 101 
GLN HE21 H  N N 102 
GLN HE22 H  N N 103 
GLN HXT  H  N N 104 
GLU N    N  N N 105 
GLU CA   C  N S 106 
GLU C    C  N N 107 
GLU O    O  N N 108 
GLU CB   C  N N 109 
GLU CG   C  N N 110 
GLU CD   C  N N 111 
GLU OE1  O  N N 112 
GLU OE2  O  N N 113 
GLU OXT  O  N N 114 
GLU H    H  N N 115 
GLU H2   H  N N 116 
GLU HA   H  N N 117 
GLU HB2  H  N N 118 
GLU HB3  H  N N 119 
GLU HG2  H  N N 120 
GLU HG3  H  N N 121 
GLU HE2  H  N N 122 
GLU HXT  H  N N 123 
GLY N    N  N N 124 
GLY CA   C  N N 125 
GLY C    C  N N 126 
GLY O    O  N N 127 
GLY OXT  O  N N 128 
GLY H    H  N N 129 
GLY H2   H  N N 130 
GLY HA2  H  N N 131 
GLY HA3  H  N N 132 
GLY HXT  H  N N 133 
HIS N    N  N N 134 
HIS CA   C  N S 135 
HIS C    C  N N 136 
HIS O    O  N N 137 
HIS CB   C  N N 138 
HIS CG   C  Y N 139 
HIS ND1  N  Y N 140 
HIS CD2  C  Y N 141 
HIS CE1  C  Y N 142 
HIS NE2  N  Y N 143 
HIS OXT  O  N N 144 
HIS H    H  N N 145 
HIS H2   H  N N 146 
HIS HA   H  N N 147 
HIS HB2  H  N N 148 
HIS HB3  H  N N 149 
HIS HD1  H  N N 150 
HIS HD2  H  N N 151 
HIS HE1  H  N N 152 
HIS HE2  H  N N 153 
HIS HXT  H  N N 154 
HOH O    O  N N 155 
HOH H1   H  N N 156 
HOH H2   H  N N 157 
ILE N    N  N N 158 
ILE CA   C  N S 159 
ILE C    C  N N 160 
ILE O    O  N N 161 
ILE CB   C  N S 162 
ILE CG1  C  N N 163 
ILE CG2  C  N N 164 
ILE CD1  C  N N 165 
ILE OXT  O  N N 166 
ILE H    H  N N 167 
ILE H2   H  N N 168 
ILE HA   H  N N 169 
ILE HB   H  N N 170 
ILE HG12 H  N N 171 
ILE HG13 H  N N 172 
ILE HG21 H  N N 173 
ILE HG22 H  N N 174 
ILE HG23 H  N N 175 
ILE HD11 H  N N 176 
ILE HD12 H  N N 177 
ILE HD13 H  N N 178 
ILE HXT  H  N N 179 
LEU N    N  N N 180 
LEU CA   C  N S 181 
LEU C    C  N N 182 
LEU O    O  N N 183 
LEU CB   C  N N 184 
LEU CG   C  N N 185 
LEU CD1  C  N N 186 
LEU CD2  C  N N 187 
LEU OXT  O  N N 188 
LEU H    H  N N 189 
LEU H2   H  N N 190 
LEU HA   H  N N 191 
LEU HB2  H  N N 192 
LEU HB3  H  N N 193 
LEU HG   H  N N 194 
LEU HD11 H  N N 195 
LEU HD12 H  N N 196 
LEU HD13 H  N N 197 
LEU HD21 H  N N 198 
LEU HD22 H  N N 199 
LEU HD23 H  N N 200 
LEU HXT  H  N N 201 
LYS N    N  N N 202 
LYS CA   C  N S 203 
LYS C    C  N N 204 
LYS O    O  N N 205 
LYS CB   C  N N 206 
LYS CG   C  N N 207 
LYS CD   C  N N 208 
LYS CE   C  N N 209 
LYS NZ   N  N N 210 
LYS OXT  O  N N 211 
LYS H    H  N N 212 
LYS H2   H  N N 213 
LYS HA   H  N N 214 
LYS HB2  H  N N 215 
LYS HB3  H  N N 216 
LYS HG2  H  N N 217 
LYS HG3  H  N N 218 
LYS HD2  H  N N 219 
LYS HD3  H  N N 220 
LYS HE2  H  N N 221 
LYS HE3  H  N N 222 
LYS HZ1  H  N N 223 
LYS HZ2  H  N N 224 
LYS HZ3  H  N N 225 
LYS HXT  H  N N 226 
MSE N    N  N N 227 
MSE CA   C  N S 228 
MSE C    C  N N 229 
MSE O    O  N N 230 
MSE OXT  O  N N 231 
MSE CB   C  N N 232 
MSE CG   C  N N 233 
MSE SE   SE N N 234 
MSE CE   C  N N 235 
MSE H    H  N N 236 
MSE H2   H  N N 237 
MSE HA   H  N N 238 
MSE HXT  H  N N 239 
MSE HB2  H  N N 240 
MSE HB3  H  N N 241 
MSE HG2  H  N N 242 
MSE HG3  H  N N 243 
MSE HE1  H  N N 244 
MSE HE2  H  N N 245 
MSE HE3  H  N N 246 
PHE N    N  N N 247 
PHE CA   C  N S 248 
PHE C    C  N N 249 
PHE O    O  N N 250 
PHE CB   C  N N 251 
PHE CG   C  Y N 252 
PHE CD1  C  Y N 253 
PHE CD2  C  Y N 254 
PHE CE1  C  Y N 255 
PHE CE2  C  Y N 256 
PHE CZ   C  Y N 257 
PHE OXT  O  N N 258 
PHE H    H  N N 259 
PHE H2   H  N N 260 
PHE HA   H  N N 261 
PHE HB2  H  N N 262 
PHE HB3  H  N N 263 
PHE HD1  H  N N 264 
PHE HD2  H  N N 265 
PHE HE1  H  N N 266 
PHE HE2  H  N N 267 
PHE HZ   H  N N 268 
PHE HXT  H  N N 269 
PRO N    N  N N 270 
PRO CA   C  N S 271 
PRO C    C  N N 272 
PRO O    O  N N 273 
PRO CB   C  N N 274 
PRO CG   C  N N 275 
PRO CD   C  N N 276 
PRO OXT  O  N N 277 
PRO H    H  N N 278 
PRO HA   H  N N 279 
PRO HB2  H  N N 280 
PRO HB3  H  N N 281 
PRO HG2  H  N N 282 
PRO HG3  H  N N 283 
PRO HD2  H  N N 284 
PRO HD3  H  N N 285 
PRO HXT  H  N N 286 
SER N    N  N N 287 
SER CA   C  N S 288 
SER C    C  N N 289 
SER O    O  N N 290 
SER CB   C  N N 291 
SER OG   O  N N 292 
SER OXT  O  N N 293 
SER H    H  N N 294 
SER H2   H  N N 295 
SER HA   H  N N 296 
SER HB2  H  N N 297 
SER HB3  H  N N 298 
SER HG   H  N N 299 
SER HXT  H  N N 300 
THR N    N  N N 301 
THR CA   C  N S 302 
THR C    C  N N 303 
THR O    O  N N 304 
THR CB   C  N R 305 
THR OG1  O  N N 306 
THR CG2  C  N N 307 
THR OXT  O  N N 308 
THR H    H  N N 309 
THR H2   H  N N 310 
THR HA   H  N N 311 
THR HB   H  N N 312 
THR HG1  H  N N 313 
THR HG21 H  N N 314 
THR HG22 H  N N 315 
THR HG23 H  N N 316 
THR HXT  H  N N 317 
TRP N    N  N N 318 
TRP CA   C  N S 319 
TRP C    C  N N 320 
TRP O    O  N N 321 
TRP CB   C  N N 322 
TRP CG   C  Y N 323 
TRP CD1  C  Y N 324 
TRP CD2  C  Y N 325 
TRP NE1  N  Y N 326 
TRP CE2  C  Y N 327 
TRP CE3  C  Y N 328 
TRP CZ2  C  Y N 329 
TRP CZ3  C  Y N 330 
TRP CH2  C  Y N 331 
TRP OXT  O  N N 332 
TRP H    H  N N 333 
TRP H2   H  N N 334 
TRP HA   H  N N 335 
TRP HB2  H  N N 336 
TRP HB3  H  N N 337 
TRP HD1  H  N N 338 
TRP HE1  H  N N 339 
TRP HE3  H  N N 340 
TRP HZ2  H  N N 341 
TRP HZ3  H  N N 342 
TRP HH2  H  N N 343 
TRP HXT  H  N N 344 
TYR N    N  N N 345 
TYR CA   C  N S 346 
TYR C    C  N N 347 
TYR O    O  N N 348 
TYR CB   C  N N 349 
TYR CG   C  Y N 350 
TYR CD1  C  Y N 351 
TYR CD2  C  Y N 352 
TYR CE1  C  Y N 353 
TYR CE2  C  Y N 354 
TYR CZ   C  Y N 355 
TYR OH   O  N N 356 
TYR OXT  O  N N 357 
TYR H    H  N N 358 
TYR H2   H  N N 359 
TYR HA   H  N N 360 
TYR HB2  H  N N 361 
TYR HB3  H  N N 362 
TYR HD1  H  N N 363 
TYR HD2  H  N N 364 
TYR HE1  H  N N 365 
TYR HE2  H  N N 366 
TYR HH   H  N N 367 
TYR HXT  H  N N 368 
VAL N    N  N N 369 
VAL CA   C  N S 370 
VAL C    C  N N 371 
VAL O    O  N N 372 
VAL CB   C  N N 373 
VAL CG1  C  N N 374 
VAL CG2  C  N N 375 
VAL OXT  O  N N 376 
VAL H    H  N N 377 
VAL H2   H  N N 378 
VAL HA   H  N N 379 
VAL HB   H  N N 380 
VAL HG11 H  N N 381 
VAL HG12 H  N N 382 
VAL HG13 H  N N 383 
VAL HG21 H  N N 384 
VAL HG22 H  N N 385 
VAL HG23 H  N N 386 
VAL HXT  H  N N 387 
# 
loop_
_chem_comp_bond.comp_id 
_chem_comp_bond.atom_id_1 
_chem_comp_bond.atom_id_2 
_chem_comp_bond.value_order 
_chem_comp_bond.pdbx_aromatic_flag 
_chem_comp_bond.pdbx_stereo_config 
_chem_comp_bond.pdbx_ordinal 
ALA N   CA   sing N N 1   
ALA N   H    sing N N 2   
ALA N   H2   sing N N 3   
ALA CA  C    sing N N 4   
ALA CA  CB   sing N N 5   
ALA CA  HA   sing N N 6   
ALA C   O    doub N N 7   
ALA C   OXT  sing N N 8   
ALA CB  HB1  sing N N 9   
ALA CB  HB2  sing N N 10  
ALA CB  HB3  sing N N 11  
ALA OXT HXT  sing N N 12  
ARG N   CA   sing N N 13  
ARG N   H    sing N N 14  
ARG N   H2   sing N N 15  
ARG CA  C    sing N N 16  
ARG CA  CB   sing N N 17  
ARG CA  HA   sing N N 18  
ARG C   O    doub N N 19  
ARG C   OXT  sing N N 20  
ARG CB  CG   sing N N 21  
ARG CB  HB2  sing N N 22  
ARG CB  HB3  sing N N 23  
ARG CG  CD   sing N N 24  
ARG CG  HG2  sing N N 25  
ARG CG  HG3  sing N N 26  
ARG CD  NE   sing N N 27  
ARG CD  HD2  sing N N 28  
ARG CD  HD3  sing N N 29  
ARG NE  CZ   sing N N 30  
ARG NE  HE   sing N N 31  
ARG CZ  NH1  sing N N 32  
ARG CZ  NH2  doub N N 33  
ARG NH1 HH11 sing N N 34  
ARG NH1 HH12 sing N N 35  
ARG NH2 HH21 sing N N 36  
ARG NH2 HH22 sing N N 37  
ARG OXT HXT  sing N N 38  
ASN N   CA   sing N N 39  
ASN N   H    sing N N 40  
ASN N   H2   sing N N 41  
ASN CA  C    sing N N 42  
ASN CA  CB   sing N N 43  
ASN CA  HA   sing N N 44  
ASN C   O    doub N N 45  
ASN C   OXT  sing N N 46  
ASN CB  CG   sing N N 47  
ASN CB  HB2  sing N N 48  
ASN CB  HB3  sing N N 49  
ASN CG  OD1  doub N N 50  
ASN CG  ND2  sing N N 51  
ASN ND2 HD21 sing N N 52  
ASN ND2 HD22 sing N N 53  
ASN OXT HXT  sing N N 54  
ASP N   CA   sing N N 55  
ASP N   H    sing N N 56  
ASP N   H2   sing N N 57  
ASP CA  C    sing N N 58  
ASP CA  CB   sing N N 59  
ASP CA  HA   sing N N 60  
ASP C   O    doub N N 61  
ASP C   OXT  sing N N 62  
ASP CB  CG   sing N N 63  
ASP CB  HB2  sing N N 64  
ASP CB  HB3  sing N N 65  
ASP CG  OD1  doub N N 66  
ASP CG  OD2  sing N N 67  
ASP OD2 HD2  sing N N 68  
ASP OXT HXT  sing N N 69  
EDO C1  O1   sing N N 70  
EDO C1  C2   sing N N 71  
EDO C1  H11  sing N N 72  
EDO C1  H12  sing N N 73  
EDO O1  HO1  sing N N 74  
EDO C2  O2   sing N N 75  
EDO C2  H21  sing N N 76  
EDO C2  H22  sing N N 77  
EDO O2  HO2  sing N N 78  
GLN N   CA   sing N N 79  
GLN N   H    sing N N 80  
GLN N   H2   sing N N 81  
GLN CA  C    sing N N 82  
GLN CA  CB   sing N N 83  
GLN CA  HA   sing N N 84  
GLN C   O    doub N N 85  
GLN C   OXT  sing N N 86  
GLN CB  CG   sing N N 87  
GLN CB  HB2  sing N N 88  
GLN CB  HB3  sing N N 89  
GLN CG  CD   sing N N 90  
GLN CG  HG2  sing N N 91  
GLN CG  HG3  sing N N 92  
GLN CD  OE1  doub N N 93  
GLN CD  NE2  sing N N 94  
GLN NE2 HE21 sing N N 95  
GLN NE2 HE22 sing N N 96  
GLN OXT HXT  sing N N 97  
GLU N   CA   sing N N 98  
GLU N   H    sing N N 99  
GLU N   H2   sing N N 100 
GLU CA  C    sing N N 101 
GLU CA  CB   sing N N 102 
GLU CA  HA   sing N N 103 
GLU C   O    doub N N 104 
GLU C   OXT  sing N N 105 
GLU CB  CG   sing N N 106 
GLU CB  HB2  sing N N 107 
GLU CB  HB3  sing N N 108 
GLU CG  CD   sing N N 109 
GLU CG  HG2  sing N N 110 
GLU CG  HG3  sing N N 111 
GLU CD  OE1  doub N N 112 
GLU CD  OE2  sing N N 113 
GLU OE2 HE2  sing N N 114 
GLU OXT HXT  sing N N 115 
GLY N   CA   sing N N 116 
GLY N   H    sing N N 117 
GLY N   H2   sing N N 118 
GLY CA  C    sing N N 119 
GLY CA  HA2  sing N N 120 
GLY CA  HA3  sing N N 121 
GLY C   O    doub N N 122 
GLY C   OXT  sing N N 123 
GLY OXT HXT  sing N N 124 
HIS N   CA   sing N N 125 
HIS N   H    sing N N 126 
HIS N   H2   sing N N 127 
HIS CA  C    sing N N 128 
HIS CA  CB   sing N N 129 
HIS CA  HA   sing N N 130 
HIS C   O    doub N N 131 
HIS C   OXT  sing N N 132 
HIS CB  CG   sing N N 133 
HIS CB  HB2  sing N N 134 
HIS CB  HB3  sing N N 135 
HIS CG  ND1  sing Y N 136 
HIS CG  CD2  doub Y N 137 
HIS ND1 CE1  doub Y N 138 
HIS ND1 HD1  sing N N 139 
HIS CD2 NE2  sing Y N 140 
HIS CD2 HD2  sing N N 141 
HIS CE1 NE2  sing Y N 142 
HIS CE1 HE1  sing N N 143 
HIS NE2 HE2  sing N N 144 
HIS OXT HXT  sing N N 145 
HOH O   H1   sing N N 146 
HOH O   H2   sing N N 147 
ILE N   CA   sing N N 148 
ILE N   H    sing N N 149 
ILE N   H2   sing N N 150 
ILE CA  C    sing N N 151 
ILE CA  CB   sing N N 152 
ILE CA  HA   sing N N 153 
ILE C   O    doub N N 154 
ILE C   OXT  sing N N 155 
ILE CB  CG1  sing N N 156 
ILE CB  CG2  sing N N 157 
ILE CB  HB   sing N N 158 
ILE CG1 CD1  sing N N 159 
ILE CG1 HG12 sing N N 160 
ILE CG1 HG13 sing N N 161 
ILE CG2 HG21 sing N N 162 
ILE CG2 HG22 sing N N 163 
ILE CG2 HG23 sing N N 164 
ILE CD1 HD11 sing N N 165 
ILE CD1 HD12 sing N N 166 
ILE CD1 HD13 sing N N 167 
ILE OXT HXT  sing N N 168 
LEU N   CA   sing N N 169 
LEU N   H    sing N N 170 
LEU N   H2   sing N N 171 
LEU CA  C    sing N N 172 
LEU CA  CB   sing N N 173 
LEU CA  HA   sing N N 174 
LEU C   O    doub N N 175 
LEU C   OXT  sing N N 176 
LEU CB  CG   sing N N 177 
LEU CB  HB2  sing N N 178 
LEU CB  HB3  sing N N 179 
LEU CG  CD1  sing N N 180 
LEU CG  CD2  sing N N 181 
LEU CG  HG   sing N N 182 
LEU CD1 HD11 sing N N 183 
LEU CD1 HD12 sing N N 184 
LEU CD1 HD13 sing N N 185 
LEU CD2 HD21 sing N N 186 
LEU CD2 HD22 sing N N 187 
LEU CD2 HD23 sing N N 188 
LEU OXT HXT  sing N N 189 
LYS N   CA   sing N N 190 
LYS N   H    sing N N 191 
LYS N   H2   sing N N 192 
LYS CA  C    sing N N 193 
LYS CA  CB   sing N N 194 
LYS CA  HA   sing N N 195 
LYS C   O    doub N N 196 
LYS C   OXT  sing N N 197 
LYS CB  CG   sing N N 198 
LYS CB  HB2  sing N N 199 
LYS CB  HB3  sing N N 200 
LYS CG  CD   sing N N 201 
LYS CG  HG2  sing N N 202 
LYS CG  HG3  sing N N 203 
LYS CD  CE   sing N N 204 
LYS CD  HD2  sing N N 205 
LYS CD  HD3  sing N N 206 
LYS CE  NZ   sing N N 207 
LYS CE  HE2  sing N N 208 
LYS CE  HE3  sing N N 209 
LYS NZ  HZ1  sing N N 210 
LYS NZ  HZ2  sing N N 211 
LYS NZ  HZ3  sing N N 212 
LYS OXT HXT  sing N N 213 
MSE N   CA   sing N N 214 
MSE N   H    sing N N 215 
MSE N   H2   sing N N 216 
MSE CA  C    sing N N 217 
MSE CA  CB   sing N N 218 
MSE CA  HA   sing N N 219 
MSE C   O    doub N N 220 
MSE C   OXT  sing N N 221 
MSE OXT HXT  sing N N 222 
MSE CB  CG   sing N N 223 
MSE CB  HB2  sing N N 224 
MSE CB  HB3  sing N N 225 
MSE CG  SE   sing N N 226 
MSE CG  HG2  sing N N 227 
MSE CG  HG3  sing N N 228 
MSE SE  CE   sing N N 229 
MSE CE  HE1  sing N N 230 
MSE CE  HE2  sing N N 231 
MSE CE  HE3  sing N N 232 
PHE N   CA   sing N N 233 
PHE N   H    sing N N 234 
PHE N   H2   sing N N 235 
PHE CA  C    sing N N 236 
PHE CA  CB   sing N N 237 
PHE CA  HA   sing N N 238 
PHE C   O    doub N N 239 
PHE C   OXT  sing N N 240 
PHE CB  CG   sing N N 241 
PHE CB  HB2  sing N N 242 
PHE CB  HB3  sing N N 243 
PHE CG  CD1  doub Y N 244 
PHE CG  CD2  sing Y N 245 
PHE CD1 CE1  sing Y N 246 
PHE CD1 HD1  sing N N 247 
PHE CD2 CE2  doub Y N 248 
PHE CD2 HD2  sing N N 249 
PHE CE1 CZ   doub Y N 250 
PHE CE1 HE1  sing N N 251 
PHE CE2 CZ   sing Y N 252 
PHE CE2 HE2  sing N N 253 
PHE CZ  HZ   sing N N 254 
PHE OXT HXT  sing N N 255 
PRO N   CA   sing N N 256 
PRO N   CD   sing N N 257 
PRO N   H    sing N N 258 
PRO CA  C    sing N N 259 
PRO CA  CB   sing N N 260 
PRO CA  HA   sing N N 261 
PRO C   O    doub N N 262 
PRO C   OXT  sing N N 263 
PRO CB  CG   sing N N 264 
PRO CB  HB2  sing N N 265 
PRO CB  HB3  sing N N 266 
PRO CG  CD   sing N N 267 
PRO CG  HG2  sing N N 268 
PRO CG  HG3  sing N N 269 
PRO CD  HD2  sing N N 270 
PRO CD  HD3  sing N N 271 
PRO OXT HXT  sing N N 272 
SER N   CA   sing N N 273 
SER N   H    sing N N 274 
SER N   H2   sing N N 275 
SER CA  C    sing N N 276 
SER CA  CB   sing N N 277 
SER CA  HA   sing N N 278 
SER C   O    doub N N 279 
SER C   OXT  sing N N 280 
SER CB  OG   sing N N 281 
SER CB  HB2  sing N N 282 
SER CB  HB3  sing N N 283 
SER OG  HG   sing N N 284 
SER OXT HXT  sing N N 285 
THR N   CA   sing N N 286 
THR N   H    sing N N 287 
THR N   H2   sing N N 288 
THR CA  C    sing N N 289 
THR CA  CB   sing N N 290 
THR CA  HA   sing N N 291 
THR C   O    doub N N 292 
THR C   OXT  sing N N 293 
THR CB  OG1  sing N N 294 
THR CB  CG2  sing N N 295 
THR CB  HB   sing N N 296 
THR OG1 HG1  sing N N 297 
THR CG2 HG21 sing N N 298 
THR CG2 HG22 sing N N 299 
THR CG2 HG23 sing N N 300 
THR OXT HXT  sing N N 301 
TRP N   CA   sing N N 302 
TRP N   H    sing N N 303 
TRP N   H2   sing N N 304 
TRP CA  C    sing N N 305 
TRP CA  CB   sing N N 306 
TRP CA  HA   sing N N 307 
TRP C   O    doub N N 308 
TRP C   OXT  sing N N 309 
TRP CB  CG   sing N N 310 
TRP CB  HB2  sing N N 311 
TRP CB  HB3  sing N N 312 
TRP CG  CD1  doub Y N 313 
TRP CG  CD2  sing Y N 314 
TRP CD1 NE1  sing Y N 315 
TRP CD1 HD1  sing N N 316 
TRP CD2 CE2  doub Y N 317 
TRP CD2 CE3  sing Y N 318 
TRP NE1 CE2  sing Y N 319 
TRP NE1 HE1  sing N N 320 
TRP CE2 CZ2  sing Y N 321 
TRP CE3 CZ3  doub Y N 322 
TRP CE3 HE3  sing N N 323 
TRP CZ2 CH2  doub Y N 324 
TRP CZ2 HZ2  sing N N 325 
TRP CZ3 CH2  sing Y N 326 
TRP CZ3 HZ3  sing N N 327 
TRP CH2 HH2  sing N N 328 
TRP OXT HXT  sing N N 329 
TYR N   CA   sing N N 330 
TYR N   H    sing N N 331 
TYR N   H2   sing N N 332 
TYR CA  C    sing N N 333 
TYR CA  CB   sing N N 334 
TYR CA  HA   sing N N 335 
TYR C   O    doub N N 336 
TYR C   OXT  sing N N 337 
TYR CB  CG   sing N N 338 
TYR CB  HB2  sing N N 339 
TYR CB  HB3  sing N N 340 
TYR CG  CD1  doub Y N 341 
TYR CG  CD2  sing Y N 342 
TYR CD1 CE1  sing Y N 343 
TYR CD1 HD1  sing N N 344 
TYR CD2 CE2  doub Y N 345 
TYR CD2 HD2  sing N N 346 
TYR CE1 CZ   doub Y N 347 
TYR CE1 HE1  sing N N 348 
TYR CE2 CZ   sing Y N 349 
TYR CE2 HE2  sing N N 350 
TYR CZ  OH   sing N N 351 
TYR OH  HH   sing N N 352 
TYR OXT HXT  sing N N 353 
VAL N   CA   sing N N 354 
VAL N   H    sing N N 355 
VAL N   H2   sing N N 356 
VAL CA  C    sing N N 357 
VAL CA  CB   sing N N 358 
VAL CA  HA   sing N N 359 
VAL C   O    doub N N 360 
VAL C   OXT  sing N N 361 
VAL CB  CG1  sing N N 362 
VAL CB  CG2  sing N N 363 
VAL CB  HB   sing N N 364 
VAL CG1 HG11 sing N N 365 
VAL CG1 HG12 sing N N 366 
VAL CG1 HG13 sing N N 367 
VAL CG2 HG21 sing N N 368 
VAL CG2 HG22 sing N N 369 
VAL CG2 HG23 sing N N 370 
VAL OXT HXT  sing N N 371 
# 
_atom_sites.entry_id                    3B7C 
_atom_sites.fract_transf_matrix[1][1]   -0.00343465 
_atom_sites.fract_transf_matrix[1][2]   0.01709419 
_atom_sites.fract_transf_matrix[1][3]   -0.00057815 
_atom_sites.fract_transf_matrix[2][1]   -0.00825725 
_atom_sites.fract_transf_matrix[2][2]   0.00677645 
_atom_sites.fract_transf_matrix[2][3]   -0.01379223 
_atom_sites.fract_transf_matrix[3][1]   -0.00697767 
_atom_sites.fract_transf_matrix[3][2]   -0.00128201 
_atom_sites.fract_transf_matrix[3][3]   0.00354757 
_atom_sites.fract_transf_vector[1]      0.121404 
_atom_sites.fract_transf_vector[2]      0.505671 
_atom_sites.fract_transf_vector[3]      0.007980 
# 
loop_
_atom_type.symbol 
C  
CL 
N  
O  
SE 
# 
loop_
_atom_site.group_PDB 
_atom_site.id 
_atom_site.type_symbol 
_atom_site.label_atom_id 
_atom_site.label_alt_id 
_atom_site.label_comp_id 
_atom_site.label_asym_id 
_atom_site.label_entity_id 
_atom_site.label_seq_id 
_atom_site.pdbx_PDB_ins_code 
_atom_site.Cartn_x 
_atom_site.Cartn_y 
_atom_site.Cartn_z 
_atom_site.occupancy 
_atom_site.B_iso_or_equiv 
_atom_site.pdbx_formal_charge 
_atom_site.auth_seq_id 
_atom_site.auth_comp_id 
_atom_site.auth_asym_id 
_atom_site.auth_atom_id 
_atom_site.pdbx_PDB_model_num 
HETATM 1    N  N   . MSE A 1 2   ? 2.237   18.967  8.027   1.00 23.78 ? 1   MSE A N   1 
HETATM 2    C  CA  . MSE A 1 2   ? 3.309   18.717  7.010   1.00 21.48 ? 1   MSE A CA  1 
HETATM 3    C  C   . MSE A 1 2   ? 2.952   17.496  6.190   1.00 19.38 ? 1   MSE A C   1 
HETATM 4    O  O   . MSE A 1 2   ? 2.545   16.474  6.748   1.00 17.05 ? 1   MSE A O   1 
HETATM 5    C  CB  . MSE A 1 2   ? 4.665   18.454  7.659   1.00 18.63 ? 1   MSE A CB  1 
HETATM 6    C  CG  . MSE A 1 2   ? 5.079   19.374  8.756   1.00 22.37 ? 1   MSE A CG  1 
HETATM 7    SE SE  . MSE A 1 2   ? 6.358   20.624  8.088   0.75 21.38 ? 1   MSE A SE  1 
HETATM 8    C  CE  . MSE A 1 2   ? 6.569   21.590  9.753   1.00 15.53 ? 1   MSE A CE  1 
ATOM   9    N  N   . PRO A 1 3   ? 3.071   17.592  4.859   1.00 21.42 ? 2   PRO A N   1 
ATOM   10   C  CA  . PRO A 1 3   ? 2.774   16.440  4.053   1.00 21.16 ? 2   PRO A CA  1 
ATOM   11   C  C   . PRO A 1 3   ? 3.516   15.151  4.422   1.00 17.60 ? 2   PRO A C   1 
ATOM   12   O  O   . PRO A 1 3   ? 2.961   14.089  4.279   1.00 15.25 ? 2   PRO A O   1 
ATOM   13   C  CB  . PRO A 1 3   ? 3.113   16.896  2.626   1.00 22.31 ? 2   PRO A CB  1 
ATOM   14   C  CG  . PRO A 1 3   ? 2.939   18.337  2.657   1.00 24.28 ? 2   PRO A CG  1 
ATOM   15   C  CD  . PRO A 1 3   ? 3.335   18.781  4.027   1.00 23.04 ? 2   PRO A CD  1 
ATOM   16   N  N   . THR A 1 4   ? 4.771   15.228  4.840   1.00 14.18 ? 3   THR A N   1 
ATOM   17   C  CA  . THR A 1 4   ? 5.496   14.009  5.102   1.00 13.71 ? 3   THR A CA  1 
ATOM   18   C  C   . THR A 1 4   ? 4.815   13.314  6.283   1.00 14.98 ? 3   THR A C   1 
ATOM   19   O  O   . THR A 1 4   ? 4.729   12.086  6.304   1.00 14.21 ? 3   THR A O   1 
ATOM   20   C  CB  . THR A 1 4   ? 6.997   14.241  5.395   1.00 13.24 ? 3   THR A CB  1 
ATOM   21   O  OG1 . THR A 1 4   ? 7.139   15.210  6.468   1.00 12.35 ? 3   THR A OG1 1 
ATOM   22   C  CG2 . THR A 1 4   ? 7.727   14.706  4.083   1.00 11.10 ? 3   THR A CG2 1 
ATOM   23   N  N   . ASP A 1 5   ? 4.282   14.115  7.219   1.00 13.96 ? 4   ASP A N   1 
ATOM   24   C  CA  . ASP A 1 5   ? 3.611   13.560  8.398   1.00 16.82 ? 4   ASP A CA  1 
ATOM   25   C  C   . ASP A 1 5   ? 2.307   12.867  7.993   1.00 18.35 ? 4   ASP A C   1 
ATOM   26   O  O   . ASP A 1 5   ? 1.979   11.783  8.511   1.00 18.15 ? 4   ASP A O   1 
ATOM   27   C  CB  . ASP A 1 5   ? 3.295   14.610  9.453   1.00 18.60 ? 4   ASP A CB  1 
ATOM   28   C  CG  . ASP A 1 5   ? 4.544   15.142  10.141  1.00 21.43 ? 4   ASP A CG  1 
ATOM   29   O  OD1 . ASP A 1 5   ? 5.491   14.339  10.336  1.00 28.31 ? 4   ASP A OD1 1 
ATOM   30   O  OD2 . ASP A 1 5   ? 4.532   16.335  10.463  1.00 19.59 ? 4   ASP A OD2 1 
ATOM   31   N  N   . ASP A 1 6   ? 1.583   13.491  7.065   1.00 16.14 ? 5   ASP A N   1 
ATOM   32   C  CA  . ASP A 1 6   ? 0.355   12.900  6.552   1.00 17.77 ? 5   ASP A CA  1 
ATOM   33   C  C   . ASP A 1 6   ? 0.656   11.625  5.796   1.00 16.82 ? 5   ASP A C   1 
ATOM   34   O  O   . ASP A 1 6   ? -0.143  10.653  5.872   1.00 15.10 ? 5   ASP A O   1 
ATOM   35   C  CB  . ASP A 1 6   ? -0.433  13.887  5.662   1.00 19.14 ? 5   ASP A CB  1 
ATOM   36   C  CG  . ASP A 1 6   ? -0.919  15.125  6.420   1.00 18.43 ? 5   ASP A CG  1 
ATOM   37   O  OD1 . ASP A 1 6   ? -0.986  15.096  7.647   1.00 19.75 ? 5   ASP A OD1 1 
ATOM   38   O  OD2 . ASP A 1 6   ? -1.242  16.144  5.785   1.00 21.81 ? 5   ASP A OD2 1 
ATOM   39   N  N   . ILE A 1 7   ? 1.799   11.577  5.080   1.00 14.53 ? 6   ILE A N   1 
ATOM   40   C  CA  . ILE A 1 7   ? 2.157   10.398  4.290   1.00 14.72 ? 6   ILE A CA  1 
ATOM   41   C  C   . ILE A 1 7   ? 2.565   9.246   5.202   1.00 16.43 ? 6   ILE A C   1 
ATOM   42   O  O   . ILE A 1 7   ? 2.156   8.083   5.035   1.00 16.56 ? 6   ILE A O   1 
ATOM   43   C  CB  . ILE A 1 7   ? 3.199   10.743  3.237   1.00 14.32 ? 6   ILE A CB  1 
ATOM   44   C  CG1 . ILE A 1 7   ? 2.530   11.623  2.167   1.00 11.90 ? 6   ILE A CG1 1 
ATOM   45   C  CG2 . ILE A 1 7   ? 3.810   9.520   2.640   1.00 16.22 ? 6   ILE A CG2 1 
ATOM   46   C  CD1 . ILE A 1 7   ? 3.549   12.352  1.260   1.00 17.24 ? 6   ILE A CD1 1 
ATOM   47   N  N   . VAL A 1 8   ? 3.317   9.593   6.244   1.00 12.59 ? 7   VAL A N   1 
ATOM   48   C  CA  . VAL A 1 8   ? 3.677   8.631   7.277   1.00 14.89 ? 7   VAL A CA  1 
ATOM   49   C  C   . VAL A 1 8   ? 2.414   8.035   7.938   1.00 15.79 ? 7   VAL A C   1 
ATOM   50   O  O   . VAL A 1 8   ? 2.330   6.830   8.157   1.00 14.63 ? 7   VAL A O   1 
ATOM   51   C  CB  . VAL A 1 8   ? 4.596   9.223   8.358   1.00 15.16 ? 7   VAL A CB  1 
ATOM   52   C  CG1 . VAL A 1 8   ? 4.712   8.233   9.558   1.00 13.16 ? 7   VAL A CG1 1 
ATOM   53   C  CG2 . VAL A 1 8   ? 6.003   9.546   7.782   1.00 16.75 ? 7   VAL A CG2 1 
ATOM   54   N  N   . GLN A 1 9   ? 1.452   8.889   8.266   1.00 15.27 ? 8   GLN A N   1 
ATOM   55   C  CA  . GLN A 1 9   ? 0.204   8.452   8.874   1.00 17.60 ? 8   GLN A CA  1 
ATOM   56   C  C   . GLN A 1 9   ? -0.643  7.564   7.961   1.00 15.86 ? 8   GLN A C   1 
ATOM   57   O  O   . GLN A 1 9   ? -1.290  6.653   8.430   1.00 14.68 ? 8   GLN A O   1 
ATOM   58   C  CB  . GLN A 1 9   ? -0.614  9.661   9.319   1.00 18.31 ? 8   GLN A CB  1 
ATOM   59   C  CG  . GLN A 1 9   ? -1.970  9.268   9.922   1.00 24.47 ? 8   GLN A CG  1 
ATOM   60   C  CD  . GLN A 1 9   ? -1.859  8.269   11.082  1.00 30.45 ? 8   GLN A CD  1 
ATOM   61   O  OE1 . GLN A 1 9   ? -1.004  8.420   11.961  1.00 38.63 ? 8   GLN A OE1 1 
ATOM   62   N  NE2 . GLN A 1 9   ? -2.720  7.241   11.082  1.00 29.68 ? 8   GLN A NE2 1 
ATOM   63   N  N   A LEU A 1 10  ? -0.669  7.882   6.675   0.50 16.24 ? 9   LEU A N   1 
ATOM   64   N  N   B LEU A 1 10  ? -0.668  7.864   6.659   0.50 16.45 ? 9   LEU A N   1 
ATOM   65   C  CA  A LEU A 1 10  ? -1.311  7.045   5.678   0.50 15.81 ? 9   LEU A CA  1 
ATOM   66   C  CA  B LEU A 1 10  ? -1.310  6.996   5.662   0.50 16.32 ? 9   LEU A CA  1 
ATOM   67   C  C   A LEU A 1 10  ? -0.796  5.612   5.746   0.50 15.25 ? 9   LEU A C   1 
ATOM   68   C  C   B LEU A 1 10  ? -0.797  5.592   5.816   0.50 15.93 ? 9   LEU A C   1 
ATOM   69   O  O   A LEU A 1 10  ? -1.586  4.668   5.753   0.50 14.70 ? 9   LEU A O   1 
ATOM   70   O  O   B LEU A 1 10  ? -1.580  4.654   5.966   0.50 16.30 ? 9   LEU A O   1 
ATOM   71   C  CB  A LEU A 1 10  ? -1.049  7.628   4.283   0.50 17.32 ? 9   LEU A CB  1 
ATOM   72   C  CB  B LEU A 1 10  ? -1.003  7.461   4.222   0.50 17.77 ? 9   LEU A CB  1 
ATOM   73   C  CG  A LEU A 1 10  ? -1.474  6.817   3.064   0.50 16.26 ? 9   LEU A CG  1 
ATOM   74   C  CG  B LEU A 1 10  ? -1.672  6.785   3.005   0.50 16.58 ? 9   LEU A CG  1 
ATOM   75   C  CD1 A LEU A 1 10  ? -2.983  6.891   2.883   0.50 22.55 ? 9   LEU A CD1 1 
ATOM   76   C  CD1 B LEU A 1 10  ? -1.523  7.759   1.798   0.50 15.95 ? 9   LEU A CD1 1 
ATOM   77   C  CD2 A LEU A 1 10  ? -0.741  7.340   1.817   0.50 15.37 ? 9   LEU A CD2 1 
ATOM   78   C  CD2 B LEU A 1 10  ? -1.173  5.337   2.617   0.50 12.16 ? 9   LEU A CD2 1 
ATOM   79   N  N   . LEU A 1 11  ? 0.527   5.449   5.793   1.00 14.27 ? 10  LEU A N   1 
ATOM   80   C  CA  . LEU A 1 11  ? 1.127   4.116   5.865   1.00 14.45 ? 10  LEU A CA  1 
ATOM   81   C  C   . LEU A 1 11  ? 0.937   3.468   7.237   1.00 16.95 ? 10  LEU A C   1 
ATOM   82   O  O   . LEU A 1 11  ? 0.676   2.241   7.342   1.00 16.24 ? 10  LEU A O   1 
ATOM   83   C  CB  . LEU A 1 11  ? 2.601   4.093   5.434   1.00 15.98 ? 10  LEU A CB  1 
ATOM   84   C  CG  . LEU A 1 11  ? 2.814   4.364   3.934   1.00 21.89 ? 10  LEU A CG  1 
ATOM   85   C  CD1 . LEU A 1 11  ? 4.356   4.466   3.630   1.00 31.29 ? 10  LEU A CD1 1 
ATOM   86   C  CD2 . LEU A 1 11  ? 2.126   3.325   3.033   1.00 28.57 ? 10  LEU A CD2 1 
ATOM   87   N  N   . LYS A 1 12  ? 1.009   4.271   8.291   1.00 12.78 ? 11  LYS A N   1 
ATOM   88   C  CA  . LYS A 1 12  ? 0.710   3.752   9.628   1.00 14.85 ? 11  LYS A CA  1 
ATOM   89   C  C   . LYS A 1 12  ? -0.744  3.267   9.692   1.00 12.77 ? 11  LYS A C   1 
ATOM   90   O  O   . LYS A 1 12  ? -0.992  2.197   10.232  1.00 14.59 ? 11  LYS A O   1 
ATOM   91   C  CB  . LYS A 1 12  ? 0.949   4.823   10.696  1.00 16.79 ? 11  LYS A CB  1 
ATOM   92   C  CG  . LYS A 1 12  ? 0.811   4.281   12.118  1.00 18.63 ? 11  LYS A CG  1 
ATOM   93   C  CD  . LYS A 1 12  ? 1.359   5.295   13.108  1.00 19.34 ? 11  LYS A CD  1 
ATOM   94   N  N   . GLY A 1 13  ? -1.691  4.030   9.154   1.00 13.31 ? 12  GLY A N   1 
ATOM   95   C  CA  . GLY A 1 13  ? -3.091  3.624   9.128   1.00 14.54 ? 12  GLY A CA  1 
ATOM   96   C  C   . GLY A 1 13  ? -3.331  2.302   8.396   1.00 15.74 ? 12  GLY A C   1 
ATOM   97   O  O   . GLY A 1 13  ? -4.164  1.449   8.808   1.00 16.55 ? 12  GLY A O   1 
ATOM   98   N  N   . GLN A 1 14  ? -2.607  2.118   7.296   1.00 14.48 ? 13  GLN A N   1 
ATOM   99   C  CA  . GLN A 1 14  ? -2.676  0.869   6.526   1.00 15.44 ? 13  GLN A CA  1 
ATOM   100  C  C   . GLN A 1 14  ? -2.133  -0.321  7.349   1.00 15.50 ? 13  GLN A C   1 
ATOM   101  O  O   . GLN A 1 14  ? -2.770  -1.330  7.383   1.00 15.60 ? 13  GLN A O   1 
ATOM   102  C  CB  . GLN A 1 14  ? -1.938  0.986   5.199   1.00 14.72 ? 13  GLN A CB  1 
ATOM   103  C  CG  . GLN A 1 14  ? -2.712  1.751   4.116   1.00 16.48 ? 13  GLN A CG  1 
ATOM   104  C  CD  . GLN A 1 14  ? -2.173  1.425   2.777   1.00 22.74 ? 13  GLN A CD  1 
ATOM   105  O  OE1 . GLN A 1 14  ? -0.938  1.435   2.607   1.00 20.50 ? 13  GLN A OE1 1 
ATOM   106  N  NE2 . GLN A 1 14  ? -3.059  1.073   1.810   1.00 16.64 ? 13  GLN A NE2 1 
ATOM   107  N  N   . GLU A 1 15  ? -0.980  -0.176  7.996   1.00 15.53 ? 14  GLU A N   1 
ATOM   108  C  CA  . GLU A 1 15  ? -0.477  -1.210  8.901   1.00 17.03 ? 14  GLU A CA  1 
ATOM   109  C  C   . GLU A 1 15  ? -1.547  -1.581  9.922   1.00 16.43 ? 14  GLU A C   1 
ATOM   110  O  O   . GLU A 1 15  ? -1.846  -2.745  10.152  1.00 14.45 ? 14  GLU A O   1 
ATOM   111  C  CB  . GLU A 1 15  ? 0.729   -0.681  9.680   1.00 20.15 ? 14  GLU A CB  1 
ATOM   112  C  CG  . GLU A 1 15  ? 1.960   -0.510  8.875   1.00 20.08 ? 14  GLU A CG  1 
ATOM   113  C  CD  . GLU A 1 15  ? 3.101   0.057   9.691   1.00 24.98 ? 14  GLU A CD  1 
ATOM   114  O  OE1 . GLU A 1 15  ? 2.858   0.720   10.727  1.00 25.66 ? 14  GLU A OE1 1 
ATOM   115  O  OE2 . GLU A 1 15  ? 4.255   -0.164  9.307   1.00 22.84 ? 14  GLU A OE2 1 
ATOM   116  N  N   . GLU A 1 16  ? -2.131  -0.572  10.544  1.00 17.45 ? 15  GLU A N   1 
ATOM   117  C  CA  . GLU A 1 16  ? -3.104  -0.799  11.618  1.00 18.28 ? 15  GLU A CA  1 
ATOM   118  C  C   . GLU A 1 16  ? -4.333  -1.491  11.109  1.00 13.69 ? 15  GLU A C   1 
ATOM   119  O  O   . GLU A 1 16  ? -4.790  -2.453  11.711  1.00 17.29 ? 15  GLU A O   1 
ATOM   120  C  CB  . GLU A 1 16  ? -3.450  0.531   12.315  1.00 15.80 ? 15  GLU A CB  1 
ATOM   121  C  CG  . GLU A 1 16  ? -2.232  1.067   13.116  1.00 15.60 ? 15  GLU A CG  1 
ATOM   122  C  CD  . GLU A 1 16  ? -2.406  2.465   13.659  1.00 24.92 ? 15  GLU A CD  1 
ATOM   123  O  OE1 . GLU A 1 16  ? -3.332  3.214   13.256  1.00 32.38 ? 15  GLU A OE1 1 
ATOM   124  O  OE2 . GLU A 1 16  ? -1.559  2.803   14.510  1.00 30.25 ? 15  GLU A OE2 1 
ATOM   125  N  N   . ALA A 1 17  ? -4.822  -1.084  9.933   1.00 15.92 ? 16  ALA A N   1 
ATOM   126  C  CA  . ALA A 1 17  ? -6.015  -1.706  9.371   1.00 12.53 ? 16  ALA A CA  1 
ATOM   127  C  C   . ALA A 1 17  ? -5.732  -3.147  9.020   1.00 16.67 ? 16  ALA A C   1 
ATOM   128  O  O   . ALA A 1 17  ? -6.506  -4.039  9.357   1.00 16.80 ? 16  ALA A O   1 
ATOM   129  C  CB  . ALA A 1 17  ? -6.503  -0.972  8.156   1.00 13.18 ? 16  ALA A CB  1 
ATOM   130  N  N   . TRP A 1 18  ? -4.614  -3.387  8.329   1.00 13.42 ? 17  TRP A N   1 
ATOM   131  C  CA  . TRP A 1 18  ? -4.203  -4.742  7.991   1.00 12.03 ? 17  TRP A CA  1 
ATOM   132  C  C   . TRP A 1 18  ? -4.100  -5.628  9.245   1.00 15.53 ? 17  TRP A C   1 
ATOM   133  O  O   . TRP A 1 18  ? -4.588  -6.746  9.246   1.00 15.64 ? 17  TRP A O   1 
ATOM   134  C  CB  . TRP A 1 18  ? -2.917  -4.726  7.213   1.00 14.28 ? 17  TRP A CB  1 
ATOM   135  C  CG  . TRP A 1 18  ? -2.434  -6.058  6.765   1.00 14.88 ? 17  TRP A CG  1 
ATOM   136  C  CD1 . TRP A 1 18  ? -1.717  -6.962  7.477   1.00 13.61 ? 17  TRP A CD1 1 
ATOM   137  C  CD2 . TRP A 1 18  ? -2.545  -6.563  5.430   1.00 14.05 ? 17  TRP A CD2 1 
ATOM   138  N  NE1 . TRP A 1 18  ? -1.396  -8.031  6.657   1.00 15.91 ? 17  TRP A NE1 1 
ATOM   139  C  CE2 . TRP A 1 18  ? -1.910  -7.801  5.402   1.00 15.77 ? 17  TRP A CE2 1 
ATOM   140  C  CE3 . TRP A 1 18  ? -3.196  -6.095  4.275   1.00 18.33 ? 17  TRP A CE3 1 
ATOM   141  C  CZ2 . TRP A 1 18  ? -1.864  -8.588  4.238   1.00 18.56 ? 17  TRP A CZ2 1 
ATOM   142  C  CZ3 . TRP A 1 18  ? -3.167  -6.865  3.135   1.00 22.51 ? 17  TRP A CZ3 1 
ATOM   143  C  CH2 . TRP A 1 18  ? -2.529  -8.113  3.132   1.00 17.64 ? 17  TRP A CH2 1 
ATOM   144  N  N   . ASN A 1 19  ? -3.485  -5.080  10.283  1.00 13.58 ? 18  ASN A N   1 
ATOM   145  C  CA  . ASN A 1 19  ? -3.206  -5.802  11.529  1.00 14.24 ? 18  ASN A CA  1 
ATOM   146  C  C   . ASN A 1 19  ? -4.433  -6.080  12.400  1.00 18.84 ? 18  ASN A C   1 
ATOM   147  O  O   . ASN A 1 19  ? -4.402  -6.973  13.265  1.00 16.11 ? 18  ASN A O   1 
ATOM   148  C  CB  . ASN A 1 19  ? -2.072  -5.106  12.268  1.00 14.43 ? 18  ASN A CB  1 
ATOM   149  C  CG  . ASN A 1 19  ? -0.750  -5.300  11.554  1.00 14.58 ? 18  ASN A CG  1 
ATOM   150  O  OD1 . ASN A 1 19  ? -0.625  -6.212  10.695  1.00 15.91 ? 18  ASN A OD1 1 
ATOM   151  N  ND2 . ASN A 1 19  ? 0.230   -4.518  11.895  1.00 14.24 ? 18  ASN A ND2 1 
ATOM   152  N  N   . ARG A 1 20  ? -5.538  -5.403  12.102  1.00 15.85 ? 19  ARG A N   1 
ATOM   153  C  CA  . ARG A 1 20  ? -6.832  -5.777  12.725  1.00 19.22 ? 19  ARG A CA  1 
ATOM   154  C  C   . ARG A 1 20  ? -7.760  -6.539  11.761  1.00 19.12 ? 19  ARG A C   1 
ATOM   155  O  O   . ARG A 1 20  ? -8.902  -6.888  12.123  1.00 17.81 ? 19  ARG A O   1 
ATOM   156  C  CB  . ARG A 1 20  ? -7.502  -4.553  13.365  1.00 19.95 ? 19  ARG A CB  1 
ATOM   157  C  CG  . ARG A 1 20  ? -8.124  -3.601  12.421  1.00 21.82 ? 19  ARG A CG  1 
ATOM   158  C  CD  . ARG A 1 20  ? -8.741  -2.426  13.178  1.00 23.63 ? 19  ARG A CD  1 
ATOM   159  N  NE  . ARG A 1 20  ? -9.302  -1.538  12.196  1.00 26.27 ? 19  ARG A NE  1 
ATOM   160  C  CZ  . ARG A 1 20  ? -8.718  -0.451  11.729  1.00 25.77 ? 19  ARG A CZ  1 
ATOM   161  N  NH1 . ARG A 1 20  ? -7.561  -0.017  12.233  1.00 19.06 ? 19  ARG A NH1 1 
ATOM   162  N  NH2 . ARG A 1 20  ? -9.328  0.231   10.764  1.00 26.90 ? 19  ARG A NH2 1 
ATOM   163  N  N   . GLY A 1 21  ? -7.267  -6.832  10.554  1.00 16.97 ? 20  GLY A N   1 
ATOM   164  C  CA  . GLY A 1 21  ? -8.000  -7.676  9.599   1.00 18.99 ? 20  GLY A CA  1 
ATOM   165  C  C   . GLY A 1 21  ? -9.069  -6.888  8.840   1.00 18.92 ? 20  GLY A C   1 
ATOM   166  O  O   . GLY A 1 21  ? -10.070 -7.483  8.383   1.00 20.69 ? 20  GLY A O   1 
ATOM   167  N  N   . ASP A 1 22  ? -8.889  -5.567  8.694   1.00 18.59 ? 21  ASP A N   1 
ATOM   168  C  CA  . ASP A 1 22  ? -9.890  -4.713  8.024   1.00 17.11 ? 21  ASP A CA  1 
ATOM   169  C  C   . ASP A 1 22  ? -9.427  -4.301  6.621   1.00 19.53 ? 21  ASP A C   1 
ATOM   170  O  O   . ASP A 1 22  ? -8.786  -3.267  6.480   1.00 18.41 ? 21  ASP A O   1 
ATOM   171  C  CB  . ASP A 1 22  ? -10.220 -3.490  8.909   1.00 19.52 ? 21  ASP A CB  1 
ATOM   172  C  CG  . ASP A 1 22  ? -11.403 -2.611  8.376   1.00 19.46 ? 21  ASP A CG  1 
ATOM   173  O  OD1 . ASP A 1 22  ? -11.872 -2.830  7.232   1.00 28.50 ? 21  ASP A OD1 1 
ATOM   174  O  OD2 . ASP A 1 22  ? -11.862 -1.717  9.137   1.00 26.44 ? 21  ASP A OD2 1 
ATOM   175  N  N   . LEU A 1 23  ? -9.760  -5.113  5.611   1.00 21.43 ? 22  LEU A N   1 
ATOM   176  C  CA  . LEU A 1 23  ? -9.306  -4.879  4.225   1.00 19.66 ? 22  LEU A CA  1 
ATOM   177  C  C   . LEU A 1 23  ? -9.943  -3.629  3.664   1.00 20.21 ? 22  LEU A C   1 
ATOM   178  O  O   . LEU A 1 23  ? -9.318  -2.905  2.864   1.00 16.71 ? 22  LEU A O   1 
ATOM   179  C  CB  . LEU A 1 23  ? -9.548  -6.107  3.307   1.00 18.91 ? 22  LEU A CB  1 
ATOM   180  C  CG  . LEU A 1 23  ? -8.497  -7.238  3.368   1.00 25.20 ? 22  LEU A CG  1 
ATOM   181  C  CD1 . LEU A 1 23  ? -8.922  -8.510  2.629   1.00 20.48 ? 22  LEU A CD1 1 
ATOM   182  C  CD2 . LEU A 1 23  ? -7.203  -6.708  2.806   1.00 20.29 ? 22  LEU A CD2 1 
ATOM   183  N  N   . ASP A 1 24  ? -11.177 -3.339  4.073   1.00 20.24 ? 23  ASP A N   1 
ATOM   184  C  CA  . ASP A 1 24  ? -11.867 -2.149  3.591   1.00 20.68 ? 23  ASP A CA  1 
ATOM   185  C  C   . ASP A 1 24  ? -11.172 -0.869  4.053   1.00 21.20 ? 23  ASP A C   1 
ATOM   186  O  O   . ASP A 1 24  ? -10.924 0.031   3.237   1.00 22.35 ? 23  ASP A O   1 
ATOM   187  C  CB  . ASP A 1 24  ? -13.358 -2.173  3.949   1.00 22.38 ? 23  ASP A CB  1 
ATOM   188  C  CG  . ASP A 1 24  ? -14.081 -3.351  3.299   1.00 26.88 ? 23  ASP A CG  1 
ATOM   189  O  OD1 . ASP A 1 24  ? -14.154 -3.421  2.067   1.00 33.84 ? 23  ASP A OD1 1 
ATOM   190  O  OD2 . ASP A 1 24  ? -14.555 -4.249  4.033   1.00 48.08 ? 23  ASP A OD2 1 
ATOM   191  N  N   . ALA A 1 25  ? -10.756 -0.833  5.313   1.00 17.19 ? 24  ALA A N   1 
ATOM   192  C  CA  . ALA A 1 25  ? -9.995  0.280   5.833   1.00 18.20 ? 24  ALA A CA  1 
ATOM   193  C  C   . ALA A 1 25  ? -8.616  0.388   5.206   1.00 15.54 ? 24  ALA A C   1 
ATOM   194  O  O   . ALA A 1 25  ? -8.152  1.479   4.929   1.00 16.43 ? 24  ALA A O   1 
ATOM   195  C  CB  . ALA A 1 25  ? -9.853  0.161   7.368   1.00 17.01 ? 24  ALA A CB  1 
ATOM   196  N  N   . TYR A 1 26  ? -7.988  -0.764  4.992   1.00 14.67 ? 25  TYR A N   1 
ATOM   197  C  CA  . TYR A 1 26  ? -6.667  -0.832  4.366   1.00 16.37 ? 25  TYR A CA  1 
ATOM   198  C  C   . TYR A 1 26  ? -6.719  -0.174  3.010   1.00 15.05 ? 25  TYR A C   1 
ATOM   199  O  O   . TYR A 1 26  ? -5.788  0.568   2.637   1.00 15.29 ? 25  TYR A O   1 
ATOM   200  C  CB  . TYR A 1 26  ? -6.231  -2.283  4.251   1.00 14.96 ? 25  TYR A CB  1 
ATOM   201  C  CG  . TYR A 1 26  ? -4.904  -2.478  3.579   1.00 10.37 ? 25  TYR A CG  1 
ATOM   202  C  CD1 . TYR A 1 26  ? -3.718  -2.204  4.248   1.00 13.93 ? 25  TYR A CD1 1 
ATOM   203  C  CD2 . TYR A 1 26  ? -4.836  -2.905  2.283   1.00 16.68 ? 25  TYR A CD2 1 
ATOM   204  C  CE1 . TYR A 1 26  ? -2.504  -2.450  3.676   1.00 14.85 ? 25  TYR A CE1 1 
ATOM   205  C  CE2 . TYR A 1 26  ? -3.600  -3.104  1.676   1.00 19.81 ? 25  TYR A CE2 1 
ATOM   206  C  CZ  . TYR A 1 26  ? -2.440  -2.887  2.387   1.00 20.10 ? 25  TYR A CZ  1 
ATOM   207  O  OH  . TYR A 1 26  ? -1.190  -3.063  1.816   1.00 27.62 ? 25  TYR A OH  1 
HETATM 208  N  N   . MSE A 1 27  ? -7.799  -0.458  2.276   1.00 13.90 ? 26  MSE A N   1 
HETATM 209  C  CA  . MSE A 1 27  ? -7.918  0.006   0.919   1.00 15.88 ? 26  MSE A CA  1 
HETATM 210  C  C   . MSE A 1 27  ? -8.101  1.510   0.838   1.00 14.96 ? 26  MSE A C   1 
HETATM 211  O  O   . MSE A 1 27  ? -7.866  2.086   -0.214  1.00 14.13 ? 26  MSE A O   1 
HETATM 212  C  CB  . MSE A 1 27  ? -9.053  -0.688  0.165   1.00 14.08 ? 26  MSE A CB  1 
HETATM 213  C  CG  . MSE A 1 27  ? -8.740  -2.095  -0.235  1.00 19.24 ? 26  MSE A CG  1 
HETATM 214  SE SE  . MSE A 1 27  ? -7.226  -2.377  -1.307  0.75 18.88 ? 26  MSE A SE  1 
HETATM 215  C  CE  . MSE A 1 27  ? -7.728  -1.256  -2.839  1.00 17.08 ? 26  MSE A CE  1 
ATOM   216  N  N   . GLN A 1 28  ? -8.492  2.146   1.935   1.00 15.62 ? 27  GLN A N   1 
ATOM   217  C  CA  . GLN A 1 28  ? -8.614  3.582   1.957   1.00 15.78 ? 27  GLN A CA  1 
ATOM   218  C  C   . GLN A 1 28  ? -7.303  4.295   1.780   1.00 16.64 ? 27  GLN A C   1 
ATOM   219  O  O   . GLN A 1 28  ? -7.297  5.458   1.472   1.00 16.02 ? 27  GLN A O   1 
ATOM   220  C  CB  . GLN A 1 28  ? -9.289  4.029   3.259   1.00 15.80 ? 27  GLN A CB  1 
ATOM   221  C  CG  . GLN A 1 28  ? -10.722 3.584   3.280   1.00 16.69 ? 27  GLN A CG  1 
ATOM   222  C  CD  . GLN A 1 28  ? -11.557 4.209   2.160   1.00 24.74 ? 27  GLN A CD  1 
ATOM   223  O  OE1 . GLN A 1 28  ? -11.657 5.438   2.076   1.00 39.09 ? 27  GLN A OE1 1 
ATOM   224  N  NE2 . GLN A 1 28  ? -12.173 3.373   1.325   1.00 25.74 ? 27  GLN A NE2 1 
ATOM   225  N  N   . GLY A 1 29  ? -6.175  3.609   1.943   1.00 15.04 ? 28  GLY A N   1 
ATOM   226  C  CA  . GLY A 1 29  ? -4.872  4.205   1.587   1.00 14.81 ? 28  GLY A CA  1 
ATOM   227  C  C   . GLY A 1 29  ? -4.607  4.424   0.113   1.00 14.59 ? 28  GLY A C   1 
ATOM   228  O  O   . GLY A 1 29  ? -3.708  5.207   -0.259  1.00 14.90 ? 28  GLY A O   1 
ATOM   229  N  N   . TYR A 1 30  ? -5.375  3.727   -0.719  1.00 14.21 ? 29  TYR A N   1 
ATOM   230  C  CA  . TYR A 1 30  ? -5.240  3.748   -2.185  1.00 13.52 ? 29  TYR A CA  1 
ATOM   231  C  C   . TYR A 1 30  ? -6.286  4.630   -2.829  1.00 11.64 ? 29  TYR A C   1 
ATOM   232  O  O   . TYR A 1 30  ? -7.445  4.675   -2.406  1.00 12.43 ? 29  TYR A O   1 
ATOM   233  C  CB  . TYR A 1 30  ? -5.407  2.324   -2.762  1.00 12.02 ? 29  TYR A CB  1 
ATOM   234  C  CG  . TYR A 1 30  ? -4.291  1.335   -2.408  1.00 12.65 ? 29  TYR A CG  1 
ATOM   235  C  CD1 . TYR A 1 30  ? -3.053  1.445   -3.018  1.00 14.74 ? 29  TYR A CD1 1 
ATOM   236  C  CD2 . TYR A 1 30  ? -4.485  0.321   -1.500  1.00 15.08 ? 29  TYR A CD2 1 
ATOM   237  C  CE1 . TYR A 1 30  ? -2.037  0.573   -2.726  1.00 12.77 ? 29  TYR A CE1 1 
ATOM   238  C  CE2 . TYR A 1 30  ? -3.486  -0.562  -1.210  1.00 19.63 ? 29  TYR A CE2 1 
ATOM   239  C  CZ  . TYR A 1 30  ? -2.255  -0.420  -1.818  1.00 21.39 ? 29  TYR A CZ  1 
ATOM   240  O  OH  . TYR A 1 30  ? -1.232  -1.287  -1.542  1.00 20.83 ? 29  TYR A OH  1 
ATOM   241  N  N   . TRP A 1 31  ? -5.881  5.282   -3.905  1.00 14.77 ? 30  TRP A N   1 
ATOM   242  C  CA  . TRP A 1 31  ? -6.778  6.027   -4.752  1.00 14.42 ? 30  TRP A CA  1 
ATOM   243  C  C   . TRP A 1 31  ? -7.900  5.184   -5.297  1.00 11.91 ? 30  TRP A C   1 
ATOM   244  O  O   . TRP A 1 31  ? -7.650  4.202   -5.976  1.00 12.86 ? 30  TRP A O   1 
ATOM   245  C  CB  . TRP A 1 31  ? -5.955  6.570   -5.918  1.00 14.81 ? 30  TRP A CB  1 
ATOM   246  C  CG  . TRP A 1 31  ? -6.645  7.451   -6.894  1.00 15.19 ? 30  TRP A CG  1 
ATOM   247  C  CD1 . TRP A 1 31  ? -7.627  8.341   -6.670  1.00 15.54 ? 30  TRP A CD1 1 
ATOM   248  C  CD2 . TRP A 1 31  ? -6.296  7.559   -8.266  1.00 15.48 ? 30  TRP A CD2 1 
ATOM   249  N  NE1 . TRP A 1 31  ? -7.948  9.002   -7.836  1.00 17.69 ? 30  TRP A NE1 1 
ATOM   250  C  CE2 . TRP A 1 31  ? -7.137  8.532   -8.837  1.00 18.45 ? 30  TRP A CE2 1 
ATOM   251  C  CE3 . TRP A 1 31  ? -5.367  6.908   -9.076  1.00 17.74 ? 30  TRP A CE3 1 
ATOM   252  C  CZ2 . TRP A 1 31  ? -7.061  8.879   -10.191 1.00 23.10 ? 30  TRP A CZ2 1 
ATOM   253  C  CZ3 . TRP A 1 31  ? -5.300  7.247   -10.400 1.00 21.92 ? 30  TRP A CZ3 1 
ATOM   254  C  CH2 . TRP A 1 31  ? -6.139  8.220   -10.951 1.00 19.93 ? 30  TRP A CH2 1 
ATOM   255  N  N   . GLN A 1 32  ? -9.129  5.628   -5.048  1.00 11.43 ? 31  GLN A N   1 
ATOM   256  C  CA  . GLN A 1 32  ? -10.275 4.853   -5.507  1.00 8.40  ? 31  GLN A CA  1 
ATOM   257  C  C   . GLN A 1 32  ? -10.631 5.191   -6.930  1.00 13.35 ? 31  GLN A C   1 
ATOM   258  O  O   . GLN A 1 32  ? -11.499 6.064   -7.206  1.00 12.88 ? 31  GLN A O   1 
ATOM   259  C  CB  . GLN A 1 32  ? -11.442 5.092   -4.584  1.00 10.40 ? 31  GLN A CB  1 
ATOM   260  C  CG  . GLN A 1 32  ? -12.520 4.038   -4.726  1.00 15.30 ? 31  GLN A CG  1 
ATOM   261  C  CD  . GLN A 1 32  ? -13.778 4.291   -3.881  1.00 13.10 ? 31  GLN A CD  1 
ATOM   262  O  OE1 . GLN A 1 32  ? -13.742 4.960   -2.809  1.00 14.40 ? 31  GLN A OE1 1 
ATOM   263  N  NE2 . GLN A 1 32  ? -14.886 3.743   -4.348  1.00 13.37 ? 31  GLN A NE2 1 
ATOM   264  N  N   . ASN A 1 33  ? -9.952  4.519   -7.850  1.00 12.56 ? 32  ASN A N   1 
ATOM   265  C  CA  . ASN A 1 33  ? -10.087 4.819   -9.247  1.00 13.68 ? 32  ASN A CA  1 
ATOM   266  C  C   . ASN A 1 33  ? -9.679  3.582   -10.043 1.00 15.88 ? 32  ASN A C   1 
ATOM   267  O  O   . ASN A 1 33  ? -8.833  2.786   -9.601  1.00 13.14 ? 32  ASN A O   1 
ATOM   268  C  CB  . ASN A 1 33  ? -9.241  6.071   -9.587  1.00 15.66 ? 32  ASN A CB  1 
ATOM   269  C  CG  . ASN A 1 33  ? -9.586  6.691   -10.933 1.00 18.59 ? 32  ASN A CG  1 
ATOM   270  O  OD1 . ASN A 1 33  ? -9.171  6.209   -11.976 1.00 17.07 ? 32  ASN A OD1 1 
ATOM   271  N  ND2 . ASN A 1 33  ? -10.390 7.770   -10.910 1.00 16.83 ? 32  ASN A ND2 1 
ATOM   272  N  N   A GLU A 1 34  ? -10.290 3.422   -11.216 0.50 14.45 ? 33  GLU A N   1 
ATOM   273  N  N   B GLU A 1 34  ? -10.337 3.359   -11.180 0.50 15.30 ? 33  GLU A N   1 
ATOM   274  C  CA  A GLU A 1 34  ? -9.848  2.435   -12.214 0.50 13.73 ? 33  GLU A CA  1 
ATOM   275  C  CA  B GLU A 1 34  ? -9.932  2.275   -12.090 0.50 16.39 ? 33  GLU A CA  1 
ATOM   276  C  C   A GLU A 1 34  ? -8.396  2.671   -12.719 0.50 12.60 ? 33  GLU A C   1 
ATOM   277  C  C   B GLU A 1 34  ? -8.451  2.315   -12.502 0.50 16.67 ? 33  GLU A C   1 
ATOM   278  O  O   A GLU A 1 34  ? -7.720  1.749   -13.213 0.50 14.57 ? 33  GLU A O   1 
ATOM   279  O  O   B GLU A 1 34  ? -7.849  1.263   -12.764 0.50 15.59 ? 33  GLU A O   1 
ATOM   280  C  CB  A GLU A 1 34  ? -10.845 2.455   -13.387 0.50 13.83 ? 33  GLU A CB  1 
ATOM   281  C  CB  B GLU A 1 34  ? -10.781 2.305   -13.368 0.50 17.31 ? 33  GLU A CB  1 
ATOM   282  C  CG  A GLU A 1 34  ? -10.588 1.439   -14.510 0.50 16.67 ? 33  GLU A CG  1 
ATOM   283  C  CG  B GLU A 1 34  ? -12.129 1.650   -13.244 0.50 19.35 ? 33  GLU A CG  1 
ATOM   284  C  CD  A GLU A 1 34  ? -10.588 -0.005  -14.054 0.50 22.03 ? 33  GLU A CD  1 
ATOM   285  C  CD  B GLU A 1 34  ? -12.074 0.204   -12.824 0.50 22.38 ? 33  GLU A CD  1 
ATOM   286  O  OE1 A GLU A 1 34  ? -11.124 -0.312  -12.973 0.50 26.92 ? 33  GLU A OE1 1 
ATOM   287  O  OE1 B GLU A 1 34  ? -12.936 -0.178  -12.013 0.50 29.32 ? 33  GLU A OE1 1 
ATOM   288  O  OE2 A GLU A 1 34  ? -10.064 -0.849  -14.817 0.50 23.28 ? 33  GLU A OE2 1 
ATOM   289  O  OE2 B GLU A 1 34  ? -11.176 -0.542  -13.279 0.50 19.13 ? 33  GLU A OE2 1 
ATOM   290  N  N   A GLN A 1 35  ? -7.888  3.885   -12.566 0.50 10.40 ? 34  GLN A N   1 
ATOM   291  N  N   B GLN A 1 35  ? -7.877  3.514   -12.575 0.50 15.51 ? 34  GLN A N   1 
ATOM   292  C  CA  A GLN A 1 35  ? -6.491  4.143   -12.926 0.50 11.30 ? 34  GLN A CA  1 
ATOM   293  C  CA  B GLN A 1 35  ? -6.480  3.690   -13.004 0.50 17.97 ? 34  GLN A CA  1 
ATOM   294  C  C   A GLN A 1 35  ? -5.463  3.683   -11.896 0.50 10.70 ? 34  GLN A C   1 
ATOM   295  C  C   B GLN A 1 35  ? -5.484  3.808   -11.839 0.50 15.43 ? 34  GLN A C   1 
ATOM   296  O  O   A GLN A 1 35  ? -4.277  3.584   -12.239 0.50 8.83  ? 34  GLN A O   1 
ATOM   297  O  O   B GLN A 1 35  ? -4.366  4.314   -11.982 0.50 17.45 ? 34  GLN A O   1 
ATOM   298  C  CB  A GLN A 1 35  ? -6.281  5.593   -13.289 0.50 10.07 ? 34  GLN A CB  1 
ATOM   299  C  CB  B GLN A 1 35  ? -6.362  4.879   -13.950 0.50 20.19 ? 34  GLN A CB  1 
ATOM   300  C  CG  A GLN A 1 35  ? -7.039  5.946   -14.572 0.50 17.72 ? 34  GLN A CG  1 
ATOM   301  C  CG  B GLN A 1 35  ? -7.435  4.906   -15.066 0.50 16.96 ? 34  GLN A CG  1 
ATOM   302  C  CD  A GLN A 1 35  ? -6.347  6.993   -15.389 0.50 28.98 ? 34  GLN A CD  1 
ATOM   303  C  CD  B GLN A 1 35  ? -7.380  3.717   -16.040 0.50 25.99 ? 34  GLN A CD  1 
ATOM   304  O  OE1 A GLN A 1 35  ? -5.928  6.721   -16.512 0.50 37.29 ? 34  GLN A OE1 1 
ATOM   305  O  OE1 B GLN A 1 35  ? -6.316  3.189   -16.357 0.50 33.52 ? 34  GLN A OE1 1 
ATOM   306  N  NE2 A GLN A 1 35  ? -6.182  8.188   -14.825 0.50 16.53 ? 34  GLN A NE2 1 
ATOM   307  N  NE2 B GLN A 1 35  ? -8.541  3.310   -16.527 0.50 24.29 ? 34  GLN A NE2 1 
ATOM   308  N  N   . LEU A 1 36  ? -5.887  3.307   -10.681 1.00 13.89 ? 35  LEU A N   1 
ATOM   309  C  CA  . LEU A 1 36  ? -4.903  2.891   -9.655  1.00 11.29 ? 35  LEU A CA  1 
ATOM   310  C  C   . LEU A 1 36  ? -4.024  1.804   -10.306 1.00 12.70 ? 35  LEU A C   1 
ATOM   311  O  O   . LEU A 1 36  ? -4.537  0.877   -10.897 1.00 12.45 ? 35  LEU A O   1 
ATOM   312  C  CB  . LEU A 1 36  ? -5.602  2.343   -8.422  1.00 12.36 ? 35  LEU A CB  1 
ATOM   313  C  CG  . LEU A 1 36  ? -4.786  1.678   -7.355  1.00 10.21 ? 35  LEU A CG  1 
ATOM   314  C  CD1 . LEU A 1 36  ? -3.912  2.758   -6.662  1.00 13.26 ? 35  LEU A CD1 1 
ATOM   315  C  CD2 . LEU A 1 36  ? -5.697  0.805   -6.369  1.00 12.24 ? 35  LEU A CD2 1 
HETATM 316  N  N   A MSE A 1 37  ? -2.729  1.879   -10.022 0.50 9.86  ? 36  MSE A N   1 
HETATM 317  N  N   B MSE A 1 37  ? -2.707  1.995   -10.260 0.50 14.14 ? 36  MSE A N   1 
HETATM 318  C  CA  A MSE A 1 37  ? -1.747  0.987   -10.608 0.50 10.84 ? 36  MSE A CA  1 
HETATM 319  C  CA  B MSE A 1 37  ? -1.767  1.125   -10.974 0.50 15.93 ? 36  MSE A CA  1 
HETATM 320  C  C   A MSE A 1 37  ? -0.957  0.255   -9.509  0.50 9.19  ? 36  MSE A C   1 
HETATM 321  C  C   B MSE A 1 37  ? -0.928  0.373   -9.943  0.50 15.62 ? 36  MSE A C   1 
HETATM 322  O  O   A MSE A 1 37  ? -0.307  0.865   -8.667  0.50 10.05 ? 36  MSE A O   1 
HETATM 323  O  O   B MSE A 1 37  ? -0.215  0.977   -9.149  0.50 14.51 ? 36  MSE A O   1 
HETATM 324  C  CB  A MSE A 1 37  ? -0.848  1.797   -11.532 0.50 11.04 ? 36  MSE A CB  1 
HETATM 325  C  CB  B MSE A 1 37  ? -0.884  1.945   -11.932 0.50 16.68 ? 36  MSE A CB  1 
HETATM 326  C  CG  A MSE A 1 37  ? 0.217   1.010   -12.273 0.50 8.91  ? 36  MSE A CG  1 
HETATM 327  C  CG  B MSE A 1 37  ? -0.818  1.436   -13.395 0.50 28.92 ? 36  MSE A CG  1 
HETATM 328  SE SE  A MSE A 1 37  ? 1.276   2.204   -13.383 0.37 16.53 ? 36  MSE A SE  1 
HETATM 329  SE SE  B MSE A 1 37  ? -0.643  -0.473  -13.487 0.38 35.16 ? 36  MSE A SE  1 
HETATM 330  C  CE  A MSE A 1 37  ? -0.066  2.352   -14.758 0.50 14.73 ? 36  MSE A CE  1 
HETATM 331  C  CE  B MSE A 1 37  ? -1.820  -0.916  -14.939 0.50 14.97 ? 36  MSE A CE  1 
ATOM   332  N  N   A LEU A 1 38  ? -1.036  -1.073  -9.542  0.50 10.62 ? 37  LEU A N   1 
ATOM   333  N  N   B LEU A 1 38  ? -1.039  -0.954  -9.975  0.50 13.81 ? 37  LEU A N   1 
ATOM   334  C  CA  A LEU A 1 38  ? -0.199  -1.932  -8.688  0.50 13.23 ? 37  LEU A CA  1 
ATOM   335  C  CA  B LEU A 1 38  ? -0.353  -1.843  -9.035  0.50 15.11 ? 37  LEU A CA  1 
ATOM   336  C  C   A LEU A 1 38  ? 0.661   -2.823  -9.574  0.50 13.44 ? 37  LEU A C   1 
ATOM   337  C  C   B LEU A 1 38  ? 0.706   -2.609  -9.835  0.50 13.44 ? 37  LEU A C   1 
ATOM   338  O  O   A LEU A 1 38  ? 0.196   -3.599  -10.410 0.50 13.83 ? 37  LEU A O   1 
ATOM   339  O  O   B LEU A 1 38  ? 0.402   -3.068  -10.945 0.50 11.93 ? 37  LEU A O   1 
ATOM   340  C  CB  A LEU A 1 38  ? -1.007  -2.795  -7.709  0.50 15.63 ? 37  LEU A CB  1 
ATOM   341  C  CB  B LEU A 1 38  ? -1.373  -2.824  -8.413  0.50 16.56 ? 37  LEU A CB  1 
ATOM   342  C  CG  A LEU A 1 38  ? -1.228  -2.199  -6.312  0.50 16.56 ? 37  LEU A CG  1 
ATOM   343  C  CG  B LEU A 1 38  ? -2.606  -2.310  -7.612  0.50 12.83 ? 37  LEU A CG  1 
ATOM   344  C  CD1 A LEU A 1 38  ? -1.981  -0.949  -6.439  0.50 12.25 ? 37  LEU A CD1 1 
ATOM   345  C  CD1 B LEU A 1 38  ? -2.196  -1.157  -6.711  0.50 12.42 ? 37  LEU A CD1 1 
ATOM   346  C  CD2 A LEU A 1 38  ? -1.962  -3.198  -5.458  0.50 17.46 ? 37  LEU A CD2 1 
ATOM   347  C  CD2 B LEU A 1 38  ? -3.867  -1.970  -8.471  0.50 13.88 ? 37  LEU A CD2 1 
ATOM   348  N  N   . ILE A 1 39  ? 1.942   -2.716  -9.328  1.00 13.78 ? 38  ILE A N   1 
ATOM   349  C  CA  . ILE A 1 39  ? 2.967   -3.456  -10.046 1.00 13.02 ? 38  ILE A CA  1 
ATOM   350  C  C   . ILE A 1 39  ? 3.616   -4.444  -9.091  1.00 10.79 ? 38  ILE A C   1 
ATOM   351  O  O   . ILE A 1 39  ? 4.004   -4.078  -8.010  1.00 12.34 ? 38  ILE A O   1 
ATOM   352  C  CB  . ILE A 1 39  ? 4.040   -2.467  -10.663 1.00 12.46 ? 38  ILE A CB  1 
ATOM   353  C  CG1 . ILE A 1 39  ? 3.385   -1.306  -11.437 1.00 13.56 ? 38  ILE A CG1 1 
ATOM   354  C  CG2 . ILE A 1 39  ? 5.063   -3.222  -11.445 1.00 14.53 ? 38  ILE A CG2 1 
ATOM   355  C  CD1 . ILE A 1 39  ? 3.137   0.000   -10.525 1.00 14.78 ? 38  ILE A CD1 1 
ATOM   356  N  N   . SER A 1 40  ? 3.689   -5.711  -9.486  1.00 11.43 ? 39  SER A N   1 
ATOM   357  C  CA  . SER A 1 40  ? 4.262   -6.752  -8.678  1.00 13.47 ? 39  SER A CA  1 
ATOM   358  C  C   . SER A 1 40  ? 5.650   -7.030  -9.257  1.00 13.37 ? 39  SER A C   1 
ATOM   359  O  O   . SER A 1 40  ? 6.210   -6.191  -10.005 1.00 15.63 ? 39  SER A O   1 
ATOM   360  C  CB  . SER A 1 40  ? 3.321   -7.978  -8.753  1.00 15.81 ? 39  SER A CB  1 
ATOM   361  O  OG  . SER A 1 40  ? 3.255   -8.466  -10.089 1.00 17.61 ? 39  SER A OG  1 
ATOM   362  N  N   A ASN A 1 41  ? 6.228   -8.182  -8.946  0.50 11.66 ? 40  ASN A N   1 
ATOM   363  N  N   B ASN A 1 41  ? 6.224   -8.177  -8.908  0.50 12.98 ? 40  ASN A N   1 
ATOM   364  C  CA  A ASN A 1 41  ? 7.533   -8.557  -9.532  0.50 11.38 ? 40  ASN A CA  1 
ATOM   365  C  CA  B ASN A 1 41  ? 7.489   -8.627  -9.517  0.50 13.83 ? 40  ASN A CA  1 
ATOM   366  C  C   A ASN A 1 41  ? 7.563   -8.582  -11.057 0.50 12.13 ? 40  ASN A C   1 
ATOM   367  C  C   B ASN A 1 41  ? 7.474   -8.448  -11.030 0.50 14.12 ? 40  ASN A C   1 
ATOM   368  O  O   A ASN A 1 41  ? 8.600   -8.247  -11.665 0.50 8.62  ? 40  ASN A O   1 
ATOM   369  O  O   B ASN A 1 41  ? 8.334   -7.774  -11.587 0.50 16.73 ? 40  ASN A O   1 
ATOM   370  C  CB  A ASN A 1 41  ? 8.034   -9.910  -8.981  0.50 12.38 ? 40  ASN A CB  1 
ATOM   371  C  CB  B ASN A 1 41  ? 7.799   -10.106 -9.163  0.50 15.43 ? 40  ASN A CB  1 
ATOM   372  C  CG  A ASN A 1 41  ? 8.855   -9.763  -7.717  0.50 11.31 ? 40  ASN A CG  1 
ATOM   373  C  CG  B ASN A 1 41  ? 8.199   -10.306 -7.705  0.50 15.12 ? 40  ASN A CG  1 
ATOM   374  O  OD1 A ASN A 1 41  ? 8.326   -9.426  -6.667  0.50 15.42 ? 40  ASN A OD1 1 
ATOM   375  O  OD1 B ASN A 1 41  ? 8.235   -9.365  -6.932  0.50 14.69 ? 40  ASN A OD1 1 
ATOM   376  N  ND2 A ASN A 1 41  ? 10.160  -10.084 -7.808  0.50 18.52 ? 40  ASN A ND2 1 
ATOM   377  N  ND2 B ASN A 1 41  ? 8.526   -11.561 -7.334  0.50 20.46 ? 40  ASN A ND2 1 
ATOM   378  N  N   . GLY A 1 42  ? 6.476   -9.024  -11.698 1.00 11.91 ? 41  GLY A N   1 
ATOM   379  C  CA  . GLY A 1 42  ? 6.495   -9.199  -13.138 1.00 13.24 ? 41  GLY A CA  1 
ATOM   380  C  C   . GLY A 1 42  ? 5.264   -8.759  -13.878 1.00 11.75 ? 41  GLY A C   1 
ATOM   381  O  O   . GLY A 1 42  ? 5.197   -8.945  -15.083 1.00 13.90 ? 41  GLY A O   1 
ATOM   382  N  N   . LYS A 1 43  ? 4.293   -8.210  -13.199 1.00 12.38 ? 42  LYS A N   1 
ATOM   383  C  CA  . LYS A 1 43  ? 2.995   -7.928  -13.832 1.00 14.36 ? 42  LYS A CA  1 
ATOM   384  C  C   . LYS A 1 43  ? 2.346   -6.620  -13.364 1.00 12.75 ? 42  LYS A C   1 
ATOM   385  O  O   . LYS A 1 43  ? 2.607   -6.143  -12.298 1.00 14.29 ? 42  LYS A O   1 
ATOM   386  C  CB  . LYS A 1 43  ? 2.039   -9.053  -13.429 1.00 19.02 ? 42  LYS A CB  1 
ATOM   387  N  N   . PHE A 1 44  ? 1.484   -6.083  -14.206 1.00 18.04 ? 43  PHE A N   1 
ATOM   388  C  CA  . PHE A 1 44  ? 0.652   -4.908  -13.877 1.00 16.24 ? 43  PHE A CA  1 
ATOM   389  C  C   . PHE A 1 44  ? -0.771  -5.305  -13.583 1.00 20.80 ? 43  PHE A C   1 
ATOM   390  O  O   . PHE A 1 44  ? -1.328  -6.206  -14.220 1.00 22.50 ? 43  PHE A O   1 
ATOM   391  C  CB  . PHE A 1 44  ? 0.594   -3.945  -15.020 1.00 19.36 ? 43  PHE A CB  1 
ATOM   392  C  CG  . PHE A 1 44  ? 1.882   -3.455  -15.397 1.00 21.99 ? 43  PHE A CG  1 
ATOM   393  C  CD1 . PHE A 1 44  ? 2.496   -2.495  -14.652 1.00 33.36 ? 43  PHE A CD1 1 
ATOM   394  C  CD2 . PHE A 1 44  ? 2.542   -4.015  -16.470 1.00 37.84 ? 43  PHE A CD2 1 
ATOM   395  C  CE1 . PHE A 1 44  ? 3.729   -2.089  -14.975 1.00 40.87 ? 43  PHE A CE1 1 
ATOM   396  C  CE2 . PHE A 1 44  ? 3.765   -3.602  -16.794 1.00 33.43 ? 43  PHE A CE2 1 
ATOM   397  C  CZ  . PHE A 1 44  ? 4.366   -2.658  -16.038 1.00 20.67 ? 43  PHE A CZ  1 
ATOM   398  N  N   . ARG A 1 45  ? -1.364  -4.621  -12.635 1.00 18.28 ? 44  ARG A N   1 
ATOM   399  C  CA  . ARG A 1 45  ? -2.804  -4.777  -12.424 1.00 17.48 ? 44  ARG A CA  1 
ATOM   400  C  C   . ARG A 1 45  ? -3.331  -3.360  -12.179 1.00 20.34 ? 44  ARG A C   1 
ATOM   401  O  O   . ARG A 1 45  ? -2.609  -2.465  -11.745 1.00 22.21 ? 44  ARG A O   1 
ATOM   402  C  CB  . ARG A 1 45  ? -3.018  -5.732  -11.254 1.00 16.81 ? 44  ARG A CB  1 
ATOM   403  C  CG  . ARG A 1 45  ? -2.558  -7.225  -11.569 1.00 28.17 ? 44  ARG A CG  1 
ATOM   404  N  N   . ASN A 1 46  ? -4.586  -3.133  -12.464 1.00 14.50 ? 45  ASN A N   1 
ATOM   405  C  CA  . ASN A 1 46  ? -5.138  -1.830  -12.220 1.00 14.32 ? 45  ASN A CA  1 
ATOM   406  C  C   . ASN A 1 46  ? -6.491  -1.911  -11.556 1.00 14.47 ? 45  ASN A C   1 
ATOM   407  O  O   . ASN A 1 46  ? -7.229  -2.890  -11.752 1.00 16.51 ? 45  ASN A O   1 
ATOM   408  C  CB  . ASN A 1 46  ? -5.297  -1.060  -13.512 1.00 15.28 ? 45  ASN A CB  1 
ATOM   409  C  CG  . ASN A 1 46  ? -6.406  -1.610  -14.380 1.00 24.93 ? 45  ASN A CG  1 
ATOM   410  O  OD1 . ASN A 1 46  ? -6.264  -2.688  -14.957 1.00 32.18 ? 45  ASN A OD1 1 
ATOM   411  N  ND2 . ASN A 1 46  ? -7.546  -0.898  -14.441 1.00 30.03 ? 45  ASN A ND2 1 
ATOM   412  N  N   . GLY A 1 47  ? -6.799  -0.854  -10.823 1.00 15.04 ? 46  GLY A N   1 
ATOM   413  C  CA  . GLY A 1 47  ? -8.138  -0.584  -10.309 1.00 13.50 ? 46  GLY A CA  1 
ATOM   414  C  C   . GLY A 1 47  ? -8.267  -0.948  -8.847  1.00 13.00 ? 46  GLY A C   1 
ATOM   415  O  O   . GLY A 1 47  ? -7.782  -1.983  -8.385  1.00 13.24 ? 46  GLY A O   1 
ATOM   416  N  N   . TRP A 1 48  ? -8.978  -0.107  -8.142  1.00 15.03 ? 47  TRP A N   1 
ATOM   417  C  CA  . TRP A 1 48  ? -9.177  -0.218  -6.713  1.00 11.94 ? 47  TRP A CA  1 
ATOM   418  C  C   . TRP A 1 48  ? -10.157 -1.349  -6.424  1.00 12.42 ? 47  TRP A C   1 
ATOM   419  O  O   . TRP A 1 48  ? -9.941  -2.146  -5.533  1.00 11.51 ? 47  TRP A O   1 
ATOM   420  C  CB  . TRP A 1 48  ? -9.687  1.152   -6.232  1.00 11.73 ? 47  TRP A CB  1 
ATOM   421  C  CG  . TRP A 1 48  ? -9.836  1.336   -4.777  1.00 8.61  ? 47  TRP A CG  1 
ATOM   422  C  CD1 . TRP A 1 48  ? -8.948  1.963   -3.942  1.00 11.96 ? 47  TRP A CD1 1 
ATOM   423  C  CD2 . TRP A 1 48  ? -10.962 0.961   -3.946  1.00 7.01  ? 47  TRP A CD2 1 
ATOM   424  N  NE1 . TRP A 1 48  ? -9.413  1.962   -2.662  1.00 14.85 ? 47  TRP A NE1 1 
ATOM   425  C  CE2 . TRP A 1 48  ? -10.652 1.383   -2.618  1.00 14.44 ? 47  TRP A CE2 1 
ATOM   426  C  CE3 . TRP A 1 48  ? -12.200 0.322   -4.181  1.00 8.84  ? 47  TRP A CE3 1 
ATOM   427  C  CZ2 . TRP A 1 48  ? -11.517 1.189   -1.551  1.00 15.88 ? 47  TRP A CZ2 1 
ATOM   428  C  CZ3 . TRP A 1 48  ? -13.054 0.105   -3.098  1.00 10.71 ? 47  TRP A CZ3 1 
ATOM   429  C  CH2 . TRP A 1 48  ? -12.711 0.532   -1.811  1.00 15.96 ? 47  TRP A CH2 1 
ATOM   430  N  N   . ASP A 1 49  ? -11.285 -1.389  -7.150  1.00 12.99 ? 48  ASP A N   1 
ATOM   431  C  CA  . ASP A 1 49  ? -12.259 -2.477  -6.940  1.00 13.51 ? 48  ASP A CA  1 
ATOM   432  C  C   . ASP A 1 49  ? -11.607 -3.841  -7.161  1.00 13.22 ? 48  ASP A C   1 
ATOM   433  O  O   . ASP A 1 49  ? -11.806 -4.793  -6.389  1.00 13.33 ? 48  ASP A O   1 
ATOM   434  C  CB  . ASP A 1 49  ? -13.471 -2.385  -7.874  1.00 12.85 ? 48  ASP A CB  1 
ATOM   435  C  CG  . ASP A 1 49  ? -14.386 -1.228  -7.564  1.00 16.38 ? 48  ASP A CG  1 
ATOM   436  O  OD1 . ASP A 1 49  ? -14.501 -0.810  -6.391  1.00 14.73 ? 48  ASP A OD1 1 
ATOM   437  O  OD2 . ASP A 1 49  ? -15.048 -0.777  -8.515  1.00 22.82 ? 48  ASP A OD2 1 
ATOM   438  N  N   . GLU A 1 50  ? -10.855 -3.939  -8.241  1.00 12.64 ? 49  GLU A N   1 
ATOM   439  C  CA  . GLU A 1 50  ? -10.183 -5.179  -8.625  1.00 14.95 ? 49  GLU A CA  1 
ATOM   440  C  C   . GLU A 1 50  ? -9.166  -5.601  -7.553  1.00 16.18 ? 49  GLU A C   1 
ATOM   441  O  O   . GLU A 1 50  ? -9.082  -6.789  -7.234  1.00 15.59 ? 49  GLU A O   1 
ATOM   442  C  CB  . GLU A 1 50  ? -9.448  -5.008  -9.944  1.00 16.13 ? 49  GLU A CB  1 
ATOM   443  C  CG  . GLU A 1 50  ? -10.427 -4.817  -11.121 1.00 17.52 ? 49  GLU A CG  1 
ATOM   444  C  CD  . GLU A 1 50  ? -10.695 -3.356  -11.430 1.00 21.54 ? 49  GLU A CD  1 
ATOM   445  O  OE1 . GLU A 1 50  ? -10.695 -2.492  -10.510 1.00 17.45 ? 49  GLU A OE1 1 
ATOM   446  O  OE2 . GLU A 1 50  ? -10.874 -3.064  -12.615 1.00 27.79 ? 49  GLU A OE2 1 
ATOM   447  N  N   . THR A 1 51  ? -8.453  -4.616  -7.004  1.00 15.87 ? 50  THR A N   1 
ATOM   448  C  CA  . THR A 1 51  ? -7.451  -4.858  -5.927  1.00 14.79 ? 50  THR A CA  1 
ATOM   449  C  C   . THR A 1 51  ? -8.110  -5.312  -4.614  1.00 13.32 ? 50  THR A C   1 
ATOM   450  O  O   . THR A 1 51  ? -7.669  -6.256  -3.977  1.00 13.25 ? 50  THR A O   1 
ATOM   451  C  CB  . THR A 1 51  ? -6.568  -3.635  -5.703  1.00 16.68 ? 50  THR A CB  1 
ATOM   452  O  OG1 . THR A 1 51  ? -5.891  -3.312  -6.939  1.00 20.35 ? 50  THR A OG1 1 
ATOM   453  C  CG2 . THR A 1 51  ? -5.564  -3.888  -4.550  1.00 17.20 ? 50  THR A CG2 1 
ATOM   454  N  N   . LEU A 1 52  ? -9.180  -4.656  -4.218  1.00 12.52 ? 51  LEU A N   1 
ATOM   455  C  CA  . LEU A 1 52  ? -9.933  -5.106  -3.072  1.00 13.73 ? 51  LEU A CA  1 
ATOM   456  C  C   . LEU A 1 52  ? -10.437 -6.546  -3.273  1.00 14.43 ? 51  LEU A C   1 
ATOM   457  O  O   . LEU A 1 52  ? -10.325 -7.380  -2.349  1.00 14.34 ? 51  LEU A O   1 
ATOM   458  C  CB  . LEU A 1 52  ? -11.135 -4.212  -2.832  1.00 12.96 ? 51  LEU A CB  1 
ATOM   459  C  CG  . LEU A 1 52  ? -12.004 -4.583  -1.642  1.00 16.62 ? 51  LEU A CG  1 
ATOM   460  C  CD1 . LEU A 1 52  ? -11.237 -4.786  -0.331  1.00 17.65 ? 51  LEU A CD1 1 
ATOM   461  C  CD2 . LEU A 1 52  ? -13.151 -3.511  -1.506  1.00 14.34 ? 51  LEU A CD2 1 
ATOM   462  N  N   . ALA A 1 53  ? -10.966 -6.832  -4.475  1.00 14.99 ? 52  ALA A N   1 
ATOM   463  C  CA  . ALA A 1 53  ? -11.514 -8.172  -4.772  1.00 18.90 ? 52  ALA A CA  1 
ATOM   464  C  C   . ALA A 1 53  ? -10.436 -9.238  -4.648  1.00 16.78 ? 52  ALA A C   1 
ATOM   465  O  O   . ALA A 1 53  ? -10.719 -10.344 -4.108  1.00 18.40 ? 52  ALA A O   1 
ATOM   466  C  CB  . ALA A 1 53  ? -12.140 -8.233  -6.167  1.00 17.61 ? 52  ALA A CB  1 
ATOM   467  N  N   . ALA A 1 54  ? -9.242  -8.893  -5.142  1.00 16.31 ? 53  ALA A N   1 
ATOM   468  C  CA  . ALA A 1 54  ? -8.051  -9.770  -5.119  1.00 16.97 ? 53  ALA A CA  1 
ATOM   469  C  C   . ALA A 1 54  ? -7.647  -10.074 -3.656  1.00 19.32 ? 53  ALA A C   1 
ATOM   470  O  O   . ALA A 1 54  ? -7.427  -11.226 -3.292  1.00 18.40 ? 53  ALA A O   1 
ATOM   471  C  CB  . ALA A 1 54  ? -6.919  -9.173  -5.921  1.00 18.63 ? 53  ALA A CB  1 
ATOM   472  N  N   . TYR A 1 55  ? -7.613  -9.080  -2.785  1.00 16.81 ? 54  TYR A N   1 
ATOM   473  C  CA  . TYR A 1 55  ? -7.254  -9.364  -1.385  1.00 16.82 ? 54  TYR A CA  1 
ATOM   474  C  C   . TYR A 1 55  ? -8.259  -10.270 -0.716  1.00 16.42 ? 54  TYR A C   1 
ATOM   475  O  O   . TYR A 1 55  ? -7.886  -11.208 -0.018  1.00 18.72 ? 54  TYR A O   1 
ATOM   476  C  CB  . TYR A 1 55  ? -7.129  -8.086  -0.627  1.00 16.76 ? 54  TYR A CB  1 
ATOM   477  C  CG  . TYR A 1 55  ? -5.810  -7.393  -0.771  1.00 16.69 ? 54  TYR A CG  1 
ATOM   478  C  CD1 . TYR A 1 55  ? -4.651  -7.982  -0.290  1.00 20.74 ? 54  TYR A CD1 1 
ATOM   479  C  CD2 . TYR A 1 55  ? -5.709  -6.142  -1.343  1.00 17.64 ? 54  TYR A CD2 1 
ATOM   480  C  CE1 . TYR A 1 55  ? -3.475  -7.370  -0.394  1.00 16.09 ? 54  TYR A CE1 1 
ATOM   481  C  CE2 . TYR A 1 55  ? -4.493  -5.506  -1.414  1.00 16.79 ? 54  TYR A CE2 1 
ATOM   482  C  CZ  . TYR A 1 55  ? -3.386  -6.164  -0.952  1.00 19.17 ? 54  TYR A CZ  1 
ATOM   483  O  OH  . TYR A 1 55  ? -2.150  -5.601  -1.026  1.00 30.47 ? 54  TYR A OH  1 
ATOM   484  N  N   . LYS A 1 56  ? -9.557  -10.066 -1.011  1.00 16.65 ? 55  LYS A N   1 
ATOM   485  C  CA  . LYS A 1 56  ? -10.603 -10.873 -0.418  1.00 18.07 ? 55  LYS A CA  1 
ATOM   486  C  C   . LYS A 1 56  ? -10.499 -12.325 -0.865  1.00 19.45 ? 55  LYS A C   1 
ATOM   487  O  O   . LYS A 1 56  ? -10.743 -13.225 -0.064  1.00 19.58 ? 55  LYS A O   1 
ATOM   488  C  CB  . LYS A 1 56  ? -11.976 -10.303 -0.766  1.00 17.35 ? 55  LYS A CB  1 
ATOM   489  C  CG  . LYS A 1 56  ? -12.304 -9.027  0.000   1.00 25.10 ? 55  LYS A CG  1 
ATOM   490  C  CD  . LYS A 1 56  ? -13.735 -8.599  -0.288  1.00 25.41 ? 55  LYS A CD  1 
ATOM   491  C  CE  . LYS A 1 56  ? -14.121 -7.315  0.422   1.00 33.72 ? 55  LYS A CE  1 
ATOM   492  N  NZ  . LYS A 1 56  ? -15.504 -6.919  -0.008  1.00 34.22 ? 55  LYS A NZ  1 
ATOM   493  N  N   A LYS A 1 57  ? -10.173 -12.507 -2.155  0.50 21.24 ? 56  LYS A N   1 
ATOM   494  N  N   B LYS A 1 57  ? -10.148 -12.537 -2.136  0.50 20.07 ? 56  LYS A N   1 
ATOM   495  C  CA  A LYS A 1 57  ? -9.898  -13.810 -2.782  0.50 21.91 ? 56  LYS A CA  1 
ATOM   496  C  CA  B LYS A 1 57  ? -9.956  -13.881 -2.687  0.50 20.46 ? 56  LYS A CA  1 
ATOM   497  C  C   A LYS A 1 57  ? -8.750  -14.533 -2.104  0.50 20.21 ? 56  LYS A C   1 
ATOM   498  C  C   B LYS A 1 57  ? -8.712  -14.570 -2.137  0.50 19.52 ? 56  LYS A C   1 
ATOM   499  O  O   A LYS A 1 57  ? -8.851  -15.730 -1.801  0.50 22.03 ? 56  LYS A O   1 
ATOM   500  O  O   B LYS A 1 57  ? -8.698  -15.796 -1.972  0.50 22.01 ? 56  LYS A O   1 
ATOM   501  C  CB  A LYS A 1 57  ? -9.552  -13.617 -4.272  0.50 21.12 ? 56  LYS A CB  1 
ATOM   502  C  CB  B LYS A 1 57  ? -9.873  -13.830 -4.217  0.50 19.51 ? 56  LYS A CB  1 
ATOM   503  C  CG  A LYS A 1 57  ? -9.402  -14.911 -5.085  0.50 23.22 ? 56  LYS A CG  1 
ATOM   504  C  CG  B LYS A 1 57  ? -10.011 -15.185 -4.880  0.50 22.07 ? 56  LYS A CG  1 
ATOM   505  C  CD  A LYS A 1 57  ? -9.131  -14.593 -6.571  0.50 24.30 ? 56  LYS A CD  1 
ATOM   506  C  CD  B LYS A 1 57  ? -11.390 -15.775 -4.699  0.50 26.47 ? 56  LYS A CD  1 
ATOM   507  C  CE  A LYS A 1 57  ? -8.919  -15.845 -7.421  0.50 25.51 ? 56  LYS A CE  1 
ATOM   508  C  CE  B LYS A 1 57  ? -11.545 -16.982 -5.595  0.50 31.00 ? 56  LYS A CE  1 
ATOM   509  N  NZ  A LYS A 1 57  ? -10.195 -16.589 -7.612  0.50 16.95 ? 56  LYS A NZ  1 
ATOM   510  N  NZ  B LYS A 1 57  ? -10.336 -17.824 -5.507  0.50 22.02 ? 56  LYS A NZ  1 
ATOM   511  N  N   . ASN A 1 58  ? -7.675  -13.794 -1.844  1.00 18.81 ? 57  ASN A N   1 
ATOM   512  C  CA  . ASN A 1 58  ? -6.441  -14.386 -1.325  1.00 18.94 ? 57  ASN A CA  1 
ATOM   513  C  C   . ASN A 1 58  ? -6.411  -14.603 0.172   1.00 20.49 ? 57  ASN A C   1 
ATOM   514  O  O   . ASN A 1 58  ? -5.628  -15.454 0.651   1.00 19.27 ? 57  ASN A O   1 
ATOM   515  C  CB  . ASN A 1 58  ? -5.265  -13.562 -1.721  1.00 17.04 ? 57  ASN A CB  1 
ATOM   516  C  CG  . ASN A 1 58  ? -4.832  -13.838 -3.171  1.00 27.51 ? 57  ASN A CG  1 
ATOM   517  O  OD1 . ASN A 1 58  ? -3.866  -14.586 -3.404  1.00 20.82 ? 57  ASN A OD1 1 
ATOM   518  N  ND2 . ASN A 1 58  ? -5.558  -13.261 -4.136  1.00 16.80 ? 57  ASN A ND2 1 
ATOM   519  N  N   . TYR A 1 59  ? -7.241  -13.839 0.879   1.00 16.87 ? 58  TYR A N   1 
ATOM   520  C  CA  . TYR A 1 59  ? -7.294  -13.851 2.343   1.00 17.38 ? 58  TYR A CA  1 
ATOM   521  C  C   . TYR A 1 59  ? -8.736  -13.968 2.805   1.00 18.92 ? 58  TYR A C   1 
ATOM   522  O  O   . TYR A 1 59  ? -9.261  -13.006 3.392   1.00 21.38 ? 58  TYR A O   1 
ATOM   523  C  CB  . TYR A 1 59  ? -6.626  -12.577 2.917   1.00 19.16 ? 58  TYR A CB  1 
ATOM   524  C  CG  . TYR A 1 59  ? -5.179  -12.461 2.518   1.00 18.53 ? 58  TYR A CG  1 
ATOM   525  C  CD1 . TYR A 1 59  ? -4.204  -13.248 3.126   1.00 14.08 ? 58  TYR A CD1 1 
ATOM   526  C  CD2 . TYR A 1 59  ? -4.796  -11.628 1.493   1.00 17.86 ? 58  TYR A CD2 1 
ATOM   527  C  CE1 . TYR A 1 59  ? -2.889  -13.192 2.721   1.00 16.69 ? 58  TYR A CE1 1 
ATOM   528  C  CE2 . TYR A 1 59  ? -3.477  -11.517 1.102   1.00 21.43 ? 58  TYR A CE2 1 
ATOM   529  C  CZ  . TYR A 1 59  ? -2.525  -12.325 1.698   1.00 21.80 ? 58  TYR A CZ  1 
ATOM   530  O  OH  . TYR A 1 59  ? -1.227  -12.202 1.274   1.00 22.63 ? 58  TYR A OH  1 
ATOM   531  N  N   . PRO A 1 60  ? -9.388  -15.132 2.530   1.00 23.22 ? 59  PRO A N   1 
ATOM   532  C  CA  . PRO A 1 60  ? -10.742 -15.409 2.995   1.00 25.27 ? 59  PRO A CA  1 
ATOM   533  C  C   . PRO A 1 60  ? -10.866 -15.361 4.529   1.00 26.73 ? 59  PRO A C   1 
ATOM   534  O  O   . PRO A 1 60  ? -11.930 -15.064 5.049   1.00 27.58 ? 59  PRO A O   1 
ATOM   535  C  CB  . PRO A 1 60  ? -11.045 -16.805 2.463   1.00 25.14 ? 59  PRO A CB  1 
ATOM   536  C  CG  . PRO A 1 60  ? -9.808  -17.338 1.907   1.00 26.35 ? 59  PRO A CG  1 
ATOM   537  C  CD  . PRO A 1 60  ? -8.824  -16.259 1.757   1.00 24.03 ? 59  PRO A CD  1 
ATOM   538  N  N   . ASP A 1 61  ? -9.774  -15.631 5.240   1.00 22.12 ? 60  ASP A N   1 
ATOM   539  C  CA  . ASP A 1 61  ? -9.787  -15.635 6.722   1.00 22.95 ? 60  ASP A CA  1 
ATOM   540  C  C   . ASP A 1 61  ? -8.910  -14.476 7.203   1.00 21.01 ? 60  ASP A C   1 
ATOM   541  O  O   . ASP A 1 61  ? -7.737  -14.420 6.842   1.00 25.63 ? 60  ASP A O   1 
ATOM   542  C  CB  . ASP A 1 61  ? -9.216  -16.966 7.269   1.00 18.66 ? 60  ASP A CB  1 
ATOM   543  C  CG  . ASP A 1 61  ? -10.091 -18.155 6.992   1.00 24.66 ? 60  ASP A CG  1 
ATOM   544  O  OD1 . ASP A 1 61  ? -11.345 -18.053 7.066   1.00 31.67 ? 60  ASP A OD1 1 
ATOM   545  O  OD2 . ASP A 1 61  ? -9.531  -19.215 6.714   1.00 35.55 ? 60  ASP A OD2 1 
ATOM   546  N  N   . LYS A 1 62  ? -9.441  -13.586 8.039   1.00 18.59 ? 61  LYS A N   1 
ATOM   547  C  CA  . LYS A 1 62  ? -8.666  -12.439 8.526   1.00 18.37 ? 61  LYS A CA  1 
ATOM   548  C  C   . LYS A 1 62  ? -7.338  -12.883 9.224   1.00 17.50 ? 61  LYS A C   1 
ATOM   549  O  O   . LYS A 1 62  ? -6.326  -12.170 9.177   1.00 16.91 ? 61  LYS A O   1 
ATOM   550  C  CB  . LYS A 1 62  ? -9.523  -11.574 9.484   1.00 24.31 ? 61  LYS A CB  1 
ATOM   551  N  N   . GLU A 1 63  ? -7.346  -14.068 9.862   1.00 14.72 ? 62  GLU A N   1 
ATOM   552  C  CA  . GLU A 1 63  ? -6.110  -14.533 10.530  1.00 13.96 ? 62  GLU A CA  1 
ATOM   553  C  C   . GLU A 1 63  ? -4.944  -14.827 9.580   1.00 12.83 ? 62  GLU A C   1 
ATOM   554  O  O   . GLU A 1 63  ? -3.775  -14.881 9.987   1.00 15.11 ? 62  GLU A O   1 
ATOM   555  C  CB  . GLU A 1 63  ? -6.422  -15.765 11.355  1.00 12.73 ? 62  GLU A CB  1 
ATOM   556  C  CG  . GLU A 1 63  ? -7.490  -15.439 12.395  1.00 15.20 ? 62  GLU A CG  1 
ATOM   557  C  CD  . GLU A 1 63  ? -8.901  -15.715 11.928  1.00 20.34 ? 62  GLU A CD  1 
ATOM   558  O  OE1 . GLU A 1 63  ? -9.152  -15.875 10.704  1.00 19.46 ? 62  GLU A OE1 1 
ATOM   559  O  OE2 . GLU A 1 63  ? -9.770  -15.797 12.820  1.00 27.05 ? 62  GLU A OE2 1 
ATOM   560  N  N   . SER A 1 64  ? -5.275  -15.002 8.306   1.00 13.99 ? 63  SER A N   1 
ATOM   561  C  CA  . SER A 1 64  ? -4.292  -15.340 7.297   1.00 15.16 ? 63  SER A CA  1 
ATOM   562  C  C   . SER A 1 64  ? -3.491  -14.121 6.822   1.00 15.07 ? 63  SER A C   1 
ATOM   563  O  O   . SER A 1 64  ? -2.445  -14.273 6.239   1.00 15.81 ? 63  SER A O   1 
ATOM   564  C  CB  . SER A 1 64  ? -5.008  -16.026 6.105   1.00 19.81 ? 63  SER A CB  1 
ATOM   565  O  OG  . SER A 1 64  ? -6.002  -15.191 5.476   1.00 29.41 ? 63  SER A OG  1 
ATOM   566  N  N   . LEU A 1 65  ? -3.963  -12.913 7.125   1.00 15.31 ? 64  LEU A N   1 
ATOM   567  C  CA  . LEU A 1 65  ? -3.267  -11.676 6.707   1.00 13.78 ? 64  LEU A CA  1 
ATOM   568  C  C   . LEU A 1 65  ? -1.875  -11.579 7.278   1.00 12.88 ? 64  LEU A C   1 
ATOM   569  O  O   . LEU A 1 65  ? -0.955  -11.159 6.601   1.00 16.89 ? 64  LEU A O   1 
ATOM   570  C  CB  . LEU A 1 65  ? -4.120  -10.440 7.063   1.00 11.27 ? 64  LEU A CB  1 
ATOM   571  C  CG  . LEU A 1 65  ? -5.398  -10.272 6.227   1.00 17.78 ? 64  LEU A CG  1 
ATOM   572  C  CD1 . LEU A 1 65  ? -6.364  -9.290  6.947   1.00 14.68 ? 64  LEU A CD1 1 
ATOM   573  C  CD2 . LEU A 1 65  ? -5.117  -9.791  4.767   1.00 18.18 ? 64  LEU A CD2 1 
ATOM   574  N  N   . GLY A 1 66  ? -1.719  -11.926 8.557   1.00 13.36 ? 65  GLY A N   1 
ATOM   575  C  CA  . GLY A 1 66  ? -0.414  -11.836 9.214   1.00 15.27 ? 65  GLY A CA  1 
ATOM   576  C  C   . GLY A 1 66  ? -0.114  -10.423 9.641   1.00 13.20 ? 65  GLY A C   1 
ATOM   577  O  O   . GLY A 1 66  ? -0.899  -9.519  9.377   1.00 15.25 ? 65  GLY A O   1 
ATOM   578  N  N   . GLU A 1 67  ? 1.013   -10.244 10.317  1.00 13.37 ? 66  GLU A N   1 
ATOM   579  C  CA  . GLU A 1 67  ? 1.326   -8.931  10.890  1.00 12.20 ? 66  GLU A CA  1 
ATOM   580  C  C   . GLU A 1 67  ? 2.231   -8.178  9.941   1.00 11.75 ? 66  GLU A C   1 
ATOM   581  O  O   . GLU A 1 67  ? 3.340   -8.643  9.613   1.00 12.31 ? 66  GLU A O   1 
ATOM   582  C  CB  . GLU A 1 67  ? 1.965   -9.112  12.304  1.00 14.37 ? 66  GLU A CB  1 
ATOM   583  C  CG  . GLU A 1 67  ? 2.333   -7.804  13.025  1.00 22.40 ? 66  GLU A CG  1 
ATOM   584  C  CD  . GLU A 1 67  ? 1.209   -7.303  13.938  1.00 45.80 ? 66  GLU A CD  1 
ATOM   585  O  OE1 . GLU A 1 67  ? 0.087   -7.884  13.915  1.00 50.79 ? 66  GLU A OE1 1 
ATOM   586  O  OE2 . GLU A 1 67  ? 1.459   -6.322  14.678  1.00 55.54 ? 66  GLU A OE2 1 
ATOM   587  N  N   . LEU A 1 68  ? 1.785   -6.974  9.548   1.00 13.98 ? 67  LEU A N   1 
ATOM   588  C  CA  . LEU A 1 68  ? 2.443   -6.106  8.576   1.00 13.74 ? 67  LEU A CA  1 
ATOM   589  C  C   . LEU A 1 68  ? 3.199   -4.966  9.221   1.00 13.56 ? 67  LEU A C   1 
ATOM   590  O  O   . LEU A 1 68  ? 2.668   -4.319  10.099  1.00 14.46 ? 67  LEU A O   1 
ATOM   591  C  CB  . LEU A 1 68  ? 1.365   -5.497  7.667   1.00 14.12 ? 67  LEU A CB  1 
ATOM   592  C  CG  . LEU A 1 68  ? 1.846   -4.602  6.524   1.00 13.01 ? 67  LEU A CG  1 
ATOM   593  C  CD1 . LEU A 1 68  ? 2.927   -5.277  5.603   1.00 13.31 ? 67  LEU A CD1 1 
ATOM   594  C  CD2 . LEU A 1 68  ? 0.593   -4.218  5.777   1.00 13.47 ? 67  LEU A CD2 1 
ATOM   595  N  N   . LYS A 1 69  ? 4.428   -4.738  8.764   1.00 14.40 ? 68  LYS A N   1 
ATOM   596  C  CA  . LYS A 1 69  ? 5.176   -3.547  9.133   1.00 15.78 ? 68  LYS A CA  1 
ATOM   597  C  C   . LYS A 1 69  ? 5.897   -2.967  7.939   1.00 16.07 ? 68  LYS A C   1 
ATOM   598  O  O   . LYS A 1 69  ? 6.586   -3.682  7.190   1.00 14.27 ? 68  LYS A O   1 
ATOM   599  C  CB  . LYS A 1 69  ? 6.185   -3.830  10.266  1.00 17.55 ? 68  LYS A CB  1 
ATOM   600  C  CG  . LYS A 1 69  ? 6.873   -2.548  10.866  1.00 21.32 ? 68  LYS A CG  1 
ATOM   601  C  CD  . LYS A 1 69  ? 5.941   -1.780  11.796  1.00 28.23 ? 68  LYS A CD  1 
ATOM   602  C  CE  . LYS A 1 69  ? 6.569   -0.443  12.287  1.00 31.99 ? 68  LYS A CE  1 
ATOM   603  N  NZ  . LYS A 1 69  ? 6.754   0.526   11.161  1.00 30.72 ? 68  LYS A NZ  1 
ATOM   604  N  N   . PHE A 1 70  ? 5.768   -1.638  7.797   1.00 13.70 ? 69  PHE A N   1 
ATOM   605  C  CA  . PHE A 1 70  ? 6.510   -0.917  6.785   1.00 15.13 ? 69  PHE A CA  1 
ATOM   606  C  C   . PHE A 1 70  ? 7.680   -0.234  7.473   1.00 16.84 ? 69  PHE A C   1 
ATOM   607  O  O   . PHE A 1 70  ? 7.541   0.299   8.559   1.00 17.73 ? 69  PHE A O   1 
ATOM   608  C  CB  . PHE A 1 70  ? 5.640   0.132   6.066   1.00 14.51 ? 69  PHE A CB  1 
ATOM   609  C  CG  . PHE A 1 70  ? 4.460   -0.415  5.355   1.00 15.38 ? 69  PHE A CG  1 
ATOM   610  C  CD1 . PHE A 1 70  ? 4.584   -1.400  4.390   1.00 18.02 ? 69  PHE A CD1 1 
ATOM   611  C  CD2 . PHE A 1 70  ? 3.207   0.113   5.589   1.00 15.52 ? 69  PHE A CD2 1 
ATOM   612  C  CE1 . PHE A 1 70  ? 3.463   -1.898  3.701   1.00 16.94 ? 69  PHE A CE1 1 
ATOM   613  C  CE2 . PHE A 1 70  ? 2.104   -0.344  4.889   1.00 22.77 ? 69  PHE A CE2 1 
ATOM   614  C  CZ  . PHE A 1 70  ? 2.240   -1.336  3.947   1.00 19.91 ? 69  PHE A CZ  1 
ATOM   615  N  N   . THR A 1 71  ? 8.820   -0.227  6.809   1.00 15.80 ? 70  THR A N   1 
ATOM   616  C  CA  . THR A 1 71  ? 9.980   0.572   7.211   1.00 13.60 ? 70  THR A CA  1 
ATOM   617  C  C   . THR A 1 71  ? 10.281  1.524   6.053   1.00 13.70 ? 70  THR A C   1 
ATOM   618  O  O   . THR A 1 71  ? 10.801  1.104   4.987   1.00 14.90 ? 70  THR A O   1 
ATOM   619  C  CB  . THR A 1 71  ? 11.207  -0.315  7.516   1.00 15.17 ? 70  THR A CB  1 
ATOM   620  O  OG1 . THR A 1 71  ? 10.812  -1.360  8.415   1.00 15.36 ? 70  THR A OG1 1 
ATOM   621  C  CG2 . THR A 1 71  ? 12.386  0.517   8.110   1.00 15.10 ? 70  THR A CG2 1 
ATOM   622  N  N   . ILE A 1 72  ? 9.970   2.811   6.264   1.00 14.97 ? 71  ILE A N   1 
ATOM   623  C  CA  . ILE A 1 72  ? 10.105  3.818   5.208   1.00 17.92 ? 71  ILE A CA  1 
ATOM   624  C  C   . ILE A 1 72  ? 11.571  4.180   5.127   1.00 18.06 ? 71  ILE A C   1 
ATOM   625  O  O   . ILE A 1 72  ? 12.196  4.505   6.155   1.00 22.17 ? 71  ILE A O   1 
ATOM   626  C  CB  . ILE A 1 72  ? 9.242   5.054   5.500   1.00 15.60 ? 71  ILE A CB  1 
ATOM   627  C  CG1 . ILE A 1 72  ? 7.747   4.694   5.464   1.00 13.56 ? 71  ILE A CG1 1 
ATOM   628  C  CG2 . ILE A 1 72  ? 9.514   6.198   4.495   1.00 17.38 ? 71  ILE A CG2 1 
ATOM   629  C  CD1 . ILE A 1 72  ? 6.847   5.760   6.175   1.00 22.30 ? 71  ILE A CD1 1 
ATOM   630  N  N   . LYS A 1 73  ? 12.145  4.068   3.942   1.00 14.82 ? 72  LYS A N   1 
ATOM   631  C  CA  . LYS A 1 73  ? 13.521  4.444   3.759   1.00 19.64 ? 72  LYS A CA  1 
ATOM   632  C  C   . LYS A 1 73  ? 13.618  5.924   3.372   1.00 19.87 ? 72  LYS A C   1 
ATOM   633  O  O   . LYS A 1 73  ? 14.533  6.649   3.819   1.00 18.94 ? 72  LYS A O   1 
ATOM   634  C  CB  . LYS A 1 73  ? 14.132  3.575   2.675   1.00 18.65 ? 72  LYS A CB  1 
ATOM   635  C  CG  . LYS A 1 73  ? 15.591  3.907   2.375   1.00 32.79 ? 72  LYS A CG  1 
ATOM   636  C  CD  . LYS A 1 73  ? 16.145  3.039   1.244   1.00 29.10 ? 72  LYS A CD  1 
ATOM   637  C  CE  . LYS A 1 73  ? 17.628  3.362   0.974   1.00 36.61 ? 72  LYS A CE  1 
ATOM   638  N  NZ  . LYS A 1 73  ? 18.471  3.392   2.216   1.00 44.41 ? 72  LYS A NZ  1 
ATOM   639  N  N   . GLU A 1 74  ? 12.708  6.375   2.501   1.00 17.56 ? 73  GLU A N   1 
ATOM   640  C  CA  . GLU A 1 74  ? 12.687  7.758   2.077   1.00 20.06 ? 73  GLU A CA  1 
ATOM   641  C  C   . GLU A 1 74  ? 11.298  8.193   1.602   1.00 18.13 ? 73  GLU A C   1 
ATOM   642  O  O   . GLU A 1 74  ? 10.632  7.431   0.932   1.00 16.10 ? 73  GLU A O   1 
ATOM   643  C  CB  . GLU A 1 74  ? 13.706  7.976   0.928   1.00 18.03 ? 73  GLU A CB  1 
ATOM   644  C  CG  . GLU A 1 74  ? 13.755  9.400   0.424   1.00 29.88 ? 73  GLU A CG  1 
ATOM   645  C  CD  . GLU A 1 74  ? 14.895  9.638   -0.540  1.00 32.35 ? 73  GLU A CD  1 
ATOM   646  O  OE1 . GLU A 1 74  ? 15.952  8.981   -0.373  1.00 46.61 ? 73  GLU A OE1 1 
ATOM   647  O  OE2 . GLU A 1 74  ? 14.734  10.489  -1.451  1.00 42.47 ? 73  GLU A OE2 1 
ATOM   648  N  N   . ILE A 1 75  ? 10.932  9.424   1.960   1.00 19.85 ? 74  ILE A N   1 
ATOM   649  C  CA  . ILE A 1 75  ? 9.837   10.170  1.352   1.00 17.68 ? 74  ILE A CA  1 
ATOM   650  C  C   . ILE A 1 75  ? 10.461  11.394  0.668   1.00 19.16 ? 74  ILE A C   1 
ATOM   651  O  O   . ILE A 1 75  ? 11.199  12.155  1.311   1.00 17.92 ? 74  ILE A O   1 
ATOM   652  C  CB  . ILE A 1 75  ? 8.804   10.659  2.376   1.00 20.01 ? 74  ILE A CB  1 
ATOM   653  C  CG1 . ILE A 1 75  ? 8.219   9.493   3.125   1.00 19.60 ? 74  ILE A CG1 1 
ATOM   654  C  CG2 . ILE A 1 75  ? 7.701   11.458  1.661   1.00 22.98 ? 74  ILE A CG2 1 
ATOM   655  C  CD1 . ILE A 1 75  ? 7.424   9.875   4.273   1.00 19.51 ? 74  ILE A CD1 1 
ATOM   656  N  N   . LYS A 1 76  ? 10.164  11.567  -0.608  1.00 15.95 ? 75  LYS A N   1 
ATOM   657  C  CA  . LYS A 1 76  ? 10.654  12.683  -1.370  1.00 17.07 ? 75  LYS A CA  1 
ATOM   658  C  C   . LYS A 1 76  ? 9.481   13.455  -1.928  1.00 15.42 ? 75  LYS A C   1 
ATOM   659  O  O   . LYS A 1 76  ? 8.682   12.933  -2.724  1.00 13.27 ? 75  LYS A O   1 
ATOM   660  C  CB  . LYS A 1 76  ? 11.502  12.197  -2.524  1.00 18.14 ? 75  LYS A CB  1 
ATOM   661  C  CG  . LYS A 1 76  ? 12.185  13.382  -3.287  1.00 23.88 ? 75  LYS A CG  1 
ATOM   662  C  CD  . LYS A 1 76  ? 12.990  12.814  -4.473  1.00 26.02 ? 75  LYS A CD  1 
ATOM   663  C  CE  . LYS A 1 76  ? 13.726  13.877  -5.230  1.00 24.60 ? 75  LYS A CE  1 
ATOM   664  N  NZ  . LYS A 1 76  ? 14.741  13.384  -6.232  1.00 33.63 ? 75  LYS A NZ  1 
HETATM 665  N  N   . MSE A 1 77  ? 9.362   14.701  -1.502  1.00 13.52 ? 76  MSE A N   1 
HETATM 666  C  CA  . MSE A 1 77  ? 8.314   15.549  -2.022  1.00 14.04 ? 76  MSE A CA  1 
HETATM 667  C  C   . MSE A 1 77  ? 8.710   15.977  -3.420  1.00 13.62 ? 76  MSE A C   1 
HETATM 668  O  O   . MSE A 1 77  ? 9.806   16.492  -3.643  1.00 15.71 ? 76  MSE A O   1 
HETATM 669  C  CB  . MSE A 1 77  ? 8.092   16.776  -1.148  1.00 17.92 ? 76  MSE A CB  1 
HETATM 670  C  CG  . MSE A 1 77  ? 7.802   16.402  0.310   1.00 11.85 ? 76  MSE A CG  1 
HETATM 671  SE SE  . MSE A 1 77  ? 6.139   15.487  0.445   0.75 15.12 ? 76  MSE A SE  1 
HETATM 672  C  CE  . MSE A 1 77  ? 4.997   16.641  -0.514  1.00 15.65 ? 76  MSE A CE  1 
ATOM   673  N  N   . LEU A 1 78  ? 7.820   15.758  -4.360  1.00 10.27 ? 77  LEU A N   1 
ATOM   674  C  CA  . LEU A 1 78  ? 8.071   16.133  -5.780  1.00 11.04 ? 77  LEU A CA  1 
ATOM   675  C  C   . LEU A 1 78  ? 7.406   17.465  -6.123  1.00 16.13 ? 77  LEU A C   1 
ATOM   676  O  O   . LEU A 1 78  ? 7.878   18.236  -6.979  1.00 14.20 ? 77  LEU A O   1 
ATOM   677  C  CB  . LEU A 1 78  ? 7.564   15.016  -6.715  1.00 12.86 ? 77  LEU A CB  1 
ATOM   678  C  CG  . LEU A 1 78  ? 8.187   13.631  -6.443  1.00 13.99 ? 77  LEU A CG  1 
ATOM   679  C  CD1 . LEU A 1 78  ? 7.507   12.560  -7.211  1.00 15.30 ? 77  LEU A CD1 1 
ATOM   680  C  CD2 . LEU A 1 78  ? 9.650   13.636  -6.778  1.00 16.58 ? 77  LEU A CD2 1 
ATOM   681  N  N   . SER A 1 79  ? 6.259   17.690  -5.501  1.00 13.73 ? 78  SER A N   1 
ATOM   682  C  CA  . SER A 1 79  ? 5.552   18.941  -5.555  1.00 9.91  ? 78  SER A CA  1 
ATOM   683  C  C   . SER A 1 79  ? 4.669   18.987  -4.282  1.00 8.29  ? 78  SER A C   1 
ATOM   684  O  O   . SER A 1 79  ? 4.679   18.060  -3.468  1.00 9.29  ? 78  SER A O   1 
ATOM   685  C  CB  . SER A 1 79  ? 4.657   18.986  -6.773  1.00 12.29 ? 78  SER A CB  1 
ATOM   686  O  OG  . SER A 1 79  ? 3.567   18.088  -6.721  1.00 9.19  ? 78  SER A OG  1 
ATOM   687  N  N   . ASN A 1 80  ? 3.864   20.043  -4.161  1.00 11.12 ? 79  ASN A N   1 
ATOM   688  C  CA  . ASN A 1 80  ? 2.835   20.073  -3.093  1.00 8.93  ? 79  ASN A CA  1 
ATOM   689  C  C   . ASN A 1 80  ? 1.739   19.024  -3.237  1.00 11.59 ? 79  ASN A C   1 
ATOM   690  O  O   . ASN A 1 80  ? 0.911   18.855  -2.335  1.00 11.90 ? 79  ASN A O   1 
ATOM   691  C  CB  . ASN A 1 80  ? 2.264   21.477  -2.965  1.00 7.69  ? 79  ASN A CB  1 
ATOM   692  C  CG  . ASN A 1 80  ? 3.223   22.396  -2.308  1.00 9.67  ? 79  ASN A CG  1 
ATOM   693  O  OD1 . ASN A 1 80  ? 3.906   21.983  -1.342  1.00 10.26 ? 79  ASN A OD1 1 
ATOM   694  N  ND2 . ASN A 1 80  ? 3.358   23.592  -2.826  1.00 9.70  ? 79  ASN A ND2 1 
ATOM   695  N  N   . TYR A 1 81  ? 1.766   18.305  -4.365  1.00 10.04 ? 80  TYR A N   1 
ATOM   696  C  CA  . TYR A 1 81  ? 0.674   17.368  -4.747  1.00 10.87 ? 80  TYR A CA  1 
ATOM   697  C  C   . TYR A 1 81  ? 1.105   15.945  -5.020  1.00 13.46 ? 80  TYR A C   1 
ATOM   698  O  O   . TYR A 1 81  ? 0.255   15.103  -5.336  1.00 13.25 ? 80  TYR A O   1 
ATOM   699  C  CB  . TYR A 1 81  ? -0.042  17.902  -5.969  1.00 12.96 ? 80  TYR A CB  1 
ATOM   700  C  CG  . TYR A 1 81  ? -0.364  19.363  -5.788  1.00 10.85 ? 80  TYR A CG  1 
ATOM   701  C  CD1 . TYR A 1 81  ? -1.421  19.770  -4.993  1.00 10.95 ? 80  TYR A CD1 1 
ATOM   702  C  CD2 . TYR A 1 81  ? 0.484   20.364  -6.313  1.00 13.23 ? 80  TYR A CD2 1 
ATOM   703  C  CE1 . TYR A 1 81  ? -1.713  21.117  -4.757  1.00 9.74  ? 80  TYR A CE1 1 
ATOM   704  C  CE2 . TYR A 1 81  ? 0.201   21.694  -6.093  1.00 11.85 ? 80  TYR A CE2 1 
ATOM   705  C  CZ  . TYR A 1 81  ? -0.914  22.075  -5.297  1.00 10.08 ? 80  TYR A CZ  1 
ATOM   706  O  OH  . TYR A 1 81  ? -1.159  23.417  -5.062  1.00 10.79 ? 80  TYR A OH  1 
ATOM   707  N  N   . ALA A 1 82  ? 2.391   15.668  -4.890  1.00 12.13 ? 81  ALA A N   1 
ATOM   708  C  CA  . ALA A 1 82  ? 2.947   14.391  -5.320  1.00 13.55 ? 81  ALA A CA  1 
ATOM   709  C  C   . ALA A 1 82  ? 4.235   14.089  -4.562  1.00 12.05 ? 81  ALA A C   1 
ATOM   710  O  O   . ALA A 1 82  ? 5.085   14.940  -4.420  1.00 13.04 ? 81  ALA A O   1 
ATOM   711  C  CB  . ALA A 1 82  ? 3.205   14.392  -6.876  1.00 11.53 ? 81  ALA A CB  1 
ATOM   712  N  N   . ALA A 1 83  ? 4.399   12.862  -4.111  1.00 13.58 ? 82  ALA A N   1 
ATOM   713  C  CA  . ALA A 1 83  ? 5.614   12.432  -3.436  1.00 11.74 ? 82  ALA A CA  1 
ATOM   714  C  C   . ALA A 1 83  ? 5.957   10.978  -3.786  1.00 12.23 ? 82  ALA A C   1 
ATOM   715  O  O   . ALA A 1 83  ? 5.070   10.165  -4.111  1.00 14.40 ? 82  ALA A O   1 
ATOM   716  C  CB  . ALA A 1 83  ? 5.444   12.585  -1.885  1.00 10.39 ? 82  ALA A CB  1 
HETATM 717  N  N   A MSE A 1 84  ? 7.252   10.668  -3.691  0.50 15.89 ? 83  MSE A N   1 
HETATM 718  N  N   B MSE A 1 84  ? 7.233   10.625  -3.755  0.50 13.81 ? 83  MSE A N   1 
HETATM 719  C  CA  A MSE A 1 84  ? 7.796   9.309   -3.825  0.50 16.33 ? 83  MSE A CA  1 
HETATM 720  C  CA  B MSE A 1 84  ? 7.582   9.215   -3.881  0.50 13.15 ? 83  MSE A CA  1 
HETATM 721  C  C   A MSE A 1 84  ? 7.926   8.745   -2.413  0.50 15.42 ? 83  MSE A C   1 
HETATM 722  C  C   B MSE A 1 84  ? 7.993   8.699   -2.523  0.50 13.54 ? 83  MSE A C   1 
HETATM 723  O  O   A MSE A 1 84  ? 8.364   9.466   -1.490  0.50 15.80 ? 83  MSE A O   1 
HETATM 724  O  O   B MSE A 1 84  ? 8.713   9.385   -1.783  0.50 12.87 ? 83  MSE A O   1 
HETATM 725  C  CB  A MSE A 1 84  ? 9.178   9.383   -4.498  0.50 16.12 ? 83  MSE A CB  1 
HETATM 726  C  CB  B MSE A 1 84  ? 8.680   8.995   -4.904  0.50 14.22 ? 83  MSE A CB  1 
HETATM 727  C  CG  A MSE A 1 84  ? 9.911   8.032   -4.871  0.50 19.06 ? 83  MSE A CG  1 
HETATM 728  C  CG  B MSE A 1 84  ? 8.256   9.208   -6.342  0.50 16.67 ? 83  MSE A CG  1 
HETATM 729  SE SE  A MSE A 1 84  ? 11.881  8.278   -4.924  0.37 26.31 ? 83  MSE A SE  1 
HETATM 730  SE SE  B MSE A 1 84  ? 7.086   7.912   -7.202  0.38 21.20 ? 83  MSE A SE  1 
HETATM 731  C  CE  A MSE A 1 84  ? 12.019  8.870   -3.064  0.50 25.79 ? 83  MSE A CE  1 
HETATM 732  C  CE  B MSE A 1 84  ? 7.911   6.380   -6.331  0.50 22.38 ? 83  MSE A CE  1 
ATOM   733  N  N   . VAL A 1 85  ? 7.533   7.480   -2.205  1.00 13.81 ? 84  VAL A N   1 
ATOM   734  C  CA  . VAL A 1 85  ? 7.819   6.808   -0.919  1.00 15.53 ? 84  VAL A CA  1 
ATOM   735  C  C   . VAL A 1 85  ? 8.513   5.508   -1.230  1.00 17.33 ? 84  VAL A C   1 
ATOM   736  O  O   . VAL A 1 85  ? 7.985   4.740   -2.065  1.00 18.53 ? 84  VAL A O   1 
ATOM   737  C  CB  . VAL A 1 85  ? 6.568   6.557   -0.086  1.00 16.99 ? 84  VAL A CB  1 
ATOM   738  C  CG1 . VAL A 1 85  ? 6.951   6.000   1.346   1.00 19.28 ? 84  VAL A CG1 1 
ATOM   739  C  CG2 . VAL A 1 85  ? 5.732   7.827   0.052   1.00 15.49 ? 84  VAL A CG2 1 
ATOM   740  N  N   A VAL A 1 86  ? 9.707   5.274   -0.632  0.50 13.26 ? 85  VAL A N   1 
ATOM   741  N  N   B VAL A 1 86  ? 9.663   5.265   -0.603  0.50 13.01 ? 85  VAL A N   1 
ATOM   742  C  CA  A VAL A 1 86  ? 10.552  4.052   -0.859  0.50 14.49 ? 85  VAL A CA  1 
ATOM   743  C  CA  B VAL A 1 86  ? 10.322  3.985   -0.771  0.50 15.16 ? 85  VAL A CA  1 
ATOM   744  C  C   A VAL A 1 86  ? 10.780  3.351   0.505   0.50 14.61 ? 85  VAL A C   1 
ATOM   745  C  C   B VAL A 1 86  ? 10.536  3.347   0.584   0.50 15.14 ? 85  VAL A C   1 
ATOM   746  O  O   A VAL A 1 86  ? 11.121  4.003   1.480   0.50 12.07 ? 85  VAL A O   1 
ATOM   747  O  O   B VAL A 1 86  ? 10.604  4.016   1.623   0.50 14.50 ? 85  VAL A O   1 
ATOM   748  C  CB  A VAL A 1 86  ? 11.937  4.373   -1.500  0.50 17.21 ? 85  VAL A CB  1 
ATOM   749  C  CB  B VAL A 1 86  ? 11.641  4.074   -1.480  0.50 13.73 ? 85  VAL A CB  1 
ATOM   750  C  CG1 A VAL A 1 86  ? 12.794  3.102   -1.718  0.50 10.68 ? 85  VAL A CG1 1 
ATOM   751  C  CG1 B VAL A 1 86  ? 11.494  4.769   -2.820  0.50 21.03 ? 85  VAL A CG1 1 
ATOM   752  C  CG2 A VAL A 1 86  ? 11.776  5.074   -2.828  0.50 19.82 ? 85  VAL A CG2 1 
ATOM   753  C  CG2 B VAL A 1 86  ? 12.673  4.782   -0.603  0.50 11.22 ? 85  VAL A CG2 1 
ATOM   754  N  N   . GLY A 1 87  ? 10.614  2.036   0.573   1.00 13.22 ? 86  GLY A N   1 
ATOM   755  C  CA  . GLY A 1 87  ? 10.710  1.331   1.833   1.00 12.52 ? 86  GLY A CA  1 
ATOM   756  C  C   . GLY A 1 87  ? 10.784  -0.152  1.694   1.00 9.57  ? 86  GLY A C   1 
ATOM   757  O  O   . GLY A 1 87  ? 10.809  -0.697  0.579   1.00 12.46 ? 86  GLY A O   1 
ATOM   758  N  N   A ARG A 1 88  ? 10.836  -0.810  2.840   0.50 12.84 ? 87  ARG A N   1 
ATOM   759  N  N   B ARG A 1 88  ? 10.785  -0.807  2.846   0.50 14.14 ? 87  ARG A N   1 
ATOM   760  C  CA  A ARG A 1 88  ? 10.725  -2.237  2.897   0.50 10.50 ? 87  ARG A CA  1 
ATOM   761  C  CA  B ARG A 1 88  ? 10.735  -2.241  2.934   0.50 13.18 ? 87  ARG A CA  1 
ATOM   762  C  C   A ARG A 1 88  ? 9.394   -2.630  3.554   0.50 12.15 ? 87  ARG A C   1 
ATOM   763  C  C   B ARG A 1 88  ? 9.429   -2.669  3.616   0.50 13.49 ? 87  ARG A C   1 
ATOM   764  O  O   A ARG A 1 88  ? 8.850   -1.899  4.385   0.50 13.30 ? 87  ARG A O   1 
ATOM   765  O  O   B ARG A 1 88  ? 8.939   -2.000  4.534   0.50 13.99 ? 87  ARG A O   1 
ATOM   766  C  CB  A ARG A 1 88  ? 11.871  -2.807  3.710   0.50 8.78  ? 87  ARG A CB  1 
ATOM   767  C  CB  B ARG A 1 88  ? 11.931  -2.725  3.740   0.50 12.11 ? 87  ARG A CB  1 
ATOM   768  C  CG  A ARG A 1 88  ? 13.265  -2.629  3.087   0.50 9.98  ? 87  ARG A CG  1 
ATOM   769  C  CG  B ARG A 1 88  ? 11.930  -4.203  4.106   0.50 15.78 ? 87  ARG A CG  1 
ATOM   770  C  CD  A ARG A 1 88  ? 14.285  -3.477  3.818   0.50 11.04 ? 87  ARG A CD  1 
ATOM   771  C  CD  B ARG A 1 88  ? 13.354  -4.686  4.418   0.50 17.18 ? 87  ARG A CD  1 
ATOM   772  N  NE  A ARG A 1 88  ? 14.039  -4.909  3.598   0.50 9.91  ? 87  ARG A NE  1 
ATOM   773  N  NE  B ARG A 1 88  ? 14.234  -4.733  3.263   0.50 20.75 ? 87  ARG A NE  1 
ATOM   774  C  CZ  A ARG A 1 88  ? 14.458  -5.576  2.535   0.50 13.33 ? 87  ARG A CZ  1 
ATOM   775  C  CZ  B ARG A 1 88  ? 14.170  -5.654  2.312   0.50 13.38 ? 87  ARG A CZ  1 
ATOM   776  N  NH1 A ARG A 1 88  ? 15.212  -4.975  1.603   0.50 8.78  ? 87  ARG A NH1 1 
ATOM   777  N  NH1 B ARG A 1 88  ? 13.279  -6.627  2.381   0.50 5.57  ? 87  ARG A NH1 1 
ATOM   778  N  NH2 A ARG A 1 88  ? 14.144  -6.852  2.415   0.50 12.16 ? 87  ARG A NH2 1 
ATOM   779  N  NH2 B ARG A 1 88  ? 15.026  -5.609  1.300   0.50 17.60 ? 87  ARG A NH2 1 
ATOM   780  N  N   . TRP A 1 89  ? 8.882   -3.794  3.191   1.00 12.46 ? 88  TRP A N   1 
ATOM   781  C  CA  . TRP A 1 89  ? 7.728   -4.359  3.890   1.00 12.40 ? 88  TRP A CA  1 
ATOM   782  C  C   . TRP A 1 89  ? 8.140   -5.677  4.492   1.00 11.64 ? 88  TRP A C   1 
ATOM   783  O  O   . TRP A 1 89  ? 9.002   -6.410  3.926   1.00 11.89 ? 88  TRP A O   1 
ATOM   784  C  CB  . TRP A 1 89  ? 6.530   -4.536  2.967   1.00 13.66 ? 88  TRP A CB  1 
ATOM   785  C  CG  . TRP A 1 89  ? 6.806   -5.345  1.709   1.00 11.96 ? 88  TRP A CG  1 
ATOM   786  C  CD1 . TRP A 1 89  ? 7.177   -4.868  0.481   1.00 15.72 ? 88  TRP A CD1 1 
ATOM   787  C  CD2 . TRP A 1 89  ? 6.710   -6.763  1.586   1.00 15.31 ? 88  TRP A CD2 1 
ATOM   788  N  NE1 . TRP A 1 89  ? 7.315   -5.923  -0.405  1.00 17.28 ? 88  TRP A NE1 1 
ATOM   789  C  CE2 . TRP A 1 89  ? 7.060   -7.090  0.258   1.00 18.45 ? 88  TRP A CE2 1 
ATOM   790  C  CE3 . TRP A 1 89  ? 6.414   -7.807  2.497   1.00 13.48 ? 88  TRP A CE3 1 
ATOM   791  C  CZ2 . TRP A 1 89  ? 7.054   -8.377  -0.200  1.00 16.87 ? 88  TRP A CZ2 1 
ATOM   792  C  CZ3 . TRP A 1 89  ? 6.435   -9.067  2.044   1.00 14.33 ? 88  TRP A CZ3 1 
ATOM   793  C  CH2 . TRP A 1 89  ? 6.785   -9.360  0.700   1.00 17.33 ? 88  TRP A CH2 1 
ATOM   794  N  N   . ASP A 1 90  ? 7.491   -5.985  5.619   1.00 15.88 ? 89  ASP A N   1 
ATOM   795  C  CA  . ASP A 1 90  ? 7.682   -7.255  6.326   1.00 14.46 ? 89  ASP A CA  1 
ATOM   796  C  C   . ASP A 1 90  ? 6.357   -7.797  6.786   1.00 14.88 ? 89  ASP A C   1 
ATOM   797  O  O   . ASP A 1 90  ? 5.508   -7.047  7.220   1.00 13.44 ? 89  ASP A O   1 
ATOM   798  C  CB  . ASP A 1 90  ? 8.609   -7.096  7.509   1.00 15.97 ? 89  ASP A CB  1 
ATOM   799  C  CG  . ASP A 1 90  ? 10.012  -6.882  7.087   1.00 15.39 ? 89  ASP A CG  1 
ATOM   800  O  OD1 . ASP A 1 90  ? 10.636  -7.862  6.673   1.00 14.50 ? 89  ASP A OD1 1 
ATOM   801  O  OD2 . ASP A 1 90  ? 10.493  -5.731  7.129   1.00 14.68 ? 89  ASP A OD2 1 
ATOM   802  N  N   . LEU A 1 91  ? 6.191   -9.114  6.656   1.00 12.52 ? 90  LEU A N   1 
ATOM   803  C  CA  . LEU A 1 91  ? 5.002   -9.805  7.136   1.00 16.07 ? 90  LEU A CA  1 
ATOM   804  C  C   . LEU A 1 91  ? 5.421   -10.918 8.065   1.00 17.97 ? 90  LEU A C   1 
ATOM   805  O  O   . LEU A 1 91  ? 6.354   -11.665 7.764   1.00 22.08 ? 90  LEU A O   1 
ATOM   806  C  CB  . LEU A 1 91  ? 4.175   -10.374 5.980   1.00 15.48 ? 90  LEU A CB  1 
ATOM   807  C  CG  . LEU A 1 91  ? 3.312   -9.392  5.235   1.00 20.89 ? 90  LEU A CG  1 
ATOM   808  C  CD1 . LEU A 1 91  ? 2.996   -9.969  3.895   1.00 19.39 ? 90  LEU A CD1 1 
ATOM   809  C  CD2 . LEU A 1 91  ? 2.039   -9.020  6.044   1.00 17.70 ? 90  LEU A CD2 1 
ATOM   810  N  N   A LYS A 1 92  ? 4.756   -11.036 9.207   0.50 14.24 ? 91  LYS A N   1 
ATOM   811  N  N   B LYS A 1 92  ? 4.782   -10.977 9.230   0.50 16.72 ? 91  LYS A N   1 
ATOM   812  C  CA  A LYS A 1 92  ? 5.020   -12.139 10.101  0.50 12.27 ? 91  LYS A CA  1 
ATOM   813  C  CA  B LYS A 1 92  ? 4.921   -12.094 10.134  0.50 15.99 ? 91  LYS A CA  1 
ATOM   814  C  C   A LYS A 1 92  ? 3.856   -13.124 10.023  0.50 12.17 ? 91  LYS A C   1 
ATOM   815  C  C   B LYS A 1 92  ? 3.675   -12.957 9.948   0.50 16.71 ? 91  LYS A C   1 
ATOM   816  O  O   A LYS A 1 92  ? 2.706   -12.808 10.389  0.50 11.39 ? 91  LYS A O   1 
ATOM   817  O  O   B LYS A 1 92  ? 2.537   -12.491 10.127  0.50 16.67 ? 91  LYS A O   1 
ATOM   818  C  CB  A LYS A 1 92  ? 5.220   -11.655 11.525  0.50 11.74 ? 91  LYS A CB  1 
ATOM   819  C  CB  B LYS A 1 92  ? 5.034   -11.622 11.585  0.50 16.18 ? 91  LYS A CB  1 
ATOM   820  C  CG  A LYS A 1 92  ? 5.419   -12.799 12.494  0.50 11.58 ? 91  LYS A CG  1 
ATOM   821  C  CG  B LYS A 1 92  ? 6.407   -11.103 11.992  0.50 14.13 ? 91  LYS A CG  1 
ATOM   822  N  N   A ARG A 1 93  ? 4.166   -14.321 9.553   0.50 10.44 ? 92  ARG A N   1 
ATOM   823  N  N   B ARG A 1 93  ? 3.896   -14.207 9.556   0.50 14.80 ? 92  ARG A N   1 
ATOM   824  C  CA  A ARG A 1 93  ? 3.146   -15.306 9.222   0.50 11.96 ? 92  ARG A CA  1 
ATOM   825  C  CA  B ARG A 1 93  ? 2.808   -15.171 9.396   0.50 14.93 ? 92  ARG A CA  1 
ATOM   826  C  C   A ARG A 1 93  ? 3.330   -16.513 10.143  0.50 11.25 ? 92  ARG A C   1 
ATOM   827  C  C   B ARG A 1 93  ? 3.195   -16.412 10.209  0.50 12.95 ? 92  ARG A C   1 
ATOM   828  O  O   A ARG A 1 93  ? 4.293   -16.566 10.922  0.50 12.77 ? 92  ARG A O   1 
ATOM   829  O  O   B ARG A 1 93  ? 4.168   -16.377 10.974  0.50 14.31 ? 92  ARG A O   1 
ATOM   830  C  CB  A ARG A 1 93  ? 3.266   -15.701 7.737   0.50 11.84 ? 92  ARG A CB  1 
ATOM   831  C  CB  B ARG A 1 93  ? 2.562   -15.472 7.905   0.50 14.56 ? 92  ARG A CB  1 
ATOM   832  C  CG  A ARG A 1 93  ? 2.936   -14.529 6.745   0.50 18.41 ? 92  ARG A CG  1 
ATOM   833  C  CG  B ARG A 1 93  ? 2.625   -14.173 7.050   0.50 19.00 ? 92  ARG A CG  1 
ATOM   834  C  CD  A ARG A 1 93  ? 1.438   -14.484 6.601   0.50 17.56 ? 92  ARG A CD  1 
ATOM   835  C  CD  B ARG A 1 93  ? 2.306   -14.356 5.584   0.50 18.03 ? 92  ARG A CD  1 
ATOM   836  N  NE  A ARG A 1 93  ? 0.818   -13.377 5.861   0.50 21.47 ? 92  ARG A NE  1 
ATOM   837  N  NE  B ARG A 1 93  ? 3.096   -15.384 4.893   0.50 16.12 ? 92  ARG A NE  1 
ATOM   838  C  CZ  A ARG A 1 93  ? 0.776   -13.223 4.535   0.50 14.78 ? 92  ARG A CZ  1 
ATOM   839  C  CZ  B ARG A 1 93  ? 2.967   -15.648 3.603   0.50 15.09 ? 92  ARG A CZ  1 
ATOM   840  N  NH1 A ARG A 1 93  ? 1.502   -13.970 3.724   0.50 10.45 ? 92  ARG A NH1 1 
ATOM   841  N  NH1 B ARG A 1 93  ? 3.683   -16.569 3.041   0.50 22.34 ? 92  ARG A NH1 1 
ATOM   842  N  NH2 A ARG A 1 93  ? 0.063   -12.233 4.034   0.50 8.73  ? 92  ARG A NH2 1 
ATOM   843  N  NH2 B ARG A 1 93  ? 2.104   -14.947 2.864   0.50 27.09 ? 92  ARG A NH2 1 
ATOM   844  N  N   . LEU A 1 94  ? 2.431   -17.486 10.060  1.00 11.45 ? 93  LEU A N   1 
ATOM   845  C  CA  . LEU A 1 94  ? 2.554   -18.657 10.919  1.00 10.31 ? 93  LEU A CA  1 
ATOM   846  C  C   . LEU A 1 94  ? 3.877   -19.409 10.765  1.00 10.02 ? 93  LEU A C   1 
ATOM   847  O  O   . LEU A 1 94  ? 4.458   -19.852 11.747  1.00 12.65 ? 93  LEU A O   1 
ATOM   848  C  CB  . LEU A 1 94  ? 1.368   -19.597 10.738  1.00 9.65  ? 93  LEU A CB  1 
ATOM   849  C  CG  . LEU A 1 94  ? 1.328   -20.720 11.811  1.00 8.88  ? 93  LEU A CG  1 
ATOM   850  C  CD1 . LEU A 1 94  ? 0.987   -20.194 13.278  1.00 9.95  ? 93  LEU A CD1 1 
ATOM   851  C  CD2 . LEU A 1 94  ? 0.389   -21.791 11.390  1.00 13.10 ? 93  LEU A CD2 1 
ATOM   852  N  N   . LYS A 1 95  ? 4.334   -19.560 9.521   1.00 13.02 ? 94  LYS A N   1 
ATOM   853  C  CA  . LYS A 1 95  ? 5.448   -20.466 9.203   1.00 13.27 ? 94  LYS A CA  1 
ATOM   854  C  C   . LYS A 1 95  ? 6.502   -19.745 8.372   1.00 14.19 ? 94  LYS A C   1 
ATOM   855  O  O   . LYS A 1 95  ? 7.441   -20.401 7.912   1.00 15.85 ? 94  LYS A O   1 
ATOM   856  C  CB  . LYS A 1 95  ? 4.945   -21.726 8.486   1.00 14.33 ? 94  LYS A CB  1 
ATOM   857  C  CG  . LYS A 1 95  ? 3.981   -22.496 9.346   1.00 15.07 ? 94  LYS A CG  1 
ATOM   858  C  CD  . LYS A 1 95  ? 3.581   -23.929 8.896   1.00 20.18 ? 94  LYS A CD  1 
ATOM   859  C  CE  . LYS A 1 95  ? 2.747   -23.992 7.600   1.00 29.99 ? 94  LYS A CE  1 
ATOM   860  N  NZ  . LYS A 1 95  ? 2.327   -25.431 7.325   1.00 22.47 ? 94  LYS A NZ  1 
ATOM   861  N  N   . ASP A 1 96  ? 6.398   -18.426 8.227   1.00 12.09 ? 95  ASP A N   1 
ATOM   862  C  CA  . ASP A 1 96  ? 7.411   -17.657 7.530   1.00 12.67 ? 95  ASP A CA  1 
ATOM   863  C  C   . ASP A 1 96  ? 7.286   -16.186 7.813   1.00 11.29 ? 95  ASP A C   1 
ATOM   864  O  O   . ASP A 1 96  ? 6.304   -15.768 8.446   1.00 11.41 ? 95  ASP A O   1 
ATOM   865  C  CB  . ASP A 1 96  ? 7.439   -17.952 5.995   1.00 10.83 ? 95  ASP A CB  1 
ATOM   866  C  CG  . ASP A 1 96  ? 6.255   -17.499 5.233   1.00 17.00 ? 95  ASP A CG  1 
ATOM   867  O  OD1 . ASP A 1 96  ? 5.209   -17.085 5.773   1.00 15.81 ? 95  ASP A OD1 1 
ATOM   868  O  OD2 . ASP A 1 96  ? 6.367   -17.534 3.970   1.00 23.97 ? 95  ASP A OD2 1 
ATOM   869  N  N   . THR A 1 97  ? 8.277   -15.428 7.336   1.00 11.92 ? 96  THR A N   1 
ATOM   870  C  CA  . THR A 1 97  ? 8.360   -14.009 7.510   1.00 15.06 ? 96  THR A CA  1 
ATOM   871  C  C   . THR A 1 97  ? 8.773   -13.341 6.166   1.00 15.31 ? 96  THR A C   1 
ATOM   872  O  O   . THR A 1 97  ? 9.909   -12.905 6.026   1.00 16.70 ? 96  THR A O   1 
ATOM   873  C  CB  . THR A 1 97  ? 9.352   -13.649 8.611   1.00 15.58 ? 96  THR A CB  1 
ATOM   874  O  OG1 . THR A 1 97  ? 10.601  -14.352 8.395   1.00 17.46 ? 96  THR A OG1 1 
ATOM   875  C  CG2 . THR A 1 97  ? 8.796   -14.112 9.955   1.00 17.88 ? 96  THR A CG2 1 
ATOM   876  N  N   . PRO A 1 98  ? 7.852   -13.314 5.185   1.00 13.96 ? 97  PRO A N   1 
ATOM   877  C  CA  . PRO A 1 98  ? 8.164   -12.685 3.898   1.00 15.17 ? 97  PRO A CA  1 
ATOM   878  C  C   . PRO A 1 98  ? 8.601   -11.241 4.050   1.00 14.18 ? 97  PRO A C   1 
ATOM   879  O  O   . PRO A 1 98  ? 8.135   -10.482 4.931   1.00 14.28 ? 97  PRO A O   1 
ATOM   880  C  CB  . PRO A 1 98  ? 6.826   -12.723 3.161   1.00 16.19 ? 97  PRO A CB  1 
ATOM   881  C  CG  . PRO A 1 98  ? 6.005   -13.807 3.840   1.00 16.60 ? 97  PRO A CG  1 
ATOM   882  C  CD  . PRO A 1 98  ? 6.458   -13.783 5.240   1.00 13.24 ? 97  PRO A CD  1 
ATOM   883  N  N   . THR A 1 99  ? 9.562   -10.873 3.219   1.00 13.34 ? 98  THR A N   1 
ATOM   884  C  CA  . THR A 1 99  ? 10.072  -9.506  3.168   1.00 12.42 ? 98  THR A CA  1 
ATOM   885  C  C   . THR A 1 99  ? 10.260  -9.067  1.714   1.00 12.74 ? 98  THR A C   1 
ATOM   886  O  O   . THR A 1 99  ? 10.477  -9.870  0.825   1.00 13.66 ? 98  THR A O   1 
ATOM   887  C  CB  . THR A 1 99  ? 11.404  -9.368  3.936   1.00 12.35 ? 98  THR A CB  1 
ATOM   888  O  OG1 . THR A 1 99  ? 11.715  -7.988  4.099   1.00 18.80 ? 98  THR A OG1 1 
ATOM   889  C  CG2 . THR A 1 99  ? 12.571  -10.060 3.250   1.00 13.04 ? 98  THR A CG2 1 
ATOM   890  N  N   . GLY A 1 100 ? 10.199  -7.769  1.519   1.00 12.40 ? 99  GLY A N   1 
ATOM   891  C  CA  . GLY A 1 100 ? 10.439  -7.191  0.233   1.00 13.03 ? 99  GLY A CA  1 
ATOM   892  C  C   . GLY A 1 100 ? 10.545  -5.686  0.284   1.00 12.81 ? 99  GLY A C   1 
ATOM   893  O  O   . GLY A 1 100 ? 10.688  -5.069  1.355   1.00 14.19 ? 99  GLY A O   1 
ATOM   894  N  N   . VAL A 1 101 ? 10.525  -5.090  -0.920  1.00 13.38 ? 100 VAL A N   1 
ATOM   895  C  CA  . VAL A 1 101 ? 10.625  -3.655  -1.064  1.00 9.58  ? 100 VAL A CA  1 
ATOM   896  C  C   . VAL A 1 101 ? 9.411   -3.087  -1.769  1.00 13.78 ? 100 VAL A C   1 
ATOM   897  O  O   . VAL A 1 101 ? 8.718   -3.772  -2.507  1.00 13.46 ? 100 VAL A O   1 
ATOM   898  C  CB  . VAL A 1 101 ? 11.903  -3.289  -1.869  1.00 9.68  ? 100 VAL A CB  1 
ATOM   899  C  CG1 . VAL A 1 101 ? 13.154  -3.709  -1.073  1.00 11.23 ? 100 VAL A CG1 1 
ATOM   900  C  CG2 . VAL A 1 101 ? 11.875  -3.897  -3.250  1.00 13.54 ? 100 VAL A CG2 1 
ATOM   901  N  N   . PHE A 1 102 ? 9.166   -1.811  -1.547  1.00 12.05 ? 101 PHE A N   1 
ATOM   902  C  CA  . PHE A 1 102 ? 8.142   -1.100  -2.259  1.00 11.83 ? 101 PHE A CA  1 
ATOM   903  C  C   . PHE A 1 102 ? 8.588   0.299   -2.630  1.00 11.77 ? 101 PHE A C   1 
ATOM   904  O  O   . PHE A 1 102 ? 9.375   0.961   -1.946  1.00 13.57 ? 101 PHE A O   1 
ATOM   905  C  CB  . PHE A 1 102 ? 6.849   -0.990  -1.435  1.00 13.91 ? 101 PHE A CB  1 
ATOM   906  C  CG  . PHE A 1 102 ? 6.957   -0.104  -0.222  1.00 12.76 ? 101 PHE A CG  1 
ATOM   907  C  CD1 . PHE A 1 102 ? 6.713   1.266   -0.329  1.00 15.55 ? 101 PHE A CD1 1 
ATOM   908  C  CD2 . PHE A 1 102 ? 7.227   -0.637  1.058   1.00 13.66 ? 101 PHE A CD2 1 
ATOM   909  C  CE1 . PHE A 1 102 ? 6.799   2.109   0.794   1.00 16.16 ? 101 PHE A CE1 1 
ATOM   910  C  CE2 . PHE A 1 102 ? 7.286   0.175   2.161   1.00 19.80 ? 101 PHE A CE2 1 
ATOM   911  C  CZ  . PHE A 1 102 ? 7.075   1.548   2.048   1.00 19.94 ? 101 PHE A CZ  1 
ATOM   912  N  N   . THR A 1 103 ? 8.040   0.745   -3.759  1.00 11.52 ? 102 THR A N   1 
ATOM   913  C  CA  . THR A 1 103 ? 8.133   2.126   -4.169  1.00 11.78 ? 102 THR A CA  1 
ATOM   914  C  C   . THR A 1 103 ? 6.711   2.583   -4.556  1.00 10.36 ? 102 THR A C   1 
ATOM   915  O  O   . THR A 1 103 ? 5.972   1.855   -5.232  1.00 13.42 ? 102 THR A O   1 
ATOM   916  C  CB  . THR A 1 103 ? 9.148   2.347   -5.316  1.00 11.59 ? 102 THR A CB  1 
ATOM   917  O  OG1 . THR A 1 103 ? 8.781   1.587   -6.476  1.00 12.61 ? 102 THR A OG1 1 
ATOM   918  C  CG2 . THR A 1 103 ? 10.546  2.024   -4.882  1.00 9.23  ? 102 THR A CG2 1 
ATOM   919  N  N   . LEU A 1 104 ? 6.310   3.725   -4.006  1.00 8.66  ? 103 LEU A N   1 
ATOM   920  C  CA  . LEU A 1 104 ? 4.963   4.279   -4.159  1.00 12.11 ? 103 LEU A CA  1 
ATOM   921  C  C   . LEU A 1 104 ? 4.991   5.702   -4.719  1.00 14.04 ? 103 LEU A C   1 
ATOM   922  O  O   . LEU A 1 104 ? 5.926   6.491   -4.417  1.00 13.16 ? 103 LEU A O   1 
ATOM   923  C  CB  . LEU A 1 104 ? 4.241   4.397   -2.814  1.00 16.47 ? 103 LEU A CB  1 
ATOM   924  C  CG  . LEU A 1 104 ? 4.311   3.355   -1.748  1.00 15.32 ? 103 LEU A CG  1 
ATOM   925  C  CD1 . LEU A 1 104 ? 3.549   3.705   -0.533  1.00 16.67 ? 103 LEU A CD1 1 
ATOM   926  C  CD2 . LEU A 1 104 ? 3.774   2.044   -2.318  1.00 16.67 ? 103 LEU A CD2 1 
ATOM   927  N  N   . LEU A 1 105 ? 3.986   6.031   -5.510  1.00 13.41 ? 104 LEU A N   1 
ATOM   928  C  CA  . LEU A 1 105 ? 3.606   7.422   -5.778  1.00 12.62 ? 104 LEU A CA  1 
ATOM   929  C  C   . LEU A 1 105 ? 2.360   7.702   -4.938  1.00 14.41 ? 104 LEU A C   1 
ATOM   930  O  O   . LEU A 1 105 ? 1.364   6.945   -4.990  1.00 13.97 ? 104 LEU A O   1 
ATOM   931  C  CB  . LEU A 1 105 ? 3.258   7.614   -7.252  1.00 15.17 ? 104 LEU A CB  1 
ATOM   932  C  CG  . LEU A 1 105 ? 2.718   8.992   -7.639  1.00 14.45 ? 104 LEU A CG  1 
ATOM   933  C  CD1 . LEU A 1 105 ? 3.676   10.138  -7.308  1.00 12.84 ? 104 LEU A CD1 1 
ATOM   934  C  CD2 . LEU A 1 105 ? 2.356   8.934   -9.093  1.00 15.49 ? 104 LEU A CD2 1 
ATOM   935  N  N   A VAL A 1 106 ? 2.444   8.755   -4.133  0.50 11.82 ? 105 VAL A N   1 
ATOM   936  N  N   B VAL A 1 106 ? 2.398   8.823   -4.239  0.50 12.33 ? 105 VAL A N   1 
ATOM   937  C  CA  A VAL A 1 106 ? 1.293   9.250   -3.376  0.50 12.88 ? 105 VAL A CA  1 
ATOM   938  C  CA  B VAL A 1 106 ? 1.306   9.232   -3.370  0.50 14.57 ? 105 VAL A CA  1 
ATOM   939  C  C   A VAL A 1 106 ? 0.990   10.627  -3.961  0.50 12.08 ? 105 VAL A C   1 
ATOM   940  C  C   B VAL A 1 106 ? 0.980   10.661  -3.787  0.50 14.92 ? 105 VAL A C   1 
ATOM   941  O  O   A VAL A 1 106 ? 1.919   11.398  -4.382  0.50 7.63  ? 105 VAL A O   1 
ATOM   942  O  O   B VAL A 1 106 ? 1.895   11.511  -3.886  0.50 15.85 ? 105 VAL A O   1 
ATOM   943  C  CB  A VAL A 1 106 ? 1.516   9.299   -1.848  0.50 15.94 ? 105 VAL A CB  1 
ATOM   944  C  CB  B VAL A 1 106 ? 1.720   9.138   -1.916  0.50 17.88 ? 105 VAL A CB  1 
ATOM   945  C  CG1 A VAL A 1 106 ? 1.718   7.863   -1.272  0.50 15.53 ? 105 VAL A CG1 1 
ATOM   946  C  CG1 B VAL A 1 106 ? 0.512   9.261   -1.024  0.50 16.46 ? 105 VAL A CG1 1 
ATOM   947  C  CG2 A VAL A 1 106 ? 2.689   10.216  -1.473  0.50 14.28 ? 105 VAL A CG2 1 
ATOM   948  C  CG2 B VAL A 1 106 ? 2.451   7.794   -1.658  0.50 13.45 ? 105 VAL A CG2 1 
ATOM   949  N  N   . GLU A 1 107 ? -0.304  10.925  -4.040  1.00 13.52 ? 106 GLU A N   1 
ATOM   950  C  CA  . GLU A 1 107 ? -0.772  12.209  -4.602  1.00 15.48 ? 106 GLU A CA  1 
ATOM   951  C  C   . GLU A 1 107 ? -1.891  12.803  -3.759  1.00 13.61 ? 106 GLU A C   1 
ATOM   952  O  O   . GLU A 1 107 ? -2.642  12.063  -3.127  1.00 12.04 ? 106 GLU A O   1 
ATOM   953  C  CB  . GLU A 1 107 ? -1.272  12.038  -6.053  1.00 12.08 ? 106 GLU A CB  1 
ATOM   954  C  CG  . GLU A 1 107 ? -0.219  11.513  -6.982  1.00 11.72 ? 106 GLU A CG  1 
ATOM   955  C  CD  . GLU A 1 107 ? -0.691  11.488  -8.389  1.00 19.81 ? 106 GLU A CD  1 
ATOM   956  O  OE1 . GLU A 1 107 ? -0.920  12.577  -8.963  1.00 20.31 ? 106 GLU A OE1 1 
ATOM   957  O  OE2 . GLU A 1 107 ? -0.804  10.385  -8.966  1.00 13.73 ? 106 GLU A OE2 1 
ATOM   958  N  N   A LYS A 1 108 ? -1.967  14.133  -3.758  0.50 14.67 ? 107 LYS A N   1 
ATOM   959  N  N   B LYS A 1 108 ? -1.973  14.137  -3.724  0.50 16.73 ? 107 LYS A N   1 
ATOM   960  C  CA  A LYS A 1 108 ? -2.951  14.853  -2.997  0.50 13.51 ? 107 LYS A CA  1 
ATOM   961  C  CA  B LYS A 1 108 ? -2.973  14.830  -2.928  0.50 17.84 ? 107 LYS A CA  1 
ATOM   962  C  C   A LYS A 1 108 ? -4.156  15.013  -3.908  0.50 16.41 ? 107 LYS A C   1 
ATOM   963  C  C   B LYS A 1 108 ? -4.172  15.053  -3.838  0.50 18.56 ? 107 LYS A C   1 
ATOM   964  O  O   A LYS A 1 108 ? -4.108  15.763  -4.895  0.50 15.76 ? 107 LYS A O   1 
ATOM   965  O  O   B LYS A 1 108 ? -4.140  15.895  -4.741  0.50 18.64 ? 107 LYS A O   1 
ATOM   966  C  CB  A LYS A 1 108 ? -2.424  16.224  -2.530  0.50 11.94 ? 107 LYS A CB  1 
ATOM   967  C  CB  B LYS A 1 108 ? -2.447  16.159  -2.337  0.50 17.65 ? 107 LYS A CB  1 
ATOM   968  C  CG  A LYS A 1 108 ? -3.405  16.898  -1.608  0.50 8.93  ? 107 LYS A CG  1 
ATOM   969  C  CG  B LYS A 1 108 ? -3.038  16.461  -0.948  0.50 22.06 ? 107 LYS A CG  1 
ATOM   970  C  CD  A LYS A 1 108 ? -2.874  18.149  -0.853  0.50 19.18 ? 107 LYS A CD  1 
ATOM   971  C  CD  B LYS A 1 108 ? -2.867  17.922  -0.515  0.50 24.31 ? 107 LYS A CD  1 
ATOM   972  C  CE  A LYS A 1 108 ? -3.377  19.464  -1.449  0.50 19.08 ? 107 LYS A CE  1 
ATOM   973  C  CE  B LYS A 1 108 ? -3.504  18.181  0.830   0.50 26.58 ? 107 LYS A CE  1 
ATOM   974  N  NZ  A LYS A 1 108 ? -3.178  20.616  -0.514  0.50 11.81 ? 107 LYS A NZ  1 
ATOM   975  N  NZ  B LYS A 1 108 ? -3.563  19.647  1.160   0.50 29.68 ? 107 LYS A NZ  1 
ATOM   976  N  N   . ILE A 1 109 ? -5.195  14.240  -3.624  1.00 18.78 ? 108 ILE A N   1 
ATOM   977  C  CA  . ILE A 1 109 ? -6.398  14.224  -4.451  1.00 22.58 ? 108 ILE A CA  1 
ATOM   978  C  C   . ILE A 1 109 ? -7.563  14.489  -3.502  1.00 20.03 ? 108 ILE A C   1 
ATOM   979  O  O   . ILE A 1 109 ? -7.745  13.778  -2.501  1.00 21.93 ? 108 ILE A O   1 
ATOM   980  C  CB  . ILE A 1 109 ? -6.532  12.872  -5.166  1.00 24.67 ? 108 ILE A CB  1 
ATOM   981  C  CG1 . ILE A 1 109 ? -5.306  12.652  -6.096  1.00 23.86 ? 108 ILE A CG1 1 
ATOM   982  C  CG2 . ILE A 1 109 ? -7.898  12.774  -5.907  1.00 25.69 ? 108 ILE A CG2 1 
ATOM   983  C  CD1 . ILE A 1 109 ? -5.264  11.362  -6.831  1.00 24.38 ? 108 ILE A CD1 1 
ATOM   984  N  N   . ASP A 1 110 ? -8.350  15.517  -3.774  1.00 24.43 ? 109 ASP A N   1 
ATOM   985  C  CA  . ASP A 1 110 ? -9.454  15.872  -2.838  1.00 28.01 ? 109 ASP A CA  1 
ATOM   986  C  C   . ASP A 1 110 ? -8.938  16.144  -1.424  1.00 26.64 ? 109 ASP A C   1 
ATOM   987  O  O   . ASP A 1 110 ? -9.501  15.633  -0.434  1.00 27.31 ? 109 ASP A O   1 
ATOM   988  C  CB  . ASP A 1 110 ? -10.458 14.707  -2.753  1.00 28.63 ? 109 ASP A CB  1 
ATOM   989  C  CG  . ASP A 1 110 ? -10.862 14.180  -4.119  1.00 32.41 ? 109 ASP A CG  1 
ATOM   990  O  OD1 . ASP A 1 110 ? -11.199 15.021  -5.004  1.00 36.22 ? 109 ASP A OD1 1 
ATOM   991  O  OD2 . ASP A 1 110 ? -10.816 12.934  -4.294  1.00 47.93 ? 109 ASP A OD2 1 
ATOM   992  N  N   . ASP A 1 111 ? -7.842  16.895  -1.323  1.00 27.10 ? 110 ASP A N   1 
ATOM   993  C  CA  . ASP A 1 111 ? -7.260  17.187  -0.020  1.00 26.73 ? 110 ASP A CA  1 
ATOM   994  C  C   . ASP A 1 111 ? -6.980  15.959  0.875   1.00 23.55 ? 110 ASP A C   1 
ATOM   995  O  O   . ASP A 1 111 ? -6.978  16.049  2.096   1.00 23.93 ? 110 ASP A O   1 
ATOM   996  C  CB  . ASP A 1 111 ? -8.135  18.225  0.712   1.00 28.96 ? 110 ASP A CB  1 
ATOM   997  C  CG  . ASP A 1 111 ? -7.557  19.597  0.641   1.00 40.51 ? 110 ASP A CG  1 
ATOM   998  O  OD1 . ASP A 1 111 ? -6.366  19.769  1.018   1.00 51.26 ? 110 ASP A OD1 1 
ATOM   999  O  OD2 . ASP A 1 111 ? -8.290  20.506  0.195   1.00 62.45 ? 110 ASP A OD2 1 
ATOM   1000 N  N   . ARG A 1 112 ? -6.711  14.793  0.267   1.00 20.57 ? 111 ARG A N   1 
ATOM   1001 C  CA  . ARG A 1 112 ? -6.201  13.676  1.015   1.00 20.77 ? 111 ARG A CA  1 
ATOM   1002 C  C   . ARG A 1 112 ? -5.024  13.063  0.245   1.00 15.97 ? 111 ARG A C   1 
ATOM   1003 O  O   . ARG A 1 112 ? -5.062  12.989  -0.983  1.00 17.97 ? 111 ARG A O   1 
ATOM   1004 C  CB  . ARG A 1 112 ? -7.294  12.631  1.171   1.00 21.09 ? 111 ARG A CB  1 
ATOM   1005 C  CG  . ARG A 1 112 ? -7.055  11.711  2.347   1.00 32.97 ? 111 ARG A CG  1 
ATOM   1006 C  CD  . ARG A 1 112 ? -8.314  11.003  2.810   1.00 29.52 ? 111 ARG A CD  1 
ATOM   1007 N  NE  . ARG A 1 112 ? -8.910  10.173  1.745   1.00 29.69 ? 111 ARG A NE  1 
ATOM   1008 C  CZ  . ARG A 1 112 ? -8.640  8.885   1.516   1.00 29.43 ? 111 ARG A CZ  1 
ATOM   1009 N  NH1 . ARG A 1 112 ? -7.770  8.205   2.245   1.00 30.12 ? 111 ARG A NH1 1 
ATOM   1010 N  NH2 . ARG A 1 112 ? -9.254  8.261   0.545   1.00 33.23 ? 111 ARG A NH2 1 
ATOM   1011 N  N   . TRP A 1 113 ? -4.004  12.600  0.964   1.00 15.66 ? 112 TRP A N   1 
ATOM   1012 C  CA  . TRP A 1 113 ? -2.912  11.861  0.348   1.00 15.34 ? 112 TRP A CA  1 
ATOM   1013 C  C   . TRP A 1 113 ? -3.378  10.401  0.132   1.00 16.71 ? 112 TRP A C   1 
ATOM   1014 O  O   . TRP A 1 113 ? -3.781  9.723   1.088   1.00 16.82 ? 112 TRP A O   1 
ATOM   1015 C  CB  . TRP A 1 113 ? -1.614  11.908  1.198   1.00 15.12 ? 112 TRP A CB  1 
ATOM   1016 C  CG  . TRP A 1 113 ? -1.012  13.257  1.177   1.00 16.51 ? 112 TRP A CG  1 
ATOM   1017 C  CD1 . TRP A 1 113 ? -1.200  14.231  2.094   1.00 17.93 ? 112 TRP A CD1 1 
ATOM   1018 C  CD2 . TRP A 1 113 ? -0.195  13.829  0.144   1.00 14.42 ? 112 TRP A CD2 1 
ATOM   1019 N  NE1 . TRP A 1 113 ? -0.548  15.371  1.722   1.00 21.34 ? 112 TRP A NE1 1 
ATOM   1020 C  CE2 . TRP A 1 113 ? 0.095   15.154  0.537   1.00 16.78 ? 112 TRP A CE2 1 
ATOM   1021 C  CE3 . TRP A 1 113 ? 0.358   13.340  -1.054  1.00 16.15 ? 112 TRP A CE3 1 
ATOM   1022 C  CZ2 . TRP A 1 113 ? 0.870   16.024  -0.244  1.00 13.56 ? 112 TRP A CZ2 1 
ATOM   1023 C  CZ3 . TRP A 1 113 ? 1.150   14.191  -1.832  1.00 15.90 ? 112 TRP A CZ3 1 
ATOM   1024 C  CH2 . TRP A 1 113 ? 1.423   15.513  -1.408  1.00 14.84 ? 112 TRP A CH2 1 
ATOM   1025 N  N   . VAL A 1 114 ? -3.272  9.934   -1.119  1.00 15.26 ? 113 VAL A N   1 
ATOM   1026 C  CA  . VAL A 1 114 ? -3.591  8.565   -1.497  1.00 15.73 ? 113 VAL A CA  1 
ATOM   1027 C  C   . VAL A 1 114 ? -2.483  7.974   -2.394  1.00 13.80 ? 113 VAL A C   1 
ATOM   1028 O  O   . VAL A 1 114 ? -1.884  8.685   -3.210  1.00 13.85 ? 113 VAL A O   1 
ATOM   1029 C  CB  . VAL A 1 114 ? -4.994  8.467   -2.219  1.00 14.09 ? 113 VAL A CB  1 
ATOM   1030 C  CG1 . VAL A 1 114 ? -6.142  8.835   -1.215  1.00 21.80 ? 113 VAL A CG1 1 
ATOM   1031 C  CG2 . VAL A 1 114 ? -5.128  9.370   -3.489  1.00 16.34 ? 113 VAL A CG2 1 
ATOM   1032 N  N   . ILE A 1 115 ? -2.289  6.681   -2.255  1.00 13.09 ? 114 ILE A N   1 
ATOM   1033 C  CA  . ILE A 1 115 ? -1.401  5.916   -3.141  1.00 10.69 ? 114 ILE A CA  1 
ATOM   1034 C  C   . ILE A 1 115 ? -2.034  5.748   -4.499  1.00 11.48 ? 114 ILE A C   1 
ATOM   1035 O  O   . ILE A 1 115 ? -3.096  5.121   -4.596  1.00 12.27 ? 114 ILE A O   1 
ATOM   1036 C  CB  . ILE A 1 115 ? -1.068  4.531   -2.554  1.00 12.26 ? 114 ILE A CB  1 
ATOM   1037 C  CG1 . ILE A 1 115 ? -0.380  4.685   -1.188  1.00 17.03 ? 114 ILE A CG1 1 
ATOM   1038 C  CG2 . ILE A 1 115 ? -0.164  3.736   -3.517  1.00 11.36 ? 114 ILE A CG2 1 
ATOM   1039 C  CD1 . ILE A 1 115 ? -0.454  3.410   -0.353  1.00 15.33 ? 114 ILE A CD1 1 
ATOM   1040 N  N   . THR A 1 116 ? -1.381  6.273   -5.535  1.00 10.80 ? 115 THR A N   1 
ATOM   1041 C  CA  . THR A 1 116 ? -1.905  6.130   -6.887  1.00 12.12 ? 115 THR A CA  1 
ATOM   1042 C  C   . THR A 1 116 ? -1.117  5.089   -7.714  1.00 13.84 ? 115 THR A C   1 
ATOM   1043 O  O   . THR A 1 116 ? -1.616  4.586   -8.720  1.00 12.19 ? 115 THR A O   1 
ATOM   1044 C  CB  . THR A 1 116 ? -1.876  7.453   -7.622  1.00 12.59 ? 115 THR A CB  1 
ATOM   1045 O  OG1 . THR A 1 116 ? -0.507  7.874   -7.743  1.00 14.31 ? 115 THR A OG1 1 
ATOM   1046 C  CG2 . THR A 1 116 ? -2.762  8.502   -6.909  1.00 12.41 ? 115 THR A CG2 1 
HETATM 1047 N  N   . MSE A 1 117 ? 0.109   4.787   -7.314  1.00 13.29 ? 116 MSE A N   1 
HETATM 1048 C  CA  . MSE A 1 117 ? 0.906   3.734   -7.965  1.00 13.08 ? 116 MSE A CA  1 
HETATM 1049 C  C   . MSE A 1 117 ? 1.758   3.053   -6.899  1.00 14.06 ? 116 MSE A C   1 
HETATM 1050 O  O   . MSE A 1 117 ? 2.305   3.695   -6.012  1.00 14.00 ? 116 MSE A O   1 
HETATM 1051 C  CB  . MSE A 1 117 ? 1.824   4.370   -9.038  1.00 12.76 ? 116 MSE A CB  1 
HETATM 1052 C  CG  . MSE A 1 117 ? 2.431   3.393   -9.941  1.00 14.20 ? 116 MSE A CG  1 
HETATM 1053 SE SE  . MSE A 1 117 ? 4.352   3.911   -10.260 0.75 37.87 ? 116 MSE A SE  1 
HETATM 1054 C  CE  . MSE A 1 117 ? 4.746   2.979   -8.618  1.00 17.10 ? 116 MSE A CE  1 
ATOM   1055 N  N   . ASP A 1 118 ? 1.788   1.723   -6.931  1.00 14.06 ? 117 ASP A N   1 
ATOM   1056 C  CA  . ASP A 1 118 ? 2.460   0.949   -5.891  1.00 12.53 ? 117 ASP A CA  1 
ATOM   1057 C  C   . ASP A 1 118 ? 3.188   -0.193  -6.590  1.00 10.59 ? 117 ASP A C   1 
ATOM   1058 O  O   . ASP A 1 118 ? 2.545   -1.108  -7.143  1.00 12.27 ? 117 ASP A O   1 
ATOM   1059 C  CB  . ASP A 1 118 ? 1.437   0.414   -4.864  1.00 13.82 ? 117 ASP A CB  1 
ATOM   1060 C  CG  . ASP A 1 118 ? 2.069   -0.361  -3.740  1.00 22.56 ? 117 ASP A CG  1 
ATOM   1061 O  OD1 . ASP A 1 118 ? 3.135   -0.990  -3.902  1.00 19.91 ? 117 ASP A OD1 1 
ATOM   1062 O  OD2 . ASP A 1 118 ? 1.424   -0.409  -2.680  1.00 21.36 ? 117 ASP A OD2 1 
ATOM   1063 N  N   . HIS A 1 119 ? 4.504   -0.109  -6.599  1.00 12.27 ? 118 HIS A N   1 
ATOM   1064 C  CA  . HIS A 1 119 ? 5.351   -1.208  -7.125  1.00 10.47 ? 118 HIS A CA  1 
ATOM   1065 C  C   . HIS A 1 119 ? 5.980   -1.951  -5.931  1.00 11.52 ? 118 HIS A C   1 
ATOM   1066 O  O   . HIS A 1 119 ? 6.878   -1.442  -5.261  1.00 10.34 ? 118 HIS A O   1 
ATOM   1067 C  CB  . HIS A 1 119 ? 6.413   -0.620  -8.102  1.00 10.16 ? 118 HIS A CB  1 
ATOM   1068 C  CG  . HIS A 1 119 ? 7.240   -1.640  -8.821  1.00 11.46 ? 118 HIS A CG  1 
ATOM   1069 N  ND1 . HIS A 1 119 ? 8.160   -1.282  -9.796  1.00 10.85 ? 118 HIS A ND1 1 
ATOM   1070 C  CD2 . HIS A 1 119 ? 7.264   -2.992  -8.751  1.00 11.74 ? 118 HIS A CD2 1 
ATOM   1071 C  CE1 . HIS A 1 119 ? 8.808   -2.371  -10.200 1.00 9.56  ? 118 HIS A CE1 1 
ATOM   1072 N  NE2 . HIS A 1 119 ? 8.246   -3.421  -9.624  1.00 9.55  ? 118 HIS A NE2 1 
ATOM   1073 N  N   . SER A 1 120 ? 5.515   -3.158  -5.682  1.00 13.55 ? 119 SER A N   1 
ATOM   1074 C  CA  . SER A 1 120 ? 5.985   -3.966  -4.573  1.00 13.33 ? 119 SER A CA  1 
ATOM   1075 C  C   . SER A 1 120 ? 6.610   -5.207  -5.159  1.00 15.06 ? 119 SER A C   1 
ATOM   1076 O  O   . SER A 1 120 ? 6.013   -5.849  -6.041  1.00 19.87 ? 119 SER A O   1 
ATOM   1077 C  CB  . SER A 1 120 ? 4.816   -4.339  -3.636  1.00 15.01 ? 119 SER A CB  1 
ATOM   1078 O  OG  . SER A 1 120 ? 4.593   -3.228  -2.762  1.00 25.90 ? 119 SER A OG  1 
ATOM   1079 N  N   . SER A 1 121 ? 7.786   -5.563  -4.649  1.00 13.79 ? 120 SER A N   1 
ATOM   1080 C  CA  . SER A 1 121 ? 8.437   -6.759  -5.092  1.00 14.85 ? 120 SER A CA  1 
ATOM   1081 C  C   . SER A 1 121 ? 9.195   -7.463  -3.971  1.00 13.44 ? 120 SER A C   1 
ATOM   1082 O  O   . SER A 1 121 ? 9.425   -6.917  -2.906  1.00 14.15 ? 120 SER A O   1 
ATOM   1083 C  CB  . SER A 1 121 ? 9.407   -6.453  -6.242  1.00 17.02 ? 120 SER A CB  1 
ATOM   1084 O  OG  . SER A 1 121 ? 10.390  -5.518  -5.845  1.00 12.57 ? 120 SER A OG  1 
ATOM   1085 N  N   . ASP A 1 122 ? 9.560   -8.707  -4.232  1.00 13.44 ? 121 ASP A N   1 
ATOM   1086 C  CA  . ASP A 1 122 ? 10.376  -9.466  -3.316  1.00 14.71 ? 121 ASP A CA  1 
ATOM   1087 C  C   . ASP A 1 122 ? 11.408  -10.309 -4.040  1.00 16.79 ? 121 ASP A C   1 
ATOM   1088 O  O   . ASP A 1 122 ? 11.269  -10.487 -5.262  1.00 14.01 ? 121 ASP A O   1 
ATOM   1089 C  CB  . ASP A 1 122 ? 9.535   -10.334 -2.378  1.00 17.34 ? 121 ASP A CB  1 
ATOM   1090 C  CG  . ASP A 1 122 ? 8.500   -11.148 -3.095  1.00 19.19 ? 121 ASP A CG  1 
ATOM   1091 O  OD1 . ASP A 1 122 ? 8.859   -11.940 -3.933  1.00 22.74 ? 121 ASP A OD1 1 
ATOM   1092 O  OD2 . ASP A 1 122 ? 7.311   -10.993 -2.797  1.00 35.92 ? 121 ASP A OD2 1 
ATOM   1093 O  OXT . ASP A 1 122 ? 12.375  -10.812 -3.417  1.00 17.47 ? 121 ASP A OXT 1 
HETATM 1094 CL CL  . CL  B 2 .   ? 3.930   22.559  -6.429  1.00 18.10 ? 122 CL  A CL  1 
HETATM 1095 C  C1  . EDO C 3 .   ? 4.801   3.153   8.613   1.00 29.82 ? 123 EDO A C1  1 
HETATM 1096 O  O1  . EDO C 3 .   ? 6.097   2.625   8.885   1.00 35.62 ? 123 EDO A O1  1 
HETATM 1097 C  C2  . EDO C 3 .   ? 4.790   4.566   9.137   1.00 31.21 ? 123 EDO A C2  1 
HETATM 1098 O  O2  . EDO C 3 .   ? 4.461   4.489   10.528  1.00 43.45 ? 123 EDO A O2  1 
HETATM 1099 C  C1  . EDO D 3 .   ? -10.276 -11.081 5.391   1.00 43.60 ? 124 EDO A C1  1 
HETATM 1100 O  O1  . EDO D 3 .   ? -11.171 -11.446 4.315   1.00 51.79 ? 124 EDO A O1  1 
HETATM 1101 C  C2  . EDO D 3 .   ? -11.001 -10.144 6.360   1.00 54.24 ? 124 EDO A C2  1 
HETATM 1102 O  O2  . EDO D 3 .   ? -10.443 -8.826  6.270   1.00 57.32 ? 124 EDO A O2  1 
HETATM 1103 C  C1  . EDO E 3 .   ? 9.784   20.975  -3.810  1.00 39.38 ? 125 EDO A C1  1 
HETATM 1104 O  O1  . EDO E 3 .   ? 9.762   21.849  -2.656  1.00 33.94 ? 125 EDO A O1  1 
HETATM 1105 C  C2  . EDO E 3 .   ? 8.790   19.879  -3.515  1.00 30.85 ? 125 EDO A C2  1 
HETATM 1106 O  O2  . EDO E 3 .   ? 7.464   20.411  -3.448  1.00 27.26 ? 125 EDO A O2  1 
HETATM 1107 C  C1  . EDO F 3 .   ? 5.454   -7.340  11.223  1.00 30.09 ? 126 EDO A C1  1 
HETATM 1108 O  O1  . EDO F 3 .   ? 5.904   -7.279  12.599  1.00 47.87 ? 126 EDO A O1  1 
HETATM 1109 C  C2  . EDO F 3 .   ? 6.544   -7.907  10.334  1.00 28.50 ? 126 EDO A C2  1 
HETATM 1110 O  O2  . EDO F 3 .   ? 7.831   -8.032  11.008  1.00 36.96 ? 126 EDO A O2  1 
HETATM 1111 C  C1  . EDO G 3 .   ? 9.992   -13.012 -0.155  1.00 41.46 ? 127 EDO A C1  1 
HETATM 1112 O  O1  . EDO G 3 .   ? 8.715   -12.446 0.143   1.00 35.80 ? 127 EDO A O1  1 
HETATM 1113 C  C2  . EDO G 3 .   ? 10.416  -13.901 0.981   1.00 34.18 ? 127 EDO A C2  1 
HETATM 1114 O  O2  . EDO G 3 .   ? 10.939  -13.109 2.036   1.00 25.44 ? 127 EDO A O2  1 
HETATM 1115 C  C1  . EDO H 3 .   ? 1.390   0.488   0.685   1.00 39.62 ? 128 EDO A C1  1 
HETATM 1116 O  O1  . EDO H 3 .   ? 0.395   -0.438  1.129   1.00 33.58 ? 128 EDO A O1  1 
HETATM 1117 C  C2  . EDO H 3 .   ? 2.789   -0.106  0.755   1.00 33.26 ? 128 EDO A C2  1 
HETATM 1118 O  O2  . EDO H 3 .   ? 2.848   -1.230  -0.136  1.00 35.51 ? 128 EDO A O2  1 
HETATM 1119 O  O   . HOH I 4 .   ? 2.419   25.003  -5.241  1.00 14.09 ? 129 HOH A O   1 
HETATM 1120 O  O   . HOH I 4 .   ? 12.187  -14.039 6.377   1.00 16.99 ? 130 HOH A O   1 
HETATM 1121 O  O   . HOH I 4 .   ? 17.426  -3.042  1.358   1.00 18.35 ? 131 HOH A O   1 
HETATM 1122 O  O   . HOH I 4 .   ? -0.529  14.986  -8.044  1.00 18.55 ? 132 HOH A O   1 
HETATM 1123 O  O   . HOH I 4 .   ? 7.018   -10.649 -16.401 1.00 18.94 ? 133 HOH A O   1 
HETATM 1124 O  O   . HOH I 4 .   ? -12.682 4.970   -11.762 1.00 19.20 ? 134 HOH A O   1 
HETATM 1125 O  O   . HOH I 4 .   ? 7.558   19.897  -8.999  1.00 19.71 ? 135 HOH A O   1 
HETATM 1126 O  O   . HOH I 4 .   ? -3.393  -9.092  10.288  1.00 20.08 ? 136 HOH A O   1 
HETATM 1127 O  O   . HOH I 4 .   ? -11.862 0.608   -9.140  1.00 20.10 ? 137 HOH A O   1 
HETATM 1128 O  O   . HOH I 4 .   ? 10.542  -16.180 5.810   1.00 20.20 ? 138 HOH A O   1 
HETATM 1129 O  O   . HOH I 4 .   ? 12.693  -10.303 -0.842  1.00 20.31 ? 139 HOH A O   1 
HETATM 1130 O  O   . HOH I 4 .   ? -0.944  -15.320 9.598   1.00 20.47 ? 140 HOH A O   1 
HETATM 1131 O  O   . HOH I 4 .   ? -9.383  6.118   -1.252  1.00 20.58 ? 141 HOH A O   1 
HETATM 1132 O  O   . HOH I 4 .   ? 9.296   -3.389  7.497   1.00 21.15 ? 142 HOH A O   1 
HETATM 1133 O  O   . HOH I 4 .   ? -9.493  8.093   -3.443  1.00 21.17 ? 143 HOH A O   1 
HETATM 1134 O  O   . HOH I 4 .   ? -14.224 -4.926  -5.043  1.00 21.58 ? 144 HOH A O   1 
HETATM 1135 O  O   . HOH I 4 .   ? -3.832  12.985  4.116   1.00 21.66 ? 145 HOH A O   1 
HETATM 1136 O  O   . HOH I 4 .   ? 1.935   -3.714  -5.595  1.00 21.67 ? 146 HOH A O   1 
HETATM 1137 O  O   . HOH I 4 .   ? -5.855  2.617   6.096   1.00 22.25 ? 147 HOH A O   1 
HETATM 1138 O  O   . HOH I 4 .   ? -9.371  -18.463 -1.949  1.00 22.64 ? 148 HOH A O   1 
HETATM 1139 O  O   . HOH I 4 .   ? 10.468  18.676  -7.672  1.00 22.65 ? 149 HOH A O   1 
HETATM 1140 O  O   . HOH I 4 .   ? 8.500   3.199   -8.630  0.50 22.79 ? 150 HOH A O   1 
HETATM 1141 O  O   . HOH I 4 .   ? 9.819   -10.168 7.374   1.00 23.01 ? 151 HOH A O   1 
HETATM 1142 O  O   . HOH I 4 .   ? -12.743 0.975   1.854   1.00 23.34 ? 152 HOH A O   1 
HETATM 1143 O  O   . HOH I 4 .   ? 4.475   -11.087 -10.654 1.00 23.62 ? 153 HOH A O   1 
HETATM 1144 O  O   . HOH I 4 .   ? -4.171  -11.667 10.576  1.00 23.66 ? 154 HOH A O   1 
HETATM 1145 O  O   . HOH I 4 .   ? -14.651 -6.915  -3.050  1.00 24.40 ? 155 HOH A O   1 
HETATM 1146 O  O   . HOH I 4 .   ? 6.192   22.169  -8.888  1.00 24.64 ? 156 HOH A O   1 
HETATM 1147 O  O   . HOH I 4 .   ? 6.548   20.732  -1.115  1.00 24.92 ? 157 HOH A O   1 
HETATM 1148 O  O   . HOH I 4 .   ? -9.663  -8.821  -8.865  1.00 25.53 ? 158 HOH A O   1 
HETATM 1149 O  O   . HOH I 4 .   ? -3.138  15.829  -7.497  1.00 26.10 ? 159 HOH A O   1 
HETATM 1150 O  O   . HOH I 4 .   ? -3.945  -2.887  14.516  1.00 26.52 ? 160 HOH A O   1 
HETATM 1151 O  O   . HOH I 4 .   ? -6.166  2.195   10.371  1.00 26.95 ? 161 HOH A O   1 
HETATM 1152 O  O   . HOH I 4 .   ? 5.368   -10.177 -6.848  1.00 27.08 ? 162 HOH A O   1 
HETATM 1153 O  O   . HOH I 4 .   ? 1.459   -13.058 12.719  1.00 27.48 ? 163 HOH A O   1 
HETATM 1154 O  O   . HOH I 4 .   ? -13.111 -11.334 -4.305  1.00 27.55 ? 164 HOH A O   1 
HETATM 1155 O  O   . HOH I 4 .   ? 8.607   3.558   8.835   1.00 27.55 ? 165 HOH A O   1 
HETATM 1156 O  O   . HOH I 4 .   ? -13.343 -6.003  -9.295  1.00 27.79 ? 166 HOH A O   1 
HETATM 1157 O  O   . HOH I 4 .   ? -4.413  4.687   5.536   1.00 27.84 ? 167 HOH A O   1 
HETATM 1158 O  O   . HOH I 4 .   ? -12.123 -20.251 6.874   1.00 27.94 ? 168 HOH A O   1 
HETATM 1159 O  O   . HOH I 4 .   ? 2.917   20.979  0.957   1.00 27.98 ? 169 HOH A O   1 
HETATM 1160 O  O   . HOH I 4 .   ? -2.832  10.824  6.236   1.00 28.19 ? 170 HOH A O   1 
HETATM 1161 O  O   . HOH I 4 .   ? -15.479 -2.615  -4.495  1.00 28.22 ? 171 HOH A O   1 
HETATM 1162 O  O   . HOH I 4 .   ? -12.152 -13.883 8.989   1.00 28.36 ? 172 HOH A O   1 
HETATM 1163 O  O   . HOH I 4 .   ? 13.033  -5.440  6.551   1.00 28.40 ? 173 HOH A O   1 
HETATM 1164 O  O   . HOH I 4 .   ? -16.312 1.139   -5.425  1.00 28.61 ? 174 HOH A O   1 
HETATM 1165 O  O   . HOH I 4 .   ? 4.151   -3.031  -0.213  1.00 28.70 ? 175 HOH A O   1 
HETATM 1166 O  O   . HOH I 4 .   ? 4.434   -19.087 14.235  1.00 28.92 ? 176 HOH A O   1 
HETATM 1167 O  O   . HOH I 4 .   ? -5.603  -5.527  -14.142 1.00 29.03 ? 177 HOH A O   1 
HETATM 1168 O  O   . HOH I 4 .   ? -1.722  -9.168  12.898  1.00 29.59 ? 178 HOH A O   1 
HETATM 1169 O  O   . HOH I 4 .   ? -0.421  -2.051  13.580  1.00 30.18 ? 179 HOH A O   1 
HETATM 1170 O  O   . HOH I 4 .   ? -15.043 -9.389  -4.203  1.00 30.19 ? 180 HOH A O   1 
HETATM 1171 O  O   . HOH I 4 .   ? -15.337 -6.126  -7.487  1.00 30.20 ? 181 HOH A O   1 
HETATM 1172 O  O   . HOH I 4 .   ? 4.815   -8.291  -5.774  1.00 30.22 ? 182 HOH A O   1 
HETATM 1173 O  O   . HOH I 4 .   ? -11.918 5.332   -0.918  1.00 30.32 ? 183 HOH A O   1 
HETATM 1174 O  O   . HOH I 4 .   ? -6.473  17.863  -3.260  1.00 30.82 ? 184 HOH A O   1 
HETATM 1175 O  O   . HOH I 4 .   ? -14.671 -1.108  0.924   1.00 30.96 ? 185 HOH A O   1 
HETATM 1176 O  O   . HOH I 4 .   ? -11.453 8.998   -8.166  1.00 31.43 ? 186 HOH A O   1 
HETATM 1177 O  O   . HOH I 4 .   ? -3.033  -14.087 12.679  1.00 31.90 ? 187 HOH A O   1 
HETATM 1178 O  O   . HOH I 4 .   ? -15.881 -1.403  -1.312  1.00 31.90 ? 188 HOH A O   1 
HETATM 1179 O  O   . HOH I 4 .   ? 2.957   10.984  11.193  1.00 32.15 ? 189 HOH A O   1 
HETATM 1180 O  O   . HOH I 4 .   ? -16.058 -8.765  -6.746  1.00 32.21 ? 190 HOH A O   1 
HETATM 1181 O  O   . HOH I 4 .   ? 9.573   -0.286  10.892  1.00 32.36 ? 191 HOH A O   1 
HETATM 1182 O  O   . HOH I 4 .   ? -12.918 -4.922  5.877   1.00 32.60 ? 192 HOH A O   1 
HETATM 1183 O  O   . HOH I 4 .   ? -14.652 -1.668  -11.154 1.00 32.62 ? 193 HOH A O   1 
HETATM 1184 O  O   . HOH I 4 .   ? 13.346  -12.601 0.255   1.00 32.84 ? 194 HOH A O   1 
HETATM 1185 O  O   . HOH I 4 .   ? 12.946  10.768  3.970   1.00 32.99 ? 195 HOH A O   1 
HETATM 1186 O  O   . HOH I 4 .   ? -0.469  -10.485 -0.620  1.00 33.24 ? 196 HOH A O   1 
HETATM 1187 O  O   . HOH I 4 .   ? 1.840   -17.195 0.900   1.00 33.27 ? 197 HOH A O   1 
HETATM 1188 O  O   . HOH I 4 .   ? 1.540   -0.300  13.037  1.00 33.50 ? 198 HOH A O   1 
HETATM 1189 O  O   . HOH I 4 .   ? -2.420  13.072  -10.861 1.00 34.34 ? 199 HOH A O   1 
HETATM 1190 O  O   . HOH I 4 .   ? -10.191 11.291  -8.359  1.00 34.37 ? 200 HOH A O   1 
HETATM 1191 O  O   . HOH I 4 .   ? -7.256  22.855  -0.439  1.00 34.72 ? 201 HOH A O   1 
HETATM 1192 O  O   . HOH I 4 .   ? 16.360  6.185   5.635   1.00 35.13 ? 202 HOH A O   1 
HETATM 1193 O  O   . HOH I 4 .   ? 0.191   -15.386 12.385  1.00 35.30 ? 203 HOH A O   1 
HETATM 1194 O  O   . HOH I 4 .   ? -3.009  5.619   13.623  1.00 35.46 ? 204 HOH A O   1 
HETATM 1195 O  O   . HOH I 4 .   ? -8.012  17.118  -6.137  1.00 35.49 ? 205 HOH A O   1 
HETATM 1196 O  O   . HOH I 4 .   ? -11.718 9.048   -5.281  1.00 35.54 ? 206 HOH A O   1 
HETATM 1197 O  O   . HOH I 4 .   ? 6.977   -16.832 11.616  1.00 35.76 ? 207 HOH A O   1 
HETATM 1198 O  O   . HOH I 4 .   ? 1.247   -5.784  -6.755  1.00 35.80 ? 208 HOH A O   1 
HETATM 1199 O  O   . HOH I 4 .   ? -12.133 -8.250  -9.954  1.00 35.81 ? 209 HOH A O   1 
HETATM 1200 O  O   . HOH I 4 .   ? -3.362  3.270   -14.784 1.00 36.10 ? 210 HOH A O   1 
HETATM 1201 O  O   . HOH I 4 .   ? 9.620   -11.255 11.815  1.00 36.39 ? 211 HOH A O   1 
HETATM 1202 O  O   . HOH I 4 .   ? 6.880   22.231  -5.663  1.00 36.40 ? 212 HOH A O   1 
HETATM 1203 O  O   . HOH I 4 .   ? 5.188   -24.799 5.521   1.00 36.42 ? 213 HOH A O   1 
HETATM 1204 O  O   . HOH I 4 .   ? 7.705   13.555  8.464   1.00 36.66 ? 214 HOH A O   1 
HETATM 1205 O  O   . HOH I 4 .   ? -4.738  9.486   3.420   1.00 36.67 ? 215 HOH A O   1 
HETATM 1206 O  O   . HOH I 4 .   ? -13.791 2.861   -8.624  1.00 36.78 ? 216 HOH A O   1 
HETATM 1207 O  O   . HOH I 4 .   ? 5.867   -12.270 -18.049 1.00 37.21 ? 217 HOH A O   1 
HETATM 1208 O  O   . HOH I 4 .   ? 2.125   17.633  10.408  1.00 37.21 ? 218 HOH A O   1 
HETATM 1209 O  O   . HOH I 4 .   ? 8.683   -10.166 9.725   1.00 37.27 ? 219 HOH A O   1 
HETATM 1210 O  O   . HOH I 4 .   ? -13.591 -22.056 6.628   1.00 37.32 ? 220 HOH A O   1 
HETATM 1211 O  O   . HOH I 4 .   ? -13.780 -0.479  8.048   1.00 37.38 ? 221 HOH A O   1 
HETATM 1212 O  O   . HOH I 4 .   ? -6.161  -0.678  14.923  1.00 38.16 ? 222 HOH A O   1 
HETATM 1213 O  O   . HOH I 4 .   ? 12.211  -14.031 4.167   1.00 38.46 ? 223 HOH A O   1 
HETATM 1214 O  O   . HOH I 4 .   ? 0.209   -6.780  0.707   1.00 38.49 ? 224 HOH A O   1 
HETATM 1215 O  O   . HOH I 4 .   ? -4.438  -5.128  16.072  1.00 38.51 ? 225 HOH A O   1 
HETATM 1216 O  O   . HOH I 4 .   ? -3.371  -2.697  -16.191 1.00 38.82 ? 226 HOH A O   1 
HETATM 1217 O  O   . HOH I 4 .   ? 1.964   8.646   12.080  1.00 38.93 ? 227 HOH A O   1 
HETATM 1218 O  O   . HOH I 4 .   ? 13.003  -2.890  9.698   1.00 38.96 ? 228 HOH A O   1 
HETATM 1219 O  O   . HOH I 4 .   ? -6.385  -9.790  13.100  1.00 38.97 ? 229 HOH A O   1 
HETATM 1220 O  O   . HOH I 4 .   ? -13.484 -13.894 -3.052  1.00 39.00 ? 230 HOH A O   1 
HETATM 1221 O  O   . HOH I 4 .   ? 10.419  -16.878 9.813   1.00 39.02 ? 231 HOH A O   1 
HETATM 1222 O  O   . HOH I 4 .   ? 5.499   11.656  11.144  1.00 39.41 ? 232 HOH A O   1 
HETATM 1223 O  O   . HOH I 4 .   ? -17.625 -0.186  -8.446  1.00 39.67 ? 233 HOH A O   1 
HETATM 1224 O  O   . HOH I 4 .   ? -12.061 -7.101  5.781   1.00 39.71 ? 234 HOH A O   1 
HETATM 1225 O  O   . HOH I 4 .   ? 12.200  -11.792 7.243   1.00 39.90 ? 235 HOH A O   1 
HETATM 1226 O  O   . HOH I 4 .   ? 16.475  16.097  -7.012  1.00 39.95 ? 236 HOH A O   1 
HETATM 1227 O  O   . HOH I 4 .   ? 8.687   6.472   9.318   1.00 39.96 ? 237 HOH A O   1 
HETATM 1228 O  O   . HOH I 4 .   ? -10.591 6.294   -14.139 1.00 40.13 ? 238 HOH A O   1 
HETATM 1229 O  O   . HOH I 4 .   ? 3.918   6.453   12.623  1.00 41.12 ? 239 HOH A O   1 
HETATM 1230 O  O   . HOH I 4 .   ? 3.202   -3.569  12.500  1.00 41.13 ? 240 HOH A O   1 
HETATM 1231 O  O   . HOH I 4 .   ? -5.452  6.783   4.739   1.00 41.23 ? 241 HOH A O   1 
HETATM 1232 O  O   . HOH I 4 .   ? 0.770   -8.031  -16.101 1.00 41.37 ? 242 HOH A O   1 
HETATM 1233 O  O   . HOH I 4 .   ? -12.163 -12.023 -6.868  1.00 41.62 ? 243 HOH A O   1 
HETATM 1234 O  O   . HOH I 4 .   ? -4.226  8.614   7.228   1.00 41.62 ? 244 HOH A O   1 
HETATM 1235 O  O   . HOH I 4 .   ? 9.629   -4.735  10.634  1.00 41.65 ? 245 HOH A O   1 
HETATM 1236 O  O   . HOH I 4 .   ? -4.726  6.753   9.114   1.00 41.66 ? 246 HOH A O   1 
HETATM 1237 O  O   . HOH I 4 .   ? -7.593  -7.626  -11.554 1.00 41.94 ? 247 HOH A O   1 
HETATM 1238 O  O   . HOH I 4 .   ? 9.868   2.484   10.942  1.00 42.15 ? 248 HOH A O   1 
HETATM 1239 O  O   . HOH I 4 .   ? -8.500  8.052   -14.021 1.00 42.19 ? 249 HOH A O   1 
HETATM 1240 O  O   . HOH I 4 .   ? -14.142 -4.311  -11.028 1.00 42.30 ? 250 HOH A O   1 
HETATM 1241 O  O   . HOH I 4 .   ? -11.212 -17.449 10.461  1.00 42.35 ? 251 HOH A O   1 
HETATM 1242 O  O   . HOH I 4 .   ? -11.326 9.451   -13.041 1.00 42.37 ? 252 HOH A O   1 
HETATM 1243 O  O   . HOH I 4 .   ? 10.889  -13.095 -9.247  1.00 42.57 ? 253 HOH A O   1 
HETATM 1244 O  O   . HOH I 4 .   ? 0.089   16.781  9.461   1.00 42.83 ? 254 HOH A O   1 
HETATM 1245 O  O   . HOH I 4 .   ? 4.539   2.379   11.759  1.00 43.07 ? 255 HOH A O   1 
HETATM 1246 O  O   . HOH I 4 .   ? -12.439 -15.320 -0.886  1.00 43.14 ? 256 HOH A O   1 
HETATM 1247 O  O   . HOH I 4 .   ? 14.585  -10.474 6.954   1.00 43.22 ? 257 HOH A O   1 
HETATM 1248 O  O   . HOH I 4 .   ? -9.331  2.831   9.765   1.00 43.42 ? 258 HOH A O   1 
HETATM 1249 O  O   . HOH I 4 .   ? -7.893  -5.073  -13.450 1.00 43.76 ? 259 HOH A O   1 
HETATM 1250 O  O   . HOH I 4 .   ? -8.837  11.231  -2.391  1.00 43.85 ? 260 HOH A O   1 
HETATM 1251 O  O   . HOH I 4 .   ? -11.377 13.355  0.759   1.00 44.04 ? 261 HOH A O   1 
HETATM 1252 O  O   . HOH I 4 .   ? -3.748  5.115   -16.194 1.00 44.09 ? 262 HOH A O   1 
HETATM 1253 O  O   . HOH I 4 .   ? -13.477 -12.727 1.200   1.00 44.18 ? 263 HOH A O   1 
HETATM 1254 O  O   . HOH I 4 .   ? -7.578  3.616   7.940   1.00 44.26 ? 264 HOH A O   1 
HETATM 1255 O  O   . HOH I 4 .   ? 15.269  1.946   6.499   1.00 44.76 ? 265 HOH A O   1 
HETATM 1256 O  O   . HOH I 4 .   ? -10.451 4.636   -16.096 1.00 45.08 ? 266 HOH A O   1 
HETATM 1257 O  O   . HOH I 4 .   ? 5.745   -8.928  -3.645  1.00 45.28 ? 267 HOH A O   1 
HETATM 1258 O  O   . HOH I 4 .   ? -0.984  -11.951 12.791  1.00 45.42 ? 268 HOH A O   1 
HETATM 1259 O  O   . HOH I 4 .   ? 14.585  3.258   8.791   1.00 45.64 ? 269 HOH A O   1 
HETATM 1260 O  O   . HOH I 4 .   ? 1.137   1.646   14.767  1.00 45.99 ? 270 HOH A O   1 
HETATM 1261 O  O   . HOH I 4 .   ? -11.032 -21.456 5.239   1.00 46.28 ? 271 HOH A O   1 
HETATM 1262 O  O   . HOH I 4 .   ? -0.974  17.922  3.006   1.00 46.51 ? 272 HOH A O   1 
HETATM 1263 O  O   . HOH I 4 .   ? 13.888  0.758   4.626   1.00 46.52 ? 273 HOH A O   1 
HETATM 1264 O  O   . HOH I 4 .   ? 16.273  -0.436  8.631   1.00 47.02 ? 274 HOH A O   1 
HETATM 1265 O  O   . HOH I 4 .   ? 7.702   -13.582 -9.047  1.00 47.63 ? 275 HOH A O   1 
HETATM 1266 O  O   . HOH I 4 .   ? -17.217 -9.111  -0.476  1.00 47.93 ? 276 HOH A O   1 
HETATM 1267 O  O   . HOH I 4 .   ? -16.625 -4.828  0.768   1.00 48.06 ? 277 HOH A O   1 
HETATM 1268 O  O   . HOH I 4 .   ? 11.307  -14.042 -3.115  1.00 50.16 ? 278 HOH A O   1 
HETATM 1269 O  O   . HOH I 4 .   ? -9.947  11.527  -11.509 1.00 50.31 ? 279 HOH A O   1 
HETATM 1270 O  O   . HOH I 4 .   ? -14.383 -15.479 7.029   1.00 50.66 ? 280 HOH A O   1 
HETATM 1271 O  O   . HOH I 4 .   ? -4.782  18.755  -4.699  1.00 50.77 ? 281 HOH A O   1 
HETATM 1272 O  O   . HOH I 4 .   ? 13.833  -3.167  7.365   1.00 50.98 ? 282 HOH A O   1 
HETATM 1273 O  O   . HOH I 4 .   ? 14.744  12.957  -0.303  1.00 51.37 ? 283 HOH A O   1 
HETATM 1274 O  O   . HOH I 4 .   ? -9.230  0.177   -16.893 1.00 51.61 ? 284 HOH A O   1 
HETATM 1275 O  O   . HOH I 4 .   ? -9.173  -7.832  -13.226 1.00 52.35 ? 285 HOH A O   1 
HETATM 1276 O  O   . HOH I 4 .   ? -11.821 -3.616  12.271  1.00 52.48 ? 286 HOH A O   1 
HETATM 1277 O  O   . HOH I 4 .   ? 18.308  6.262   1.115   1.00 52.91 ? 287 HOH A O   1 
HETATM 1278 O  O   . HOH I 4 .   ? -0.675  6.814   14.685  1.00 53.47 ? 288 HOH A O   1 
HETATM 1279 O  O   . HOH I 4 .   ? 13.829  -15.862 6.772   1.00 55.61 ? 289 HOH A O   1 
HETATM 1280 O  O   . HOH I 4 .   ? 11.121  9.485   5.754   1.00 58.47 ? 290 HOH A O   1 
# 
